data_9DT2
# 
_entry.id   9DT2 
# 
_audit_conform.dict_name       mmcif_pdbx.dic 
_audit_conform.dict_version    5.406 
_audit_conform.dict_location   http://mmcif.pdb.org/dictionaries/ascii/mmcif_pdbx.dic 
# 
loop_
_database_2.database_id 
_database_2.database_code 
_database_2.pdbx_database_accession 
_database_2.pdbx_DOI 
PDB   9DT2         pdb_00009dt2 10.2210/pdb9dt2/pdb 
WWPDB D_1000287561 ?            ?                   
# 
_pdbx_audit_revision_history.ordinal             1 
_pdbx_audit_revision_history.data_content_type   'Structure model' 
_pdbx_audit_revision_history.major_revision      1 
_pdbx_audit_revision_history.minor_revision      0 
_pdbx_audit_revision_history.revision_date       2025-10-08 
_pdbx_audit_revision_history.part_number         ? 
# 
_pdbx_audit_revision_details.ordinal             1 
_pdbx_audit_revision_details.revision_ordinal    1 
_pdbx_audit_revision_details.data_content_type   'Structure model' 
_pdbx_audit_revision_details.provider            repository 
_pdbx_audit_revision_details.type                'Initial release' 
_pdbx_audit_revision_details.description         ? 
_pdbx_audit_revision_details.details             ? 
# 
_pdbx_database_status.status_code                     REL 
_pdbx_database_status.status_code_sf                  REL 
_pdbx_database_status.status_code_mr                  ? 
_pdbx_database_status.entry_id                        9DT2 
_pdbx_database_status.recvd_initial_deposition_date   2024-09-30 
_pdbx_database_status.SG_entry                        N 
_pdbx_database_status.deposit_site                    RCSB 
_pdbx_database_status.process_site                    RCSB 
_pdbx_database_status.status_code_cs                  ? 
_pdbx_database_status.status_code_nmr_data            ? 
_pdbx_database_status.methods_development_category    ? 
_pdbx_database_status.pdb_format_compatible           Y 
# 
_pdbx_contact_author.id                 2 
_pdbx_contact_author.email              loogerl@hhmi.org 
_pdbx_contact_author.name_first         Loren 
_pdbx_contact_author.name_last          Looger 
_pdbx_contact_author.name_mi            L 
_pdbx_contact_author.role               'principal investigator/group leader' 
_pdbx_contact_author.identifier_ORCID   0000-0002-7531-1757 
# 
loop_
_audit_author.name 
_audit_author.pdbx_ordinal 
_audit_author.identifier_ORCID 
'Schreiter, E.R.' 1 ? 
'Leija, C.'       2 ? 
'Kakani, N.K.'    3 ? 
'McBride, K.E.'   4 ? 
'Looger, L.L.'    5 ? 
# 
_citation.abstract                  ? 
_citation.abstract_id_CAS           ? 
_citation.book_id_ISBN              ? 
_citation.book_publisher            ? 
_citation.book_publisher_city       ? 
_citation.book_title                ? 
_citation.coordinate_linkage        ? 
_citation.country                   ? 
_citation.database_id_Medline       ? 
_citation.details                   ? 
_citation.id                        primary 
_citation.journal_abbrev            'To Be Published' 
_citation.journal_id_ASTM           ? 
_citation.journal_id_CSD            0353 
_citation.journal_id_ISSN           ? 
_citation.journal_full              ? 
_citation.journal_issue             ? 
_citation.journal_volume            ? 
_citation.language                  ? 
_citation.page_first                ? 
_citation.page_last                 ? 
_citation.title                     'Design and evolution of agrochemical-responsive gene switches for field crops' 
_citation.year                      ? 
_citation.database_id_CSD           ? 
_citation.pdbx_database_id_DOI      ? 
_citation.pdbx_database_id_PubMed   ? 
_citation.pdbx_database_id_patent   ? 
_citation.unpublished_flag          ? 
# 
loop_
_citation_author.citation_id 
_citation_author.name 
_citation_author.ordinal 
_citation_author.identifier_ORCID 
primary 'McBride, K.E.'   1  ?                   
primary 'Kakani, N.K.'    2  ?                   
primary 'Fang, J.'        3  ?                   
primary 'Leija, C.'       4  ?                   
primary 'Hermanson, F.'   5  ?                   
primary 'Chan, M.'        6  ?                   
primary 'Cho, H.-J.'      7  ?                   
primary 'Richey, C.'      8  ?                   
primary 'Madrigal, A.'    9  ?                   
primary 'Gordon-Kamm, B.' 10 ?                   
primary 'Lowe, K.'        11 ?                   
primary 'Lenderts, B.'    12 ?                   
primary 'Arling, M.'      13 ?                   
primary 'Anand, A.'       14 ?                   
primary 'Wang, N.'        15 ?                   
primary 'Hoerster, G.'    16 ?                   
primary 'McGonigle, B.'   17 ?                   
primary 'Liu, Q.'         18 ?                   
primary 'Falco, C.S.'     19 ?                   
primary 'Lassner, M.'     20 ?                   
primary 'Looger, L.L.'    21 ?                   
primary 'Schreiter, E.R.' 22 0000-0002-2864-7469 
primary 'Marvin, J.S.'    23 ?                   
primary 'Bozhanova, N.G.' 24 ?                   
# 
_entity.id                         1 
_entity.type                       polymer 
_entity.src_method                 man 
_entity.pdbx_description           'Sulfonylurea repressor EsR (L7-D1)' 
_entity.formula_weight             23215.625 
_entity.pdbx_number_of_molecules   1 
_entity.pdbx_ec                    ? 
_entity.pdbx_mutation              ? 
_entity.pdbx_fragment              ? 
_entity.details                    ? 
# 
_entity_name_com.entity_id   1 
_entity_name_com.name        
'TetR, TetR protein,TetR(B),Tetracycline repressor protein TetR,Tetracycline resistance operon repressor protein' 
# 
_entity_poly.entity_id                      1 
_entity_poly.type                           'polypeptide(L)' 
_entity_poly.nstd_linkage                   no 
_entity_poly.nstd_monomer                   no 
_entity_poly.pdbx_seq_one_letter_code       
;MGSRLDKSKVINSALELLNEVGIEGLTTRKLAQKLGVEQPTLYWHVKNKRALLDAMAIEMLDRHATHYCPLEGESWQDFL
RNNAKSMRCALLSHRDGAKVCLGTGFTEQQYETAENSLAFLCQQGFSLEHAMYAMQAAGIYTLGCVLLDQELQVAKEERE
TPTTDSMPPLVRQALELKDHQGAEPAFLFGLELIICGLEKQLKCESGS
;
_entity_poly.pdbx_seq_one_letter_code_can   
;MGSRLDKSKVINSALELLNEVGIEGLTTRKLAQKLGVEQPTLYWHVKNKRALLDAMAIEMLDRHATHYCPLEGESWQDFL
RNNAKSMRCALLSHRDGAKVCLGTGFTEQQYETAENSLAFLCQQGFSLEHAMYAMQAAGIYTLGCVLLDQELQVAKEERE
TPTTDSMPPLVRQALELKDHQGAEPAFLFGLELIICGLEKQLKCESGS
;
_entity_poly.pdbx_strand_id                 A 
_entity_poly.pdbx_target_identifier         ? 
# 
loop_
_entity_poly_seq.entity_id 
_entity_poly_seq.num 
_entity_poly_seq.mon_id 
_entity_poly_seq.hetero 
1 1   MET n 
1 2   GLY n 
1 3   SER n 
1 4   ARG n 
1 5   LEU n 
1 6   ASP n 
1 7   LYS n 
1 8   SER n 
1 9   LYS n 
1 10  VAL n 
1 11  ILE n 
1 12  ASN n 
1 13  SER n 
1 14  ALA n 
1 15  LEU n 
1 16  GLU n 
1 17  LEU n 
1 18  LEU n 
1 19  ASN n 
1 20  GLU n 
1 21  VAL n 
1 22  GLY n 
1 23  ILE n 
1 24  GLU n 
1 25  GLY n 
1 26  LEU n 
1 27  THR n 
1 28  THR n 
1 29  ARG n 
1 30  LYS n 
1 31  LEU n 
1 32  ALA n 
1 33  GLN n 
1 34  LYS n 
1 35  LEU n 
1 36  GLY n 
1 37  VAL n 
1 38  GLU n 
1 39  GLN n 
1 40  PRO n 
1 41  THR n 
1 42  LEU n 
1 43  TYR n 
1 44  TRP n 
1 45  HIS n 
1 46  VAL n 
1 47  LYS n 
1 48  ASN n 
1 49  LYS n 
1 50  ARG n 
1 51  ALA n 
1 52  LEU n 
1 53  LEU n 
1 54  ASP n 
1 55  ALA n 
1 56  MET n 
1 57  ALA n 
1 58  ILE n 
1 59  GLU n 
1 60  MET n 
1 61  LEU n 
1 62  ASP n 
1 63  ARG n 
1 64  HIS n 
1 65  ALA n 
1 66  THR n 
1 67  HIS n 
1 68  TYR n 
1 69  CYS n 
1 70  PRO n 
1 71  LEU n 
1 72  GLU n 
1 73  GLY n 
1 74  GLU n 
1 75  SER n 
1 76  TRP n 
1 77  GLN n 
1 78  ASP n 
1 79  PHE n 
1 80  LEU n 
1 81  ARG n 
1 82  ASN n 
1 83  ASN n 
1 84  ALA n 
1 85  LYS n 
1 86  SER n 
1 87  MET n 
1 88  ARG n 
1 89  CYS n 
1 90  ALA n 
1 91  LEU n 
1 92  LEU n 
1 93  SER n 
1 94  HIS n 
1 95  ARG n 
1 96  ASP n 
1 97  GLY n 
1 98  ALA n 
1 99  LYS n 
1 100 VAL n 
1 101 CYS n 
1 102 LEU n 
1 103 GLY n 
1 104 THR n 
1 105 GLY n 
1 106 PHE n 
1 107 THR n 
1 108 GLU n 
1 109 GLN n 
1 110 GLN n 
1 111 TYR n 
1 112 GLU n 
1 113 THR n 
1 114 ALA n 
1 115 GLU n 
1 116 ASN n 
1 117 SER n 
1 118 LEU n 
1 119 ALA n 
1 120 PHE n 
1 121 LEU n 
1 122 CYS n 
1 123 GLN n 
1 124 GLN n 
1 125 GLY n 
1 126 PHE n 
1 127 SER n 
1 128 LEU n 
1 129 GLU n 
1 130 HIS n 
1 131 ALA n 
1 132 MET n 
1 133 TYR n 
1 134 ALA n 
1 135 MET n 
1 136 GLN n 
1 137 ALA n 
1 138 ALA n 
1 139 GLY n 
1 140 ILE n 
1 141 TYR n 
1 142 THR n 
1 143 LEU n 
1 144 GLY n 
1 145 CYS n 
1 146 VAL n 
1 147 LEU n 
1 148 LEU n 
1 149 ASP n 
1 150 GLN n 
1 151 GLU n 
1 152 LEU n 
1 153 GLN n 
1 154 VAL n 
1 155 ALA n 
1 156 LYS n 
1 157 GLU n 
1 158 GLU n 
1 159 ARG n 
1 160 GLU n 
1 161 THR n 
1 162 PRO n 
1 163 THR n 
1 164 THR n 
1 165 ASP n 
1 166 SER n 
1 167 MET n 
1 168 PRO n 
1 169 PRO n 
1 170 LEU n 
1 171 VAL n 
1 172 ARG n 
1 173 GLN n 
1 174 ALA n 
1 175 LEU n 
1 176 GLU n 
1 177 LEU n 
1 178 LYS n 
1 179 ASP n 
1 180 HIS n 
1 181 GLN n 
1 182 GLY n 
1 183 ALA n 
1 184 GLU n 
1 185 PRO n 
1 186 ALA n 
1 187 PHE n 
1 188 LEU n 
1 189 PHE n 
1 190 GLY n 
1 191 LEU n 
1 192 GLU n 
1 193 LEU n 
1 194 ILE n 
1 195 ILE n 
1 196 CYS n 
1 197 GLY n 
1 198 LEU n 
1 199 GLU n 
1 200 LYS n 
1 201 GLN n 
1 202 LEU n 
1 203 LYS n 
1 204 CYS n 
1 205 GLU n 
1 206 SER n 
1 207 GLY n 
1 208 SER n 
# 
_entity_src_gen.entity_id                          1 
_entity_src_gen.pdbx_src_id                        1 
_entity_src_gen.pdbx_alt_source_flag               sample 
_entity_src_gen.pdbx_seq_type                      'Biological sequence' 
_entity_src_gen.pdbx_beg_seq_num                   1 
_entity_src_gen.pdbx_end_seq_num                   208 
_entity_src_gen.gene_src_common_name               ? 
_entity_src_gen.gene_src_genus                     ? 
_entity_src_gen.pdbx_gene_src_gene                 
;TetR, teTR, tetR(B), CQ842_25520, D3G36_22370, D3G36_27460, D9E49_27735, D9E49_28675, E5H86_28100, E5H86_30860, EHD79_25975, EHD79_28355, EIZ93_26115, FJQ40_26740, FPI65_29665, FPS11_29235, FPS11_30125, GAJ12_26625, GP965_14335, GP975_09140, GP979_15410, GQM21_16135, GRW05_13910, HIE29_003744, HIE29_005530, HL601_26020, HL601_27135, IPF_209
;
_entity_src_gen.gene_src_species                   ? 
_entity_src_gen.gene_src_strain                    ? 
_entity_src_gen.gene_src_tissue                    ? 
_entity_src_gen.gene_src_tissue_fraction           ? 
_entity_src_gen.gene_src_details                   ? 
_entity_src_gen.pdbx_gene_src_fragment             ? 
_entity_src_gen.pdbx_gene_src_scientific_name      'Escherichia coli' 
_entity_src_gen.pdbx_gene_src_ncbi_taxonomy_id     562 
_entity_src_gen.pdbx_gene_src_variant              ? 
_entity_src_gen.pdbx_gene_src_cell_line            ? 
_entity_src_gen.pdbx_gene_src_atcc                 ? 
_entity_src_gen.pdbx_gene_src_organ                ? 
_entity_src_gen.pdbx_gene_src_organelle            ? 
_entity_src_gen.pdbx_gene_src_cell                 ? 
_entity_src_gen.pdbx_gene_src_cellular_location    ? 
_entity_src_gen.host_org_common_name               ? 
_entity_src_gen.pdbx_host_org_scientific_name      'Escherichia coli' 
_entity_src_gen.pdbx_host_org_ncbi_taxonomy_id     562 
_entity_src_gen.host_org_genus                     ? 
_entity_src_gen.pdbx_host_org_gene                 ? 
_entity_src_gen.pdbx_host_org_organ                ? 
_entity_src_gen.host_org_species                   ? 
_entity_src_gen.pdbx_host_org_tissue               ? 
_entity_src_gen.pdbx_host_org_tissue_fraction      ? 
_entity_src_gen.pdbx_host_org_strain               ? 
_entity_src_gen.pdbx_host_org_variant              ? 
_entity_src_gen.pdbx_host_org_cell_line            ? 
_entity_src_gen.pdbx_host_org_atcc                 ? 
_entity_src_gen.pdbx_host_org_culture_collection   ? 
_entity_src_gen.pdbx_host_org_cell                 ? 
_entity_src_gen.pdbx_host_org_organelle            ? 
_entity_src_gen.pdbx_host_org_cellular_location    ? 
_entity_src_gen.pdbx_host_org_vector_type          ? 
_entity_src_gen.pdbx_host_org_vector               ? 
_entity_src_gen.host_org_details                   ? 
_entity_src_gen.expression_system_id               ? 
_entity_src_gen.plasmid_name                       ? 
_entity_src_gen.plasmid_details                    ? 
_entity_src_gen.pdbx_description                   ? 
# 
loop_
_chem_comp.id 
_chem_comp.type 
_chem_comp.mon_nstd_flag 
_chem_comp.name 
_chem_comp.pdbx_synonyms 
_chem_comp.formula 
_chem_comp.formula_weight 
ALA 'L-peptide linking' y ALANINE         ? 'C3 H7 N O2'     89.093  
ARG 'L-peptide linking' y ARGININE        ? 'C6 H15 N4 O2 1' 175.209 
ASN 'L-peptide linking' y ASPARAGINE      ? 'C4 H8 N2 O3'    132.118 
ASP 'L-peptide linking' y 'ASPARTIC ACID' ? 'C4 H7 N O4'     133.103 
CYS 'L-peptide linking' y CYSTEINE        ? 'C3 H7 N O2 S'   121.158 
GLN 'L-peptide linking' y GLUTAMINE       ? 'C5 H10 N2 O3'   146.144 
GLU 'L-peptide linking' y 'GLUTAMIC ACID' ? 'C5 H9 N O4'     147.129 
GLY 'peptide linking'   y GLYCINE         ? 'C2 H5 N O2'     75.067  
HIS 'L-peptide linking' y HISTIDINE       ? 'C6 H10 N3 O2 1' 156.162 
ILE 'L-peptide linking' y ISOLEUCINE      ? 'C6 H13 N O2'    131.173 
LEU 'L-peptide linking' y LEUCINE         ? 'C6 H13 N O2'    131.173 
LYS 'L-peptide linking' y LYSINE          ? 'C6 H15 N2 O2 1' 147.195 
MET 'L-peptide linking' y METHIONINE      ? 'C5 H11 N O2 S'  149.211 
PHE 'L-peptide linking' y PHENYLALANINE   ? 'C9 H11 N O2'    165.189 
PRO 'L-peptide linking' y PROLINE         ? 'C5 H9 N O2'     115.130 
SER 'L-peptide linking' y SERINE          ? 'C3 H7 N O3'     105.093 
THR 'L-peptide linking' y THREONINE       ? 'C4 H9 N O3'     119.119 
TRP 'L-peptide linking' y TRYPTOPHAN      ? 'C11 H12 N2 O2'  204.225 
TYR 'L-peptide linking' y TYROSINE        ? 'C9 H11 N O3'    181.189 
VAL 'L-peptide linking' y VALINE          ? 'C5 H11 N O2'    117.146 
# 
loop_
_pdbx_poly_seq_scheme.asym_id 
_pdbx_poly_seq_scheme.entity_id 
_pdbx_poly_seq_scheme.seq_id 
_pdbx_poly_seq_scheme.mon_id 
_pdbx_poly_seq_scheme.ndb_seq_num 
_pdbx_poly_seq_scheme.pdb_seq_num 
_pdbx_poly_seq_scheme.auth_seq_num 
_pdbx_poly_seq_scheme.pdb_mon_id 
_pdbx_poly_seq_scheme.auth_mon_id 
_pdbx_poly_seq_scheme.pdb_strand_id 
_pdbx_poly_seq_scheme.pdb_ins_code 
_pdbx_poly_seq_scheme.hetero 
A 1 1   MET 1   1   ?   ?   ?   A . n 
A 1 2   GLY 2   2   ?   ?   ?   A . n 
A 1 3   SER 3   3   ?   ?   ?   A . n 
A 1 4   ARG 4   4   ?   ?   ?   A . n 
A 1 5   LEU 5   5   5   LEU LEU A . n 
A 1 6   ASP 6   6   6   ASP ASP A . n 
A 1 7   LYS 7   7   7   LYS LYS A . n 
A 1 8   SER 8   8   8   SER SER A . n 
A 1 9   LYS 9   9   9   LYS LYS A . n 
A 1 10  VAL 10  10  10  VAL VAL A . n 
A 1 11  ILE 11  11  11  ILE ILE A . n 
A 1 12  ASN 12  12  12  ASN ASN A . n 
A 1 13  SER 13  13  13  SER SER A . n 
A 1 14  ALA 14  14  14  ALA ALA A . n 
A 1 15  LEU 15  15  15  LEU LEU A . n 
A 1 16  GLU 16  16  16  GLU GLU A . n 
A 1 17  LEU 17  17  17  LEU LEU A . n 
A 1 18  LEU 18  18  18  LEU LEU A . n 
A 1 19  ASN 19  19  19  ASN ASN A . n 
A 1 20  GLU 20  20  20  GLU GLU A . n 
A 1 21  VAL 21  21  21  VAL VAL A . n 
A 1 22  GLY 22  22  22  GLY GLY A . n 
A 1 23  ILE 23  23  23  ILE ILE A . n 
A 1 24  GLU 24  24  24  GLU GLU A . n 
A 1 25  GLY 25  25  25  GLY GLY A . n 
A 1 26  LEU 26  26  26  LEU LEU A . n 
A 1 27  THR 27  27  27  THR THR A . n 
A 1 28  THR 28  28  28  THR THR A . n 
A 1 29  ARG 29  29  29  ARG ARG A . n 
A 1 30  LYS 30  30  30  LYS LYS A . n 
A 1 31  LEU 31  31  31  LEU LEU A . n 
A 1 32  ALA 32  32  32  ALA ALA A . n 
A 1 33  GLN 33  33  33  GLN GLN A . n 
A 1 34  LYS 34  34  34  LYS LYS A . n 
A 1 35  LEU 35  35  35  LEU LEU A . n 
A 1 36  GLY 36  36  36  GLY GLY A . n 
A 1 37  VAL 37  37  37  VAL VAL A . n 
A 1 38  GLU 38  38  38  GLU GLU A . n 
A 1 39  GLN 39  39  39  GLN GLN A . n 
A 1 40  PRO 40  40  40  PRO PRO A . n 
A 1 41  THR 41  41  41  THR THR A . n 
A 1 42  LEU 42  42  42  LEU LEU A . n 
A 1 43  TYR 43  43  43  TYR TYR A . n 
A 1 44  TRP 44  44  44  TRP TRP A . n 
A 1 45  HIS 45  45  45  HIS HIS A . n 
A 1 46  VAL 46  46  46  VAL VAL A . n 
A 1 47  LYS 47  47  47  LYS LYS A . n 
A 1 48  ASN 48  48  48  ASN ASN A . n 
A 1 49  LYS 49  49  49  LYS LYS A . n 
A 1 50  ARG 50  50  50  ARG ARG A . n 
A 1 51  ALA 51  51  51  ALA ALA A . n 
A 1 52  LEU 52  52  52  LEU LEU A . n 
A 1 53  LEU 53  53  53  LEU LEU A . n 
A 1 54  ASP 54  54  54  ASP ASP A . n 
A 1 55  ALA 55  55  55  ALA ALA A . n 
A 1 56  MET 56  56  56  MET MET A . n 
A 1 57  ALA 57  57  57  ALA ALA A . n 
A 1 58  ILE 58  58  58  ILE ILE A . n 
A 1 59  GLU 59  59  59  GLU GLU A . n 
A 1 60  MET 60  60  60  MET MET A . n 
A 1 61  LEU 61  61  61  LEU LEU A . n 
A 1 62  ASP 62  62  62  ASP ASP A . n 
A 1 63  ARG 63  63  63  ARG ARG A . n 
A 1 64  HIS 64  64  64  HIS HIS A . n 
A 1 65  ALA 65  65  65  ALA ALA A . n 
A 1 66  THR 66  66  ?   ?   ?   A . n 
A 1 67  HIS 67  67  ?   ?   ?   A . n 
A 1 68  TYR 68  68  ?   ?   ?   A . n 
A 1 69  CYS 69  69  ?   ?   ?   A . n 
A 1 70  PRO 70  70  ?   ?   ?   A . n 
A 1 71  LEU 71  71  ?   ?   ?   A . n 
A 1 72  GLU 72  72  ?   ?   ?   A . n 
A 1 73  GLY 73  73  ?   ?   ?   A . n 
A 1 74  GLU 74  74  74  GLU GLU A . n 
A 1 75  SER 75  75  75  SER SER A . n 
A 1 76  TRP 76  76  76  TRP TRP A . n 
A 1 77  GLN 77  77  77  GLN GLN A . n 
A 1 78  ASP 78  78  78  ASP ASP A . n 
A 1 79  PHE 79  79  79  PHE PHE A . n 
A 1 80  LEU 80  80  80  LEU LEU A . n 
A 1 81  ARG 81  81  81  ARG ARG A . n 
A 1 82  ASN 82  82  82  ASN ASN A . n 
A 1 83  ASN 83  83  83  ASN ASN A . n 
A 1 84  ALA 84  84  84  ALA ALA A . n 
A 1 85  LYS 85  85  85  LYS LYS A . n 
A 1 86  SER 86  86  86  SER SER A . n 
A 1 87  MET 87  87  87  MET MET A . n 
A 1 88  ARG 88  88  88  ARG ARG A . n 
A 1 89  CYS 89  89  89  CYS CYS A . n 
A 1 90  ALA 90  90  90  ALA ALA A . n 
A 1 91  LEU 91  91  91  LEU LEU A . n 
A 1 92  LEU 92  92  92  LEU LEU A . n 
A 1 93  SER 93  93  93  SER SER A . n 
A 1 94  HIS 94  94  94  HIS HIS A . n 
A 1 95  ARG 95  95  95  ARG ARG A . n 
A 1 96  ASP 96  96  96  ASP ASP A . n 
A 1 97  GLY 97  97  97  GLY GLY A . n 
A 1 98  ALA 98  98  98  ALA ALA A . n 
A 1 99  LYS 99  99  99  LYS LYS A . n 
A 1 100 VAL 100 100 100 VAL VAL A . n 
A 1 101 CYS 101 101 101 CYS CYS A . n 
A 1 102 LEU 102 102 102 LEU LEU A . n 
A 1 103 GLY 103 103 103 GLY GLY A . n 
A 1 104 THR 104 104 104 THR THR A . n 
A 1 105 GLY 105 105 ?   ?   ?   A . n 
A 1 106 PHE 106 106 ?   ?   ?   A . n 
A 1 107 THR 107 107 ?   ?   ?   A . n 
A 1 108 GLU 108 108 ?   ?   ?   A . n 
A 1 109 GLN 109 109 ?   ?   ?   A . n 
A 1 110 GLN 110 110 ?   ?   ?   A . n 
A 1 111 TYR 111 111 111 TYR TYR A . n 
A 1 112 GLU 112 112 112 GLU GLU A . n 
A 1 113 THR 113 113 113 THR THR A . n 
A 1 114 ALA 114 114 114 ALA ALA A . n 
A 1 115 GLU 115 115 115 GLU GLU A . n 
A 1 116 ASN 116 116 116 ASN ASN A . n 
A 1 117 SER 117 117 117 SER SER A . n 
A 1 118 LEU 118 118 118 LEU LEU A . n 
A 1 119 ALA 119 119 119 ALA ALA A . n 
A 1 120 PHE 120 120 120 PHE PHE A . n 
A 1 121 LEU 121 121 121 LEU LEU A . n 
A 1 122 CYS 122 122 122 CYS CYS A . n 
A 1 123 GLN 123 123 123 GLN GLN A . n 
A 1 124 GLN 124 124 124 GLN GLN A . n 
A 1 125 GLY 125 125 125 GLY GLY A . n 
A 1 126 PHE 126 126 126 PHE PHE A . n 
A 1 127 SER 127 127 127 SER SER A . n 
A 1 128 LEU 128 128 128 LEU LEU A . n 
A 1 129 GLU 129 129 129 GLU GLU A . n 
A 1 130 HIS 130 130 130 HIS HIS A . n 
A 1 131 ALA 131 131 131 ALA ALA A . n 
A 1 132 MET 132 132 132 MET MET A . n 
A 1 133 TYR 133 133 133 TYR TYR A . n 
A 1 134 ALA 134 134 134 ALA ALA A . n 
A 1 135 MET 135 135 135 MET MET A . n 
A 1 136 GLN 136 136 136 GLN GLN A . n 
A 1 137 ALA 137 137 137 ALA ALA A . n 
A 1 138 ALA 138 138 138 ALA ALA A . n 
A 1 139 GLY 139 139 139 GLY GLY A . n 
A 1 140 ILE 140 140 140 ILE ILE A . n 
A 1 141 TYR 141 141 141 TYR TYR A . n 
A 1 142 THR 142 142 142 THR THR A . n 
A 1 143 LEU 143 143 143 LEU LEU A . n 
A 1 144 GLY 144 144 144 GLY GLY A . n 
A 1 145 CYS 145 145 145 CYS CYS A . n 
A 1 146 VAL 146 146 146 VAL VAL A . n 
A 1 147 LEU 147 147 147 LEU LEU A . n 
A 1 148 LEU 148 148 148 LEU LEU A . n 
A 1 149 ASP 149 149 149 ASP ASP A . n 
A 1 150 GLN 150 150 150 GLN GLN A . n 
A 1 151 GLU 151 151 151 GLU GLU A . n 
A 1 152 LEU 152 152 152 LEU LEU A . n 
A 1 153 GLN 153 153 153 GLN GLN A . n 
A 1 154 VAL 154 154 154 VAL VAL A . n 
A 1 155 ALA 155 155 155 ALA ALA A . n 
A 1 156 LYS 156 156 ?   ?   ?   A . n 
A 1 157 GLU 157 157 ?   ?   ?   A . n 
A 1 158 GLU 158 158 ?   ?   ?   A . n 
A 1 159 ARG 159 159 ?   ?   ?   A . n 
A 1 160 GLU 160 160 ?   ?   ?   A . n 
A 1 161 THR 161 161 ?   ?   ?   A . n 
A 1 162 PRO 162 162 ?   ?   ?   A . n 
A 1 163 THR 163 163 ?   ?   ?   A . n 
A 1 164 THR 164 164 ?   ?   ?   A . n 
A 1 165 ASP 165 165 ?   ?   ?   A . n 
A 1 166 SER 166 166 ?   ?   ?   A . n 
A 1 167 MET 167 167 167 MET MET A . n 
A 1 168 PRO 168 168 168 PRO PRO A . n 
A 1 169 PRO 169 169 169 PRO PRO A . n 
A 1 170 LEU 170 170 170 LEU LEU A . n 
A 1 171 VAL 171 171 171 VAL VAL A . n 
A 1 172 ARG 172 172 172 ARG ARG A . n 
A 1 173 GLN 173 173 173 GLN GLN A . n 
A 1 174 ALA 174 174 174 ALA ALA A . n 
A 1 175 LEU 175 175 175 LEU LEU A . n 
A 1 176 GLU 176 176 176 GLU GLU A . n 
A 1 177 LEU 177 177 177 LEU LEU A . n 
A 1 178 LYS 178 178 178 LYS LYS A . n 
A 1 179 ASP 179 179 179 ASP ASP A . n 
A 1 180 HIS 180 180 180 HIS HIS A . n 
A 1 181 GLN 181 181 181 GLN GLN A . n 
A 1 182 GLY 182 182 182 GLY GLY A . n 
A 1 183 ALA 183 183 183 ALA ALA A . n 
A 1 184 GLU 184 184 184 GLU GLU A . n 
A 1 185 PRO 185 185 185 PRO PRO A . n 
A 1 186 ALA 186 186 186 ALA ALA A . n 
A 1 187 PHE 187 187 187 PHE PHE A . n 
A 1 188 LEU 188 188 188 LEU LEU A . n 
A 1 189 PHE 189 189 189 PHE PHE A . n 
A 1 190 GLY 190 190 190 GLY GLY A . n 
A 1 191 LEU 191 191 191 LEU LEU A . n 
A 1 192 GLU 192 192 192 GLU GLU A . n 
A 1 193 LEU 193 193 193 LEU LEU A . n 
A 1 194 ILE 194 194 194 ILE ILE A . n 
A 1 195 ILE 195 195 195 ILE ILE A . n 
A 1 196 CYS 196 196 196 CYS CYS A . n 
A 1 197 GLY 197 197 197 GLY GLY A . n 
A 1 198 LEU 198 198 198 LEU LEU A . n 
A 1 199 GLU 199 199 199 GLU GLU A . n 
A 1 200 LYS 200 200 200 LYS LYS A . n 
A 1 201 GLN 201 201 201 GLN GLN A . n 
A 1 202 LEU 202 202 202 LEU LEU A . n 
A 1 203 LYS 203 203 203 LYS LYS A . n 
A 1 204 CYS 204 204 204 CYS CYS A . n 
A 1 205 GLU 205 205 ?   ?   ?   A . n 
A 1 206 SER 206 206 ?   ?   ?   A . n 
A 1 207 GLY 207 207 ?   ?   ?   A . n 
A 1 208 SER 208 208 ?   ?   ?   A . n 
# 
loop_
_software.citation_id 
_software.classification 
_software.compiler_name 
_software.compiler_version 
_software.contact_author 
_software.contact_author_email 
_software.date 
_software.description 
_software.dependencies 
_software.hardware 
_software.language 
_software.location 
_software.mods 
_software.name 
_software.os 
_software.os_version 
_software.type 
_software.version 
_software.pdbx_ordinal 
? refinement       ? ? ? ? ? ? ? ? ? ? ? REFMAC ? ? ? 5.8.0425 1 
? 'data reduction' ? ? ? ? ? ? ? ? ? ? ? MOSFLM ? ? ? .        2 
? 'data scaling'   ? ? ? ? ? ? ? ? ? ? ? SCALA  ? ? ? .        3 
? phasing          ? ? ? ? ? ? ? ? ? ? ? PHASER ? ? ? .        4 
# 
_cell.angle_alpha                  90.000 
_cell.angle_alpha_esd              ? 
_cell.angle_beta                   90.000 
_cell.angle_beta_esd               ? 
_cell.angle_gamma                  90.000 
_cell.angle_gamma_esd              ? 
_cell.entry_id                     9DT2 
_cell.details                      ? 
_cell.formula_units_Z              ? 
_cell.length_a                     72.440 
_cell.length_a_esd                 ? 
_cell.length_b                     72.440 
_cell.length_b_esd                 ? 
_cell.length_c                     95.190 
_cell.length_c_esd                 ? 
_cell.volume                       ? 
_cell.volume_esd                   ? 
_cell.Z_PDB                        8 
_cell.reciprocal_angle_alpha       ? 
_cell.reciprocal_angle_beta        ? 
_cell.reciprocal_angle_gamma       ? 
_cell.reciprocal_angle_alpha_esd   ? 
_cell.reciprocal_angle_beta_esd    ? 
_cell.reciprocal_angle_gamma_esd   ? 
_cell.reciprocal_length_a          ? 
_cell.reciprocal_length_b          ? 
_cell.reciprocal_length_c          ? 
_cell.reciprocal_length_a_esd      ? 
_cell.reciprocal_length_b_esd      ? 
_cell.reciprocal_length_c_esd      ? 
_cell.pdbx_unique_axis             ? 
_cell.pdbx_esd_method              ? 
# 
_symmetry.entry_id                         9DT2 
_symmetry.cell_setting                     ? 
_symmetry.Int_Tables_number                92 
_symmetry.space_group_name_Hall            ? 
_symmetry.space_group_name_H-M             'P 41 21 2' 
_symmetry.pdbx_full_space_group_name_H-M   ? 
# 
_exptl.absorpt_coefficient_mu     ? 
_exptl.absorpt_correction_T_max   ? 
_exptl.absorpt_correction_T_min   ? 
_exptl.absorpt_correction_type    ? 
_exptl.absorpt_process_details    ? 
_exptl.entry_id                   9DT2 
_exptl.crystals_number            1 
_exptl.details                    ? 
_exptl.method                     'X-RAY DIFFRACTION' 
_exptl.method_details             ? 
# 
_exptl_crystal.colour                       ? 
_exptl_crystal.density_diffrn               ? 
_exptl_crystal.density_Matthews             2.69 
_exptl_crystal.density_method               ? 
_exptl_crystal.density_percent_sol          54.27 
_exptl_crystal.description                  ? 
_exptl_crystal.F_000                        ? 
_exptl_crystal.id                           1 
_exptl_crystal.preparation                  ? 
_exptl_crystal.size_max                     ? 
_exptl_crystal.size_mid                     ? 
_exptl_crystal.size_min                     ? 
_exptl_crystal.size_rad                     ? 
_exptl_crystal.colour_lustre                ? 
_exptl_crystal.colour_modifier              ? 
_exptl_crystal.colour_primary               ? 
_exptl_crystal.density_meas                 ? 
_exptl_crystal.density_meas_esd             ? 
_exptl_crystal.density_meas_gt              ? 
_exptl_crystal.density_meas_lt              ? 
_exptl_crystal.density_meas_temp            ? 
_exptl_crystal.density_meas_temp_esd        ? 
_exptl_crystal.density_meas_temp_gt         ? 
_exptl_crystal.density_meas_temp_lt         ? 
_exptl_crystal.pdbx_crystal_image_url       ? 
_exptl_crystal.pdbx_crystal_image_format    ? 
_exptl_crystal.pdbx_mosaicity               ? 
_exptl_crystal.pdbx_mosaicity_esd           ? 
_exptl_crystal.pdbx_mosaic_method           ? 
_exptl_crystal.pdbx_mosaic_block_size       ? 
_exptl_crystal.pdbx_mosaic_block_size_esd   ? 
# 
_exptl_crystal_grow.apparatus       ? 
_exptl_crystal_grow.atmosphere      ? 
_exptl_crystal_grow.crystal_id      1 
_exptl_crystal_grow.details         ? 
_exptl_crystal_grow.method          'VAPOR DIFFUSION, SITTING DROP' 
_exptl_crystal_grow.method_ref      ? 
_exptl_crystal_grow.pH              ? 
_exptl_crystal_grow.pressure        ? 
_exptl_crystal_grow.pressure_esd    ? 
_exptl_crystal_grow.seeding         ? 
_exptl_crystal_grow.seeding_ref     ? 
_exptl_crystal_grow.temp_details    ? 
_exptl_crystal_grow.temp_esd        ? 
_exptl_crystal_grow.time            ? 
_exptl_crystal_grow.pdbx_details    
;0.1 M HEPES sodium pH 7.5
2% v/v Polyethylene glycol 400
2.0 M Ammonium sulfate
;
_exptl_crystal_grow.pdbx_pH_range   ? 
_exptl_crystal_grow.temp            295 
# 
_diffrn.ambient_environment              ? 
_diffrn.ambient_temp                     100 
_diffrn.ambient_temp_details             ? 
_diffrn.ambient_temp_esd                 ? 
_diffrn.crystal_id                       1 
_diffrn.crystal_support                  ? 
_diffrn.crystal_treatment                ? 
_diffrn.details                          ? 
_diffrn.id                               1 
_diffrn.ambient_pressure                 ? 
_diffrn.ambient_pressure_esd             ? 
_diffrn.ambient_pressure_gt              ? 
_diffrn.ambient_pressure_lt              ? 
_diffrn.ambient_temp_gt                  ? 
_diffrn.ambient_temp_lt                  ? 
_diffrn.pdbx_serial_crystal_experiment   N 
# 
_diffrn_detector.details                      ? 
_diffrn_detector.detector                     CCD 
_diffrn_detector.diffrn_id                    1 
_diffrn_detector.type                         NOIR-1 
_diffrn_detector.area_resol_mean              ? 
_diffrn_detector.dtime                        ? 
_diffrn_detector.pdbx_frames_total            ? 
_diffrn_detector.pdbx_collection_time_total   ? 
_diffrn_detector.pdbx_collection_date         2009-10-30 
_diffrn_detector.pdbx_frequency               ? 
_diffrn_detector.id                           ? 
_diffrn_detector.number_of_axes               ? 
# 
_diffrn_radiation.collimation                      ? 
_diffrn_radiation.diffrn_id                        1 
_diffrn_radiation.filter_edge                      ? 
_diffrn_radiation.inhomogeneity                    ? 
_diffrn_radiation.monochromator                    ? 
_diffrn_radiation.polarisn_norm                    ? 
_diffrn_radiation.polarisn_ratio                   ? 
_diffrn_radiation.probe                            ? 
_diffrn_radiation.type                             ? 
_diffrn_radiation.xray_symbol                      ? 
_diffrn_radiation.wavelength_id                    1 
_diffrn_radiation.pdbx_monochromatic_or_laue_m_l   M 
_diffrn_radiation.pdbx_wavelength_list             ? 
_diffrn_radiation.pdbx_wavelength                  ? 
_diffrn_radiation.pdbx_diffrn_protocol             'SINGLE WAVELENGTH' 
_diffrn_radiation.pdbx_analyzer                    ? 
_diffrn_radiation.pdbx_scattering_type             x-ray 
# 
_diffrn_radiation_wavelength.id           1 
_diffrn_radiation_wavelength.wavelength   1 
_diffrn_radiation_wavelength.wt           1.0 
# 
_diffrn_source.current                     ? 
_diffrn_source.details                     ? 
_diffrn_source.diffrn_id                   1 
_diffrn_source.power                       ? 
_diffrn_source.size                        ? 
_diffrn_source.source                      SYNCHROTRON 
_diffrn_source.target                      ? 
_diffrn_source.type                        'ALS BEAMLINE 4.2.2' 
_diffrn_source.voltage                     ? 
_diffrn_source.take-off_angle              ? 
_diffrn_source.pdbx_wavelength_list        1 
_diffrn_source.pdbx_wavelength             ? 
_diffrn_source.pdbx_synchrotron_beamline   4.2.2 
_diffrn_source.pdbx_synchrotron_site       ALS 
# 
_reflns.B_iso_Wilson_estimate                          ? 
_reflns.entry_id                                       9DT2 
_reflns.data_reduction_details                         ? 
_reflns.data_reduction_method                          ? 
_reflns.d_resolution_high                              3.100 
_reflns.d_resolution_low                               45.147 
_reflns.details                                        ? 
_reflns.limit_h_max                                    ? 
_reflns.limit_h_min                                    ? 
_reflns.limit_k_max                                    ? 
_reflns.limit_k_min                                    ? 
_reflns.limit_l_max                                    ? 
_reflns.limit_l_min                                    ? 
_reflns.number_all                                     ? 
_reflns.number_obs                                     4955 
_reflns.observed_criterion                             ? 
_reflns.observed_criterion_F_max                       ? 
_reflns.observed_criterion_F_min                       ? 
_reflns.observed_criterion_I_max                       ? 
_reflns.observed_criterion_I_min                       ? 
_reflns.observed_criterion_sigma_F                     ? 
_reflns.observed_criterion_sigma_I                     ? 
_reflns.percent_possible_obs                           100 
_reflns.R_free_details                                 ? 
_reflns.Rmerge_F_all                                   ? 
_reflns.Rmerge_F_obs                                   ? 
_reflns.Friedel_coverage                               ? 
_reflns.number_gt                                      ? 
_reflns.threshold_expression                           ? 
_reflns.pdbx_redundancy                                7.5 
_reflns.pdbx_netI_over_av_sigmaI                       ? 
_reflns.pdbx_netI_over_sigmaI                          12.8 
_reflns.pdbx_res_netI_over_av_sigmaI_2                 ? 
_reflns.pdbx_res_netI_over_sigmaI_2                    ? 
_reflns.pdbx_chi_squared                               ? 
_reflns.pdbx_scaling_rejects                           ? 
_reflns.pdbx_d_res_high_opt                            ? 
_reflns.pdbx_d_res_low_opt                             ? 
_reflns.pdbx_d_res_opt_method                          ? 
_reflns.phase_calculation_details                      ? 
_reflns.pdbx_Rrim_I_all                                ? 
_reflns.pdbx_Rpim_I_all                                ? 
_reflns.pdbx_d_opt                                     ? 
_reflns.pdbx_number_measured_all                       ? 
_reflns.pdbx_diffrn_id                                 1 
_reflns.pdbx_ordinal                                   1 
_reflns.pdbx_CC_half                                   ? 
_reflns.pdbx_CC_star                                   ? 
_reflns.pdbx_R_split                                   ? 
_reflns.pdbx_Rmerge_I_obs                              ? 
_reflns.pdbx_Rmerge_I_all                              ? 
_reflns.pdbx_Rsym_value                                0.122 
_reflns.pdbx_CC_split_method                           ? 
_reflns.pdbx_aniso_diffraction_limit_axis_1_ortho[1]   ? 
_reflns.pdbx_aniso_diffraction_limit_axis_1_ortho[2]   ? 
_reflns.pdbx_aniso_diffraction_limit_axis_1_ortho[3]   ? 
_reflns.pdbx_aniso_diffraction_limit_axis_2_ortho[1]   ? 
_reflns.pdbx_aniso_diffraction_limit_axis_2_ortho[2]   ? 
_reflns.pdbx_aniso_diffraction_limit_axis_2_ortho[3]   ? 
_reflns.pdbx_aniso_diffraction_limit_axis_3_ortho[1]   ? 
_reflns.pdbx_aniso_diffraction_limit_axis_3_ortho[2]   ? 
_reflns.pdbx_aniso_diffraction_limit_axis_3_ortho[3]   ? 
_reflns.pdbx_aniso_diffraction_limit_1                 ? 
_reflns.pdbx_aniso_diffraction_limit_2                 ? 
_reflns.pdbx_aniso_diffraction_limit_3                 ? 
_reflns.pdbx_aniso_B_tensor_eigenvector_1_ortho[1]     ? 
_reflns.pdbx_aniso_B_tensor_eigenvector_1_ortho[2]     ? 
_reflns.pdbx_aniso_B_tensor_eigenvector_1_ortho[3]     ? 
_reflns.pdbx_aniso_B_tensor_eigenvector_2_ortho[1]     ? 
_reflns.pdbx_aniso_B_tensor_eigenvector_2_ortho[2]     ? 
_reflns.pdbx_aniso_B_tensor_eigenvector_2_ortho[3]     ? 
_reflns.pdbx_aniso_B_tensor_eigenvector_3_ortho[1]     ? 
_reflns.pdbx_aniso_B_tensor_eigenvector_3_ortho[2]     ? 
_reflns.pdbx_aniso_B_tensor_eigenvector_3_ortho[3]     ? 
_reflns.pdbx_aniso_B_tensor_eigenvalue_1               ? 
_reflns.pdbx_aniso_B_tensor_eigenvalue_2               ? 
_reflns.pdbx_aniso_B_tensor_eigenvalue_3               ? 
_reflns.pdbx_orthogonalization_convention              ? 
_reflns.pdbx_percent_possible_ellipsoidal              ? 
_reflns.pdbx_percent_possible_spherical                ? 
_reflns.pdbx_percent_possible_ellipsoidal_anomalous    ? 
_reflns.pdbx_percent_possible_spherical_anomalous      ? 
_reflns.pdbx_redundancy_anomalous                      ? 
_reflns.pdbx_CC_half_anomalous                         ? 
_reflns.pdbx_absDiff_over_sigma_anomalous              ? 
_reflns.pdbx_percent_possible_anomalous                ? 
_reflns.pdbx_observed_signal_threshold                 ? 
_reflns.pdbx_signal_type                               ? 
_reflns.pdbx_signal_details                            ? 
_reflns.pdbx_signal_software_id                        ? 
# 
_reflns_shell.d_res_high                                    3.10 
_reflns_shell.d_res_low                                     3.31 
_reflns_shell.meanI_over_sigI_all                           ? 
_reflns_shell.meanI_over_sigI_obs                           ? 
_reflns_shell.number_measured_all                           ? 
_reflns_shell.number_measured_obs                           ? 
_reflns_shell.number_possible                               ? 
_reflns_shell.number_unique_all                             ? 
_reflns_shell.number_unique_obs                             342 
_reflns_shell.percent_possible_obs                          ? 
_reflns_shell.Rmerge_F_all                                  ? 
_reflns_shell.Rmerge_F_obs                                  ? 
_reflns_shell.meanI_over_sigI_gt                            ? 
_reflns_shell.meanI_over_uI_all                             ? 
_reflns_shell.meanI_over_uI_gt                              ? 
_reflns_shell.number_measured_gt                            ? 
_reflns_shell.number_unique_gt                              ? 
_reflns_shell.percent_possible_gt                           ? 
_reflns_shell.Rmerge_F_gt                                   ? 
_reflns_shell.Rmerge_I_gt                                   ? 
_reflns_shell.pdbx_redundancy                               ? 
_reflns_shell.pdbx_chi_squared                              ? 
_reflns_shell.pdbx_netI_over_sigmaI_all                     ? 
_reflns_shell.pdbx_netI_over_sigmaI_obs                     ? 
_reflns_shell.pdbx_Rrim_I_all                               ? 
_reflns_shell.pdbx_Rpim_I_all                               ? 
_reflns_shell.pdbx_rejects                                  ? 
_reflns_shell.pdbx_ordinal                                  1 
_reflns_shell.pdbx_diffrn_id                                1 
_reflns_shell.pdbx_CC_half                                  ? 
_reflns_shell.pdbx_CC_star                                  ? 
_reflns_shell.pdbx_R_split                                  ? 
_reflns_shell.percent_possible_all                          ? 
_reflns_shell.Rmerge_I_all                                  ? 
_reflns_shell.Rmerge_I_obs                                  ? 
_reflns_shell.pdbx_Rsym_value                               0.583 
_reflns_shell.pdbx_percent_possible_ellipsoidal             ? 
_reflns_shell.pdbx_percent_possible_spherical               ? 
_reflns_shell.pdbx_percent_possible_ellipsoidal_anomalous   ? 
_reflns_shell.pdbx_percent_possible_spherical_anomalous     ? 
_reflns_shell.pdbx_redundancy_anomalous                     ? 
_reflns_shell.pdbx_CC_half_anomalous                        ? 
_reflns_shell.pdbx_absDiff_over_sigma_anomalous             ? 
_reflns_shell.pdbx_percent_possible_anomalous               ? 
# 
_refine.aniso_B[1][1]                            3.104 
_refine.aniso_B[1][2]                            0.000 
_refine.aniso_B[1][3]                            0.000 
_refine.aniso_B[2][2]                            3.104 
_refine.aniso_B[2][3]                            -0.000 
_refine.aniso_B[3][3]                            -6.208 
_refine.B_iso_max                                ? 
_refine.B_iso_mean                               64.023 
_refine.B_iso_min                                ? 
_refine.correlation_coeff_Fo_to_Fc               0.918 
_refine.correlation_coeff_Fo_to_Fc_free          0.897 
_refine.details                                  'Hydrogens have been added in their riding positions' 
_refine.diff_density_max                         ? 
_refine.diff_density_max_esd                     ? 
_refine.diff_density_min                         ? 
_refine.diff_density_min_esd                     ? 
_refine.diff_density_rms                         ? 
_refine.diff_density_rms_esd                     ? 
_refine.entry_id                                 9DT2 
_refine.pdbx_refine_id                           'X-RAY DIFFRACTION' 
_refine.ls_abs_structure_details                 ? 
_refine.ls_abs_structure_Flack                   ? 
_refine.ls_abs_structure_Flack_esd               ? 
_refine.ls_abs_structure_Rogers                  ? 
_refine.ls_abs_structure_Rogers_esd              ? 
_refine.ls_d_res_high                            3.100 
_refine.ls_d_res_low                             45.147 
_refine.ls_extinction_coef                       ? 
_refine.ls_extinction_coef_esd                   ? 
_refine.ls_extinction_expression                 ? 
_refine.ls_extinction_method                     ? 
_refine.ls_goodness_of_fit_all                   ? 
_refine.ls_goodness_of_fit_all_esd               ? 
_refine.ls_goodness_of_fit_obs                   ? 
_refine.ls_goodness_of_fit_obs_esd               ? 
_refine.ls_hydrogen_treatment                    ? 
_refine.ls_matrix_type                           ? 
_refine.ls_number_constraints                    ? 
_refine.ls_number_parameters                     ? 
_refine.ls_number_reflns_all                     ? 
_refine.ls_number_reflns_obs                     4955 
_refine.ls_number_reflns_R_free                  261 
_refine.ls_number_reflns_R_work                  4694 
_refine.ls_number_restraints                     ? 
_refine.ls_percent_reflns_obs                    99.899 
_refine.ls_percent_reflns_R_free                 5.267 
_refine.ls_R_factor_all                          0.237 
_refine.ls_R_factor_obs                          ? 
_refine.ls_R_factor_R_free                       0.2976 
_refine.ls_R_factor_R_free_error                 ? 
_refine.ls_R_factor_R_free_error_details         ? 
_refine.ls_R_factor_R_work                       0.2336 
_refine.ls_R_Fsqd_factor_obs                     ? 
_refine.ls_R_I_factor_obs                        ? 
_refine.ls_redundancy_reflns_all                 ? 
_refine.ls_redundancy_reflns_obs                 ? 
_refine.ls_restrained_S_all                      ? 
_refine.ls_restrained_S_obs                      ? 
_refine.ls_shift_over_esd_max                    ? 
_refine.ls_shift_over_esd_mean                   ? 
_refine.ls_structure_factor_coef                 ? 
_refine.ls_weighting_details                     ? 
_refine.ls_weighting_scheme                      ? 
_refine.ls_wR_factor_all                         ? 
_refine.ls_wR_factor_obs                         ? 
_refine.ls_wR_factor_R_free                      ? 
_refine.ls_wR_factor_R_work                      ? 
_refine.occupancy_max                            ? 
_refine.occupancy_min                            ? 
_refine.solvent_model_details                    'MASK BULK SOLVENT' 
_refine.solvent_model_param_bsol                 ? 
_refine.solvent_model_param_ksol                 ? 
_refine.pdbx_R_complete                          ? 
_refine.ls_R_factor_gt                           ? 
_refine.ls_goodness_of_fit_gt                    ? 
_refine.ls_goodness_of_fit_ref                   ? 
_refine.ls_shift_over_su_max                     ? 
_refine.ls_shift_over_su_max_lt                  ? 
_refine.ls_shift_over_su_mean                    ? 
_refine.ls_shift_over_su_mean_lt                 ? 
_refine.pdbx_ls_sigma_I                          ? 
_refine.pdbx_ls_sigma_F                          ? 
_refine.pdbx_ls_sigma_Fsqd                       ? 
_refine.pdbx_data_cutoff_high_absF               ? 
_refine.pdbx_data_cutoff_high_rms_absF           ? 
_refine.pdbx_data_cutoff_low_absF                ? 
_refine.pdbx_isotropic_thermal_model             ? 
_refine.pdbx_ls_cross_valid_method               'FREE R-VALUE' 
_refine.pdbx_method_to_determine_struct          'MOLECULAR REPLACEMENT' 
_refine.pdbx_starting_model                      ? 
_refine.pdbx_stereochemistry_target_values       ? 
_refine.pdbx_R_Free_selection_details            ? 
_refine.pdbx_stereochem_target_val_spec_case     ? 
_refine.pdbx_overall_ESU_R                       ? 
_refine.pdbx_overall_ESU_R_Free                  0.507 
_refine.pdbx_solvent_vdw_probe_radii             1.200 
_refine.pdbx_solvent_ion_probe_radii             0.800 
_refine.pdbx_solvent_shrinkage_radii             0.800 
_refine.pdbx_real_space_R                        ? 
_refine.pdbx_density_correlation                 ? 
_refine.pdbx_pd_number_of_powder_patterns        ? 
_refine.pdbx_pd_number_of_points                 ? 
_refine.pdbx_pd_meas_number_of_points            ? 
_refine.pdbx_pd_proc_ls_prof_R_factor            ? 
_refine.pdbx_pd_proc_ls_prof_wR_factor           ? 
_refine.pdbx_pd_Marquardt_correlation_coeff      ? 
_refine.pdbx_pd_Fsqrd_R_factor                   ? 
_refine.pdbx_pd_ls_matrix_band_width             ? 
_refine.pdbx_overall_phase_error                 ? 
_refine.pdbx_overall_SU_R_free_Cruickshank_DPI   ? 
_refine.pdbx_overall_SU_R_free_Blow_DPI          ? 
_refine.pdbx_overall_SU_R_Blow_DPI               ? 
_refine.pdbx_TLS_residual_ADP_flag               ? 
_refine.pdbx_diffrn_id                           1 
_refine.overall_SU_B                             26.253 
_refine.overall_SU_ML                            0.454 
_refine.overall_SU_R_Cruickshank_DPI             ? 
_refine.overall_SU_R_free                        ? 
_refine.overall_FOM_free_R_set                   ? 
_refine.overall_FOM_work_R_set                   ? 
_refine.pdbx_average_fsc_overall                 ? 
_refine.pdbx_average_fsc_work                    ? 
_refine.pdbx_average_fsc_free                    ? 
# 
_refine_hist.pdbx_refine_id                   'X-RAY DIFFRACTION' 
_refine_hist.cycle_id                         LAST 
_refine_hist.pdbx_number_atoms_protein        1365 
_refine_hist.pdbx_number_atoms_nucleic_acid   0 
_refine_hist.pdbx_number_atoms_ligand         0 
_refine_hist.number_atoms_solvent             0 
_refine_hist.number_atoms_total               1365 
_refine_hist.d_res_high                       3.100 
_refine_hist.d_res_low                        45.147 
# 
loop_
_refine_ls_restr.pdbx_refine_id 
_refine_ls_restr.criterion 
_refine_ls_restr.dev_ideal 
_refine_ls_restr.dev_ideal_target 
_refine_ls_restr.number 
_refine_ls_restr.rejects 
_refine_ls_restr.type 
_refine_ls_restr.weight 
_refine_ls_restr.pdbx_restraint_function 
'X-RAY DIFFRACTION' ? 0.006  0.012  1383 ? r_bond_refined_d               ? ? 
'X-RAY DIFFRACTION' ? 0.001  0.016  1371 ? r_bond_other_d                 ? ? 
'X-RAY DIFFRACTION' ? 1.745  1.847  1859 ? r_angle_refined_deg            ? ? 
'X-RAY DIFFRACTION' ? 0.572  1.765  3153 ? r_angle_other_deg              ? ? 
'X-RAY DIFFRACTION' ? 7.547  5.000  171  ? r_dihedral_angle_1_deg         ? ? 
'X-RAY DIFFRACTION' ? 11.248 5.000  7    ? r_dihedral_angle_2_deg         ? ? 
'X-RAY DIFFRACTION' ? 18.619 10.000 261  ? r_dihedral_angle_3_deg         ? ? 
'X-RAY DIFFRACTION' ? 14.530 10.000 61   ? r_dihedral_angle_6_deg         ? ? 
'X-RAY DIFFRACTION' ? 0.080  0.200  214  ? r_chiral_restr                 ? ? 
'X-RAY DIFFRACTION' ? 0.006  0.020  1593 ? r_gen_planes_refined           ? ? 
'X-RAY DIFFRACTION' ? 0.002  0.020  299  ? r_gen_planes_other             ? ? 
'X-RAY DIFFRACTION' ? 0.279  0.200  415  ? r_nbd_refined                  ? ? 
'X-RAY DIFFRACTION' ? 0.213  0.200  1315 ? r_symmetry_nbd_other           ? ? 
'X-RAY DIFFRACTION' ? 0.195  0.200  695  ? r_nbtor_refined                ? ? 
'X-RAY DIFFRACTION' ? 0.087  0.200  761  ? r_symmetry_nbtor_other         ? ? 
'X-RAY DIFFRACTION' ? 0.204  0.200  57   ? r_xyhbond_nbd_refined          ? ? 
'X-RAY DIFFRACTION' ? 0.035  0.200  4    ? r_symmetry_xyhbond_nbd_other   ? ? 
'X-RAY DIFFRACTION' ? 0.113  0.200  36   ? r_symmetry_nbd_refined         ? ? 
'X-RAY DIFFRACTION' ? 0.206  0.200  108  ? r_nbd_other                    ? ? 
'X-RAY DIFFRACTION' ? 0.160  0.200  2    ? r_symmetry_xyhbond_nbd_refined ? ? 
'X-RAY DIFFRACTION' ? 5.939  6.078  696  ? r_mcbond_it                    ? ? 
'X-RAY DIFFRACTION' ? 5.939  6.079  696  ? r_mcbond_other                 ? ? 
'X-RAY DIFFRACTION' ? 9.442  10.872 863  ? r_mcangle_it                   ? ? 
'X-RAY DIFFRACTION' ? 9.439  10.871 864  ? r_mcangle_other                ? ? 
'X-RAY DIFFRACTION' ? 5.900  6.765  687  ? r_scbond_it                    ? ? 
'X-RAY DIFFRACTION' ? 5.896  6.766  688  ? r_scbond_other                 ? ? 
'X-RAY DIFFRACTION' ? 9.711  12.208 996  ? r_scangle_it                   ? ? 
'X-RAY DIFFRACTION' ? 9.706  12.206 997  ? r_scangle_other                ? ? 
'X-RAY DIFFRACTION' ? 13.947 63.511 1711 ? r_lrange_it                    ? ? 
'X-RAY DIFFRACTION' ? 13.943 63.513 1712 ? r_lrange_other                 ? ? 
# 
loop_
_refine_ls_shell.pdbx_refine_id 
_refine_ls_shell.d_res_high 
_refine_ls_shell.d_res_low 
_refine_ls_shell.number_reflns_all 
_refine_ls_shell.number_reflns_obs 
_refine_ls_shell.number_reflns_R_free 
_refine_ls_shell.number_reflns_R_work 
_refine_ls_shell.percent_reflns_obs 
_refine_ls_shell.percent_reflns_R_free 
_refine_ls_shell.R_factor_all 
_refine_ls_shell.R_factor_obs 
_refine_ls_shell.R_factor_R_free_error 
_refine_ls_shell.R_factor_R_work 
_refine_ls_shell.redundancy_reflns_all 
_refine_ls_shell.redundancy_reflns_obs 
_refine_ls_shell.wR_factor_all 
_refine_ls_shell.wR_factor_obs 
_refine_ls_shell.wR_factor_R_free 
_refine_ls_shell.wR_factor_R_work 
_refine_ls_shell.pdbx_R_complete 
_refine_ls_shell.pdbx_total_number_of_bins_used 
_refine_ls_shell.pdbx_phase_error 
_refine_ls_shell.pdbx_fsc_work 
_refine_ls_shell.pdbx_fsc_free 
_refine_ls_shell.R_factor_R_free 
'X-RAY DIFFRACTION' 3.100  3.181  360 . 18 342 100.0000 . 0.263 . . 0.260 . . . . . 0.224 . 20 . 0.952 0.929 0.316 
'X-RAY DIFFRACTION' 3.181  3.267  332 . 14 318 100.0000 . 0.283 . . 0.275 . . . . . 0.241 . 20 . 0.940 0.848 0.495 
'X-RAY DIFFRACTION' 3.267  3.361  329 . 19 310 100.0000 . 0.293 . . 0.288 . . . . . 0.250 . 20 . 0.930 0.908 0.365 
'X-RAY DIFFRACTION' 3.361  3.464  336 . 14 322 100.0000 . 0.264 . . 0.258 . . . . . 0.234 . 20 . 0.942 0.895 0.440 
'X-RAY DIFFRACTION' 3.464  3.577  308 . 13 295 100.0000 . 0.267 . . 0.262 . . . . . 0.234 . 20 . 0.947 0.905 0.353 
'X-RAY DIFFRACTION' 3.577  3.702  316 . 13 303 100.0000 . 0.271 . . 0.268 . . . . . 0.240 . 20 . 0.944 0.942 0.319 
'X-RAY DIFFRACTION' 3.702  3.841  299 . 11 288 100.0000 . 0.232 . . 0.233 . . . . . 0.213 . 20 . 0.962 0.966 0.214 
'X-RAY DIFFRACTION' 3.841  3.996  291 . 25 266 100.0000 . 0.239 . . 0.233 . . . . . 0.207 . 20 . 0.959 0.925 0.323 
'X-RAY DIFFRACTION' 3.996  4.173  272 . 23 249 100.0000 . 0.234 . . 0.223 . . . . . 0.190 . 20 . 0.961 0.942 0.334 
'X-RAY DIFFRACTION' 4.173  4.374  268 . 10 258 100.0000 . 0.194 . . 0.192 . . . . . 0.176 . 20 . 0.975 0.973 0.251 
'X-RAY DIFFRACTION' 4.374  4.609  256 . 16 240 100.0000 . 0.215 . . 0.208 . . . . . 0.186 . 20 . 0.968 0.953 0.294 
'X-RAY DIFFRACTION' 4.609  4.885  242 . 13 229 100.0000 . 0.205 . . 0.199 . . . . . 0.183 . 20 . 0.973 0.921 0.305 
'X-RAY DIFFRACTION' 4.885  5.218  236 . 16 220 100.0000 . 0.215 . . 0.216 . . . . . 0.190 . 20 . 0.967 0.969 0.207 
'X-RAY DIFFRACTION' 5.218  5.630  212 . 10 202 100.0000 . 0.197 . . 0.195 . . . . . 0.169 . 20 . 0.973 0.958 0.260 
'X-RAY DIFFRACTION' 5.630  6.157  198 . 9  189 100.0000 . 0.266 . . 0.269 . . . . . 0.240 . 20 . 0.952 0.975 0.197 
'X-RAY DIFFRACTION' 6.157  6.868  183 . 10 173 100.0000 . 0.278 . . 0.272 . . . . . 0.238 . 20 . 0.954 0.949 0.374 
'X-RAY DIFFRACTION' 6.868  7.900  173 . 8  165 100.0000 . 0.214 . . 0.200 . . . . . 0.189 . 20 . 0.973 0.773 0.794 
'X-RAY DIFFRACTION' 7.900  9.603  145 . 11 133 99.3103  . 0.189 . . 0.192 . . . . . 0.201 . 20 . 0.977 0.975 0.170 
'X-RAY DIFFRACTION' 9.603  13.283 121 . 7  113 99.1736  . 0.201 . . 0.194 . . . . . 0.208 . 20 . 0.977 0.987 0.287 
'X-RAY DIFFRACTION' 13.283 45.147 81  . 1  79  98.7654  . 0.398 . . 0.399 . . . . . 0.412 . 20 . 0.884 0.000 0.123 
# 
_struct.entry_id                     9DT2 
_struct.title                        'Crystal structure of the engineered sulfonylurea repressor EsR (L7-D1), apo form' 
_struct.pdbx_model_details           ? 
_struct.pdbx_formula_weight          ? 
_struct.pdbx_formula_weight_method   ? 
_struct.pdbx_model_type_details      ? 
_struct.pdbx_CASP_flag               N 
# 
_struct_keywords.entry_id        9DT2 
_struct_keywords.text            'engineered, ligand, repressor, transcription, DNA BINDING PROTEIN' 
_struct_keywords.pdbx_keywords   'DNA BINDING PROTEIN' 
# 
_struct_asym.id                            A 
_struct_asym.pdbx_blank_PDB_chainid_flag   N 
_struct_asym.pdbx_modified                 N 
_struct_asym.entity_id                     1 
_struct_asym.details                       ? 
# 
_struct_ref.id                         1 
_struct_ref.db_name                    UNP 
_struct_ref.db_code                    B1VCF0_ECOLX 
_struct_ref.pdbx_db_accession          B1VCF0 
_struct_ref.pdbx_db_isoform            ? 
_struct_ref.entity_id                  1 
_struct_ref.pdbx_seq_one_letter_code   
;MMSRLDKSKVINSALELLNEVGIEGLTTRKLAQKLGVEQPTLYWHVKNKRALLDALAIEMLDRHHTHFCPLEGESWQDFL
RNNAKSFRCALLSHRDGAKVHLGTRPTEKQYETLENQLAFLCQQGFSLENALYALSAVGHFTLGCVLEDQEHQVAKEERE
TPTTDSMPPLLRQAIELFDHQGAEPAFLFGLELIICGLEKQLKCESGS
;
_struct_ref.pdbx_align_begin           1 
# 
_struct_ref_seq.align_id                      1 
_struct_ref_seq.ref_id                        1 
_struct_ref_seq.pdbx_PDB_id_code              9DT2 
_struct_ref_seq.pdbx_strand_id                A 
_struct_ref_seq.seq_align_beg                 1 
_struct_ref_seq.pdbx_seq_align_beg_ins_code   ? 
_struct_ref_seq.seq_align_end                 208 
_struct_ref_seq.pdbx_seq_align_end_ins_code   ? 
_struct_ref_seq.pdbx_db_accession             B1VCF0 
_struct_ref_seq.db_align_beg                  1 
_struct_ref_seq.pdbx_db_align_beg_ins_code    ? 
_struct_ref_seq.db_align_end                  208 
_struct_ref_seq.pdbx_db_align_end_ins_code    ? 
_struct_ref_seq.pdbx_auth_seq_align_beg       1 
_struct_ref_seq.pdbx_auth_seq_align_end       208 
# 
loop_
_struct_ref_seq_dif.align_id 
_struct_ref_seq_dif.pdbx_pdb_id_code 
_struct_ref_seq_dif.mon_id 
_struct_ref_seq_dif.pdbx_pdb_strand_id 
_struct_ref_seq_dif.seq_num 
_struct_ref_seq_dif.pdbx_pdb_ins_code 
_struct_ref_seq_dif.pdbx_seq_db_name 
_struct_ref_seq_dif.pdbx_seq_db_accession_code 
_struct_ref_seq_dif.db_mon_id 
_struct_ref_seq_dif.pdbx_seq_db_seq_num 
_struct_ref_seq_dif.details 
_struct_ref_seq_dif.pdbx_auth_seq_num 
_struct_ref_seq_dif.pdbx_ordinal 
1 9DT2 GLY A 2   ? UNP B1VCF0 MET 2   conflict 2   1  
1 9DT2 MET A 56  ? UNP B1VCF0 LEU 56  conflict 56  2  
1 9DT2 ALA A 65  ? UNP B1VCF0 HIS 65  conflict 65  3  
1 9DT2 TYR A 68  ? UNP B1VCF0 PHE 68  conflict 68  4  
1 9DT2 MET A 87  ? UNP B1VCF0 PHE 87  conflict 87  5  
1 9DT2 CYS A 101 ? UNP B1VCF0 HIS 101 conflict 101 6  
1 9DT2 GLY A 105 ? UNP B1VCF0 ARG 105 conflict 105 7  
1 9DT2 PHE A 106 ? UNP B1VCF0 PRO 106 conflict 106 8  
1 9DT2 GLN A 109 ? UNP B1VCF0 LYS 109 conflict 109 9  
1 9DT2 ALA A 114 ? UNP B1VCF0 LEU 114 conflict 114 10 
1 9DT2 SER A 117 ? UNP B1VCF0 GLN 117 conflict 117 11 
1 9DT2 HIS A 130 ? UNP B1VCF0 ASN 130 conflict 130 12 
1 9DT2 MET A 132 ? UNP B1VCF0 LEU 132 conflict 132 13 
1 9DT2 MET A 135 ? UNP B1VCF0 LEU 135 conflict 135 14 
1 9DT2 GLN A 136 ? UNP B1VCF0 SER 136 conflict 136 15 
1 9DT2 ALA A 138 ? UNP B1VCF0 VAL 138 conflict 138 16 
1 9DT2 ILE A 140 ? UNP B1VCF0 HIS 140 conflict 140 17 
1 9DT2 TYR A 141 ? UNP B1VCF0 PHE 141 conflict 141 18 
1 9DT2 LEU A 148 ? UNP B1VCF0 GLU 148 conflict 148 19 
1 9DT2 LEU A 152 ? UNP B1VCF0 HIS 152 conflict 152 20 
1 9DT2 VAL A 171 ? UNP B1VCF0 LEU 171 conflict 171 21 
1 9DT2 LEU A 175 ? UNP B1VCF0 ILE 175 conflict 175 22 
1 9DT2 LYS A 178 ? UNP B1VCF0 PHE 178 conflict 178 23 
# 
_pdbx_struct_assembly.id                   1 
_pdbx_struct_assembly.details              author_and_software_defined_assembly 
_pdbx_struct_assembly.method_details       PISA 
_pdbx_struct_assembly.oligomeric_details   dimeric 
_pdbx_struct_assembly.oligomeric_count     2 
# 
loop_
_pdbx_struct_assembly_prop.biol_id 
_pdbx_struct_assembly_prop.type 
_pdbx_struct_assembly_prop.value 
_pdbx_struct_assembly_prop.details 
1 'ABSA (A^2)' 4010  ? 
1 MORE         -52   ? 
1 'SSA (A^2)'  17750 ? 
# 
_pdbx_struct_assembly_gen.assembly_id       1 
_pdbx_struct_assembly_gen.oper_expression   1,2 
_pdbx_struct_assembly_gen.asym_id_list      A 
# 
_pdbx_struct_assembly_auth_evidence.id                     1 
_pdbx_struct_assembly_auth_evidence.assembly_id            1 
_pdbx_struct_assembly_auth_evidence.experimental_support   none 
_pdbx_struct_assembly_auth_evidence.details                ? 
# 
loop_
_pdbx_struct_oper_list.id 
_pdbx_struct_oper_list.type 
_pdbx_struct_oper_list.name 
_pdbx_struct_oper_list.symmetry_operation 
_pdbx_struct_oper_list.matrix[1][1] 
_pdbx_struct_oper_list.matrix[1][2] 
_pdbx_struct_oper_list.matrix[1][3] 
_pdbx_struct_oper_list.vector[1] 
_pdbx_struct_oper_list.matrix[2][1] 
_pdbx_struct_oper_list.matrix[2][2] 
_pdbx_struct_oper_list.matrix[2][3] 
_pdbx_struct_oper_list.vector[2] 
_pdbx_struct_oper_list.matrix[3][1] 
_pdbx_struct_oper_list.matrix[3][2] 
_pdbx_struct_oper_list.matrix[3][3] 
_pdbx_struct_oper_list.vector[3] 
1 'identity operation'         1_555 x,y,z        1.0000000000  0.0000000000 0.0000000000 0.0000000000  0.0000000000 1.0000000000  0.0000000000 0.0000000000  0.0000000000 0.0000000000 1.0000000000 0.0000000000   
2 'crystal symmetry operation' 8_554 -y,-x,-z-1/2 -0.8542352868 0.2792769790 0.4385047820 12.3943825529 0.2792769790 -0.4649210413 0.8401504594 10.7037349121 0.4385047820 0.8401504594 0.3191563280 -10.9370993542 
# 
loop_
_struct_conf.conf_type_id 
_struct_conf.id 
_struct_conf.pdbx_PDB_helix_id 
_struct_conf.beg_label_comp_id 
_struct_conf.beg_label_asym_id 
_struct_conf.beg_label_seq_id 
_struct_conf.pdbx_beg_PDB_ins_code 
_struct_conf.end_label_comp_id 
_struct_conf.end_label_asym_id 
_struct_conf.end_label_seq_id 
_struct_conf.pdbx_end_PDB_ins_code 
_struct_conf.beg_auth_comp_id 
_struct_conf.beg_auth_asym_id 
_struct_conf.beg_auth_seq_id 
_struct_conf.end_auth_comp_id 
_struct_conf.end_auth_asym_id 
_struct_conf.end_auth_seq_id 
_struct_conf.pdbx_PDB_helix_class 
_struct_conf.details 
_struct_conf.pdbx_PDB_helix_length 
HELX_P HELX_P1  AA1 ASP A 6   ? GLY A 22  ? ASP A 6   GLY A 22  1 ? 17 
HELX_P HELX_P2  AA2 THR A 27  ? GLY A 36  ? THR A 27  GLY A 36  1 ? 10 
HELX_P HELX_P3  AA3 GLU A 38  ? TYR A 43  ? GLU A 38  TYR A 43  1 ? 6  
HELX_P HELX_P4  AA4 ASN A 48  ? ALA A 65  ? ASN A 48  ALA A 65  1 ? 18 
HELX_P HELX_P5  AA5 TRP A 76  ? SER A 93  ? TRP A 76  SER A 93  1 ? 18 
HELX_P HELX_P6  AA6 ASP A 96  ? GLY A 103 ? ASP A 96  GLY A 103 1 ? 8  
HELX_P HELX_P7  AA7 GLU A 112 ? GLN A 123 ? GLU A 112 GLN A 123 1 ? 12 
HELX_P HELX_P8  AA8 LEU A 128 ? ALA A 155 ? LEU A 128 ALA A 155 1 ? 28 
HELX_P HELX_P9  AA9 PRO A 168 ? GLY A 182 ? PRO A 168 GLY A 182 1 ? 15 
HELX_P HELX_P10 AB1 ALA A 183 ? CYS A 204 ? ALA A 183 CYS A 204 1 ? 22 
# 
_struct_conf_type.id          HELX_P 
_struct_conf_type.criteria    ? 
_struct_conf_type.reference   ? 
# 
_pdbx_entry_details.entry_id                   9DT2 
_pdbx_entry_details.compound_details           ? 
_pdbx_entry_details.source_details             ? 
_pdbx_entry_details.nonpolymer_details         ? 
_pdbx_entry_details.sequence_details           ? 
_pdbx_entry_details.has_ligand_of_interest     ? 
_pdbx_entry_details.has_protein_modification   N 
# 
_pdbx_validate_rmsd_angle.id                         1 
_pdbx_validate_rmsd_angle.PDB_model_num              1 
_pdbx_validate_rmsd_angle.auth_atom_id_1             CG 
_pdbx_validate_rmsd_angle.auth_asym_id_1             A 
_pdbx_validate_rmsd_angle.auth_comp_id_1             MET 
_pdbx_validate_rmsd_angle.auth_seq_id_1              87 
_pdbx_validate_rmsd_angle.PDB_ins_code_1             ? 
_pdbx_validate_rmsd_angle.label_alt_id_1             ? 
_pdbx_validate_rmsd_angle.auth_atom_id_2             SD 
_pdbx_validate_rmsd_angle.auth_asym_id_2             A 
_pdbx_validate_rmsd_angle.auth_comp_id_2             MET 
_pdbx_validate_rmsd_angle.auth_seq_id_2              87 
_pdbx_validate_rmsd_angle.PDB_ins_code_2             ? 
_pdbx_validate_rmsd_angle.label_alt_id_2             ? 
_pdbx_validate_rmsd_angle.auth_atom_id_3             CE 
_pdbx_validate_rmsd_angle.auth_asym_id_3             A 
_pdbx_validate_rmsd_angle.auth_comp_id_3             MET 
_pdbx_validate_rmsd_angle.auth_seq_id_3              87 
_pdbx_validate_rmsd_angle.PDB_ins_code_3             ? 
_pdbx_validate_rmsd_angle.label_alt_id_3             ? 
_pdbx_validate_rmsd_angle.angle_value                110.21 
_pdbx_validate_rmsd_angle.angle_target_value         100.20 
_pdbx_validate_rmsd_angle.angle_deviation            10.01 
_pdbx_validate_rmsd_angle.angle_standard_deviation   1.60 
_pdbx_validate_rmsd_angle.linker_flag                N 
# 
loop_
_pdbx_validate_torsion.id 
_pdbx_validate_torsion.PDB_model_num 
_pdbx_validate_torsion.auth_comp_id 
_pdbx_validate_torsion.auth_asym_id 
_pdbx_validate_torsion.auth_seq_id 
_pdbx_validate_torsion.PDB_ins_code 
_pdbx_validate_torsion.label_alt_id 
_pdbx_validate_torsion.phi 
_pdbx_validate_torsion.psi 
1 1 VAL A 37  ? ? -103.04 -160.31 
2 1 ASN A 48  ? ? -174.83 -175.60 
3 1 ASN A 116 ? ? -38.03  -74.42  
4 1 SER A 117 ? ? -28.44  -53.40  
5 1 PHE A 120 ? ? -34.32  -20.97  
6 1 SER A 127 ? ? -62.91  87.41   
7 1 LEU A 128 ? ? 4.65    -69.56  
8 1 PRO A 168 ? ? -41.43  168.14  
9 1 LEU A 202 ? ? -171.24 -55.12  
# 
_pdbx_validate_planes.id              1 
_pdbx_validate_planes.PDB_model_num   1 
_pdbx_validate_planes.auth_comp_id    ARG 
_pdbx_validate_planes.auth_asym_id    A 
_pdbx_validate_planes.auth_seq_id     88 
_pdbx_validate_planes.PDB_ins_code    ? 
_pdbx_validate_planes.label_alt_id    ? 
_pdbx_validate_planes.rmsd            0.108 
_pdbx_validate_planes.type            'SIDE CHAIN' 
# 
loop_
_pdbx_unobs_or_zero_occ_residues.id 
_pdbx_unobs_or_zero_occ_residues.PDB_model_num 
_pdbx_unobs_or_zero_occ_residues.polymer_flag 
_pdbx_unobs_or_zero_occ_residues.occupancy_flag 
_pdbx_unobs_or_zero_occ_residues.auth_asym_id 
_pdbx_unobs_or_zero_occ_residues.auth_comp_id 
_pdbx_unobs_or_zero_occ_residues.auth_seq_id 
_pdbx_unobs_or_zero_occ_residues.PDB_ins_code 
_pdbx_unobs_or_zero_occ_residues.label_asym_id 
_pdbx_unobs_or_zero_occ_residues.label_comp_id 
_pdbx_unobs_or_zero_occ_residues.label_seq_id 
1  1 Y 1 A MET 1   ? A MET 1   
2  1 Y 1 A GLY 2   ? A GLY 2   
3  1 Y 1 A SER 3   ? A SER 3   
4  1 Y 1 A ARG 4   ? A ARG 4   
5  1 Y 1 A THR 66  ? A THR 66  
6  1 Y 1 A HIS 67  ? A HIS 67  
7  1 Y 1 A TYR 68  ? A TYR 68  
8  1 Y 1 A CYS 69  ? A CYS 69  
9  1 Y 1 A PRO 70  ? A PRO 70  
10 1 Y 1 A LEU 71  ? A LEU 71  
11 1 Y 1 A GLU 72  ? A GLU 72  
12 1 Y 1 A GLY 73  ? A GLY 73  
13 1 Y 1 A GLY 105 ? A GLY 105 
14 1 Y 1 A PHE 106 ? A PHE 106 
15 1 Y 1 A THR 107 ? A THR 107 
16 1 Y 1 A GLU 108 ? A GLU 108 
17 1 Y 1 A GLN 109 ? A GLN 109 
18 1 Y 1 A GLN 110 ? A GLN 110 
19 1 Y 1 A LYS 156 ? A LYS 156 
20 1 Y 1 A GLU 157 ? A GLU 157 
21 1 Y 1 A GLU 158 ? A GLU 158 
22 1 Y 1 A ARG 159 ? A ARG 159 
23 1 Y 1 A GLU 160 ? A GLU 160 
24 1 Y 1 A THR 161 ? A THR 161 
25 1 Y 1 A PRO 162 ? A PRO 162 
26 1 Y 1 A THR 163 ? A THR 163 
27 1 Y 1 A THR 164 ? A THR 164 
28 1 Y 1 A ASP 165 ? A ASP 165 
29 1 Y 1 A SER 166 ? A SER 166 
30 1 Y 1 A GLU 205 ? A GLU 205 
31 1 Y 1 A SER 206 ? A SER 206 
32 1 Y 1 A GLY 207 ? A GLY 207 
33 1 Y 1 A SER 208 ? A SER 208 
# 
loop_
_chem_comp_atom.comp_id 
_chem_comp_atom.atom_id 
_chem_comp_atom.type_symbol 
_chem_comp_atom.pdbx_aromatic_flag 
_chem_comp_atom.pdbx_stereo_config 
_chem_comp_atom.pdbx_ordinal 
ALA N    N N N 1   
ALA CA   C N S 2   
ALA C    C N N 3   
ALA O    O N N 4   
ALA CB   C N N 5   
ALA OXT  O N N 6   
ALA H    H N N 7   
ALA H2   H N N 8   
ALA HA   H N N 9   
ALA HB1  H N N 10  
ALA HB2  H N N 11  
ALA HB3  H N N 12  
ALA HXT  H N N 13  
ARG N    N N N 14  
ARG CA   C N S 15  
ARG C    C N N 16  
ARG O    O N N 17  
ARG CB   C N N 18  
ARG CG   C N N 19  
ARG CD   C N N 20  
ARG NE   N N N 21  
ARG CZ   C N N 22  
ARG NH1  N N N 23  
ARG NH2  N N N 24  
ARG OXT  O N N 25  
ARG H    H N N 26  
ARG H2   H N N 27  
ARG HA   H N N 28  
ARG HB2  H N N 29  
ARG HB3  H N N 30  
ARG HG2  H N N 31  
ARG HG3  H N N 32  
ARG HD2  H N N 33  
ARG HD3  H N N 34  
ARG HE   H N N 35  
ARG HH11 H N N 36  
ARG HH12 H N N 37  
ARG HH21 H N N 38  
ARG HH22 H N N 39  
ARG HXT  H N N 40  
ASN N    N N N 41  
ASN CA   C N S 42  
ASN C    C N N 43  
ASN O    O N N 44  
ASN CB   C N N 45  
ASN CG   C N N 46  
ASN OD1  O N N 47  
ASN ND2  N N N 48  
ASN OXT  O N N 49  
ASN H    H N N 50  
ASN H2   H N N 51  
ASN HA   H N N 52  
ASN HB2  H N N 53  
ASN HB3  H N N 54  
ASN HD21 H N N 55  
ASN HD22 H N N 56  
ASN HXT  H N N 57  
ASP N    N N N 58  
ASP CA   C N S 59  
ASP C    C N N 60  
ASP O    O N N 61  
ASP CB   C N N 62  
ASP CG   C N N 63  
ASP OD1  O N N 64  
ASP OD2  O N N 65  
ASP OXT  O N N 66  
ASP H    H N N 67  
ASP H2   H N N 68  
ASP HA   H N N 69  
ASP HB2  H N N 70  
ASP HB3  H N N 71  
ASP HD2  H N N 72  
ASP HXT  H N N 73  
CYS N    N N N 74  
CYS CA   C N R 75  
CYS C    C N N 76  
CYS O    O N N 77  
CYS CB   C N N 78  
CYS SG   S N N 79  
CYS OXT  O N N 80  
CYS H    H N N 81  
CYS H2   H N N 82  
CYS HA   H N N 83  
CYS HB2  H N N 84  
CYS HB3  H N N 85  
CYS HG   H N N 86  
CYS HXT  H N N 87  
GLN N    N N N 88  
GLN CA   C N S 89  
GLN C    C N N 90  
GLN O    O N N 91  
GLN CB   C N N 92  
GLN CG   C N N 93  
GLN CD   C N N 94  
GLN OE1  O N N 95  
GLN NE2  N N N 96  
GLN OXT  O N N 97  
GLN H    H N N 98  
GLN H2   H N N 99  
GLN HA   H N N 100 
GLN HB2  H N N 101 
GLN HB3  H N N 102 
GLN HG2  H N N 103 
GLN HG3  H N N 104 
GLN HE21 H N N 105 
GLN HE22 H N N 106 
GLN HXT  H N N 107 
GLU N    N N N 108 
GLU CA   C N S 109 
GLU C    C N N 110 
GLU O    O N N 111 
GLU CB   C N N 112 
GLU CG   C N N 113 
GLU CD   C N N 114 
GLU OE1  O N N 115 
GLU OE2  O N N 116 
GLU OXT  O N N 117 
GLU H    H N N 118 
GLU H2   H N N 119 
GLU HA   H N N 120 
GLU HB2  H N N 121 
GLU HB3  H N N 122 
GLU HG2  H N N 123 
GLU HG3  H N N 124 
GLU HE2  H N N 125 
GLU HXT  H N N 126 
GLY N    N N N 127 
GLY CA   C N N 128 
GLY C    C N N 129 
GLY O    O N N 130 
GLY OXT  O N N 131 
GLY H    H N N 132 
GLY H2   H N N 133 
GLY HA2  H N N 134 
GLY HA3  H N N 135 
GLY HXT  H N N 136 
HIS N    N N N 137 
HIS CA   C N S 138 
HIS C    C N N 139 
HIS O    O N N 140 
HIS CB   C N N 141 
HIS CG   C Y N 142 
HIS ND1  N Y N 143 
HIS CD2  C Y N 144 
HIS CE1  C Y N 145 
HIS NE2  N Y N 146 
HIS OXT  O N N 147 
HIS H    H N N 148 
HIS H2   H N N 149 
HIS HA   H N N 150 
HIS HB2  H N N 151 
HIS HB3  H N N 152 
HIS HD1  H N N 153 
HIS HD2  H N N 154 
HIS HE1  H N N 155 
HIS HE2  H N N 156 
HIS HXT  H N N 157 
ILE N    N N N 158 
ILE CA   C N S 159 
ILE C    C N N 160 
ILE O    O N N 161 
ILE CB   C N S 162 
ILE CG1  C N N 163 
ILE CG2  C N N 164 
ILE CD1  C N N 165 
ILE OXT  O N N 166 
ILE H    H N N 167 
ILE H2   H N N 168 
ILE HA   H N N 169 
ILE HB   H N N 170 
ILE HG12 H N N 171 
ILE HG13 H N N 172 
ILE HG21 H N N 173 
ILE HG22 H N N 174 
ILE HG23 H N N 175 
ILE HD11 H N N 176 
ILE HD12 H N N 177 
ILE HD13 H N N 178 
ILE HXT  H N N 179 
LEU N    N N N 180 
LEU CA   C N S 181 
LEU C    C N N 182 
LEU O    O N N 183 
LEU CB   C N N 184 
LEU CG   C N N 185 
LEU CD1  C N N 186 
LEU CD2  C N N 187 
LEU OXT  O N N 188 
LEU H    H N N 189 
LEU H2   H N N 190 
LEU HA   H N N 191 
LEU HB2  H N N 192 
LEU HB3  H N N 193 
LEU HG   H N N 194 
LEU HD11 H N N 195 
LEU HD12 H N N 196 
LEU HD13 H N N 197 
LEU HD21 H N N 198 
LEU HD22 H N N 199 
LEU HD23 H N N 200 
LEU HXT  H N N 201 
LYS N    N N N 202 
LYS CA   C N S 203 
LYS C    C N N 204 
LYS O    O N N 205 
LYS CB   C N N 206 
LYS CG   C N N 207 
LYS CD   C N N 208 
LYS CE   C N N 209 
LYS NZ   N N N 210 
LYS OXT  O N N 211 
LYS H    H N N 212 
LYS H2   H N N 213 
LYS HA   H N N 214 
LYS HB2  H N N 215 
LYS HB3  H N N 216 
LYS HG2  H N N 217 
LYS HG3  H N N 218 
LYS HD2  H N N 219 
LYS HD3  H N N 220 
LYS HE2  H N N 221 
LYS HE3  H N N 222 
LYS HZ1  H N N 223 
LYS HZ2  H N N 224 
LYS HZ3  H N N 225 
LYS HXT  H N N 226 
MET N    N N N 227 
MET CA   C N S 228 
MET C    C N N 229 
MET O    O N N 230 
MET CB   C N N 231 
MET CG   C N N 232 
MET SD   S N N 233 
MET CE   C N N 234 
MET OXT  O N N 235 
MET H    H N N 236 
MET H2   H N N 237 
MET HA   H N N 238 
MET HB2  H N N 239 
MET HB3  H N N 240 
MET HG2  H N N 241 
MET HG3  H N N 242 
MET HE1  H N N 243 
MET HE2  H N N 244 
MET HE3  H N N 245 
MET HXT  H N N 246 
PHE N    N N N 247 
PHE CA   C N S 248 
PHE C    C N N 249 
PHE O    O N N 250 
PHE CB   C N N 251 
PHE CG   C Y N 252 
PHE CD1  C Y N 253 
PHE CD2  C Y N 254 
PHE CE1  C Y N 255 
PHE CE2  C Y N 256 
PHE CZ   C Y N 257 
PHE OXT  O N N 258 
PHE H    H N N 259 
PHE H2   H N N 260 
PHE HA   H N N 261 
PHE HB2  H N N 262 
PHE HB3  H N N 263 
PHE HD1  H N N 264 
PHE HD2  H N N 265 
PHE HE1  H N N 266 
PHE HE2  H N N 267 
PHE HZ   H N N 268 
PHE HXT  H N N 269 
PRO N    N N N 270 
PRO CA   C N S 271 
PRO C    C N N 272 
PRO O    O N N 273 
PRO CB   C N N 274 
PRO CG   C N N 275 
PRO CD   C N N 276 
PRO OXT  O N N 277 
PRO H    H N N 278 
PRO HA   H N N 279 
PRO HB2  H N N 280 
PRO HB3  H N N 281 
PRO HG2  H N N 282 
PRO HG3  H N N 283 
PRO HD2  H N N 284 
PRO HD3  H N N 285 
PRO HXT  H N N 286 
SER N    N N N 287 
SER CA   C N S 288 
SER C    C N N 289 
SER O    O N N 290 
SER CB   C N N 291 
SER OG   O N N 292 
SER OXT  O N N 293 
SER H    H N N 294 
SER H2   H N N 295 
SER HA   H N N 296 
SER HB2  H N N 297 
SER HB3  H N N 298 
SER HG   H N N 299 
SER HXT  H N N 300 
THR N    N N N 301 
THR CA   C N S 302 
THR C    C N N 303 
THR O    O N N 304 
THR CB   C N R 305 
THR OG1  O N N 306 
THR CG2  C N N 307 
THR OXT  O N N 308 
THR H    H N N 309 
THR H2   H N N 310 
THR HA   H N N 311 
THR HB   H N N 312 
THR HG1  H N N 313 
THR HG21 H N N 314 
THR HG22 H N N 315 
THR HG23 H N N 316 
THR HXT  H N N 317 
TRP N    N N N 318 
TRP CA   C N S 319 
TRP C    C N N 320 
TRP O    O N N 321 
TRP CB   C N N 322 
TRP CG   C Y N 323 
TRP CD1  C Y N 324 
TRP CD2  C Y N 325 
TRP NE1  N Y N 326 
TRP CE2  C Y N 327 
TRP CE3  C Y N 328 
TRP CZ2  C Y N 329 
TRP CZ3  C Y N 330 
TRP CH2  C Y N 331 
TRP OXT  O N N 332 
TRP H    H N N 333 
TRP H2   H N N 334 
TRP HA   H N N 335 
TRP HB2  H N N 336 
TRP HB3  H N N 337 
TRP HD1  H N N 338 
TRP HE1  H N N 339 
TRP HE3  H N N 340 
TRP HZ2  H N N 341 
TRP HZ3  H N N 342 
TRP HH2  H N N 343 
TRP HXT  H N N 344 
TYR N    N N N 345 
TYR CA   C N S 346 
TYR C    C N N 347 
TYR O    O N N 348 
TYR CB   C N N 349 
TYR CG   C Y N 350 
TYR CD1  C Y N 351 
TYR CD2  C Y N 352 
TYR CE1  C Y N 353 
TYR CE2  C Y N 354 
TYR CZ   C Y N 355 
TYR OH   O N N 356 
TYR OXT  O N N 357 
TYR H    H N N 358 
TYR H2   H N N 359 
TYR HA   H N N 360 
TYR HB2  H N N 361 
TYR HB3  H N N 362 
TYR HD1  H N N 363 
TYR HD2  H N N 364 
TYR HE1  H N N 365 
TYR HE2  H N N 366 
TYR HH   H N N 367 
TYR HXT  H N N 368 
VAL N    N N N 369 
VAL CA   C N S 370 
VAL C    C N N 371 
VAL O    O N N 372 
VAL CB   C N N 373 
VAL CG1  C N N 374 
VAL CG2  C N N 375 
VAL OXT  O N N 376 
VAL H    H N N 377 
VAL H2   H N N 378 
VAL HA   H N N 379 
VAL HB   H N N 380 
VAL HG11 H N N 381 
VAL HG12 H N N 382 
VAL HG13 H N N 383 
VAL HG21 H N N 384 
VAL HG22 H N N 385 
VAL HG23 H N N 386 
VAL HXT  H N N 387 
# 
loop_
_chem_comp_bond.comp_id 
_chem_comp_bond.atom_id_1 
_chem_comp_bond.atom_id_2 
_chem_comp_bond.value_order 
_chem_comp_bond.pdbx_aromatic_flag 
_chem_comp_bond.pdbx_stereo_config 
_chem_comp_bond.pdbx_ordinal 
ALA N   CA   sing N N 1   
ALA N   H    sing N N 2   
ALA N   H2   sing N N 3   
ALA CA  C    sing N N 4   
ALA CA  CB   sing N N 5   
ALA CA  HA   sing N N 6   
ALA C   O    doub N N 7   
ALA C   OXT  sing N N 8   
ALA CB  HB1  sing N N 9   
ALA CB  HB2  sing N N 10  
ALA CB  HB3  sing N N 11  
ALA OXT HXT  sing N N 12  
ARG N   CA   sing N N 13  
ARG N   H    sing N N 14  
ARG N   H2   sing N N 15  
ARG CA  C    sing N N 16  
ARG CA  CB   sing N N 17  
ARG CA  HA   sing N N 18  
ARG C   O    doub N N 19  
ARG C   OXT  sing N N 20  
ARG CB  CG   sing N N 21  
ARG CB  HB2  sing N N 22  
ARG CB  HB3  sing N N 23  
ARG CG  CD   sing N N 24  
ARG CG  HG2  sing N N 25  
ARG CG  HG3  sing N N 26  
ARG CD  NE   sing N N 27  
ARG CD  HD2  sing N N 28  
ARG CD  HD3  sing N N 29  
ARG NE  CZ   sing N N 30  
ARG NE  HE   sing N N 31  
ARG CZ  NH1  sing N N 32  
ARG CZ  NH2  doub N N 33  
ARG NH1 HH11 sing N N 34  
ARG NH1 HH12 sing N N 35  
ARG NH2 HH21 sing N N 36  
ARG NH2 HH22 sing N N 37  
ARG OXT HXT  sing N N 38  
ASN N   CA   sing N N 39  
ASN N   H    sing N N 40  
ASN N   H2   sing N N 41  
ASN CA  C    sing N N 42  
ASN CA  CB   sing N N 43  
ASN CA  HA   sing N N 44  
ASN C   O    doub N N 45  
ASN C   OXT  sing N N 46  
ASN CB  CG   sing N N 47  
ASN CB  HB2  sing N N 48  
ASN CB  HB3  sing N N 49  
ASN CG  OD1  doub N N 50  
ASN CG  ND2  sing N N 51  
ASN ND2 HD21 sing N N 52  
ASN ND2 HD22 sing N N 53  
ASN OXT HXT  sing N N 54  
ASP N   CA   sing N N 55  
ASP N   H    sing N N 56  
ASP N   H2   sing N N 57  
ASP CA  C    sing N N 58  
ASP CA  CB   sing N N 59  
ASP CA  HA   sing N N 60  
ASP C   O    doub N N 61  
ASP C   OXT  sing N N 62  
ASP CB  CG   sing N N 63  
ASP CB  HB2  sing N N 64  
ASP CB  HB3  sing N N 65  
ASP CG  OD1  doub N N 66  
ASP CG  OD2  sing N N 67  
ASP OD2 HD2  sing N N 68  
ASP OXT HXT  sing N N 69  
CYS N   CA   sing N N 70  
CYS N   H    sing N N 71  
CYS N   H2   sing N N 72  
CYS CA  C    sing N N 73  
CYS CA  CB   sing N N 74  
CYS CA  HA   sing N N 75  
CYS C   O    doub N N 76  
CYS C   OXT  sing N N 77  
CYS CB  SG   sing N N 78  
CYS CB  HB2  sing N N 79  
CYS CB  HB3  sing N N 80  
CYS SG  HG   sing N N 81  
CYS OXT HXT  sing N N 82  
GLN N   CA   sing N N 83  
GLN N   H    sing N N 84  
GLN N   H2   sing N N 85  
GLN CA  C    sing N N 86  
GLN CA  CB   sing N N 87  
GLN CA  HA   sing N N 88  
GLN C   O    doub N N 89  
GLN C   OXT  sing N N 90  
GLN CB  CG   sing N N 91  
GLN CB  HB2  sing N N 92  
GLN CB  HB3  sing N N 93  
GLN CG  CD   sing N N 94  
GLN CG  HG2  sing N N 95  
GLN CG  HG3  sing N N 96  
GLN CD  OE1  doub N N 97  
GLN CD  NE2  sing N N 98  
GLN NE2 HE21 sing N N 99  
GLN NE2 HE22 sing N N 100 
GLN OXT HXT  sing N N 101 
GLU N   CA   sing N N 102 
GLU N   H    sing N N 103 
GLU N   H2   sing N N 104 
GLU CA  C    sing N N 105 
GLU CA  CB   sing N N 106 
GLU CA  HA   sing N N 107 
GLU C   O    doub N N 108 
GLU C   OXT  sing N N 109 
GLU CB  CG   sing N N 110 
GLU CB  HB2  sing N N 111 
GLU CB  HB3  sing N N 112 
GLU CG  CD   sing N N 113 
GLU CG  HG2  sing N N 114 
GLU CG  HG3  sing N N 115 
GLU CD  OE1  doub N N 116 
GLU CD  OE2  sing N N 117 
GLU OE2 HE2  sing N N 118 
GLU OXT HXT  sing N N 119 
GLY N   CA   sing N N 120 
GLY N   H    sing N N 121 
GLY N   H2   sing N N 122 
GLY CA  C    sing N N 123 
GLY CA  HA2  sing N N 124 
GLY CA  HA3  sing N N 125 
GLY C   O    doub N N 126 
GLY C   OXT  sing N N 127 
GLY OXT HXT  sing N N 128 
HIS N   CA   sing N N 129 
HIS N   H    sing N N 130 
HIS N   H2   sing N N 131 
HIS CA  C    sing N N 132 
HIS CA  CB   sing N N 133 
HIS CA  HA   sing N N 134 
HIS C   O    doub N N 135 
HIS C   OXT  sing N N 136 
HIS CB  CG   sing N N 137 
HIS CB  HB2  sing N N 138 
HIS CB  HB3  sing N N 139 
HIS CG  ND1  sing Y N 140 
HIS CG  CD2  doub Y N 141 
HIS ND1 CE1  doub Y N 142 
HIS ND1 HD1  sing N N 143 
HIS CD2 NE2  sing Y N 144 
HIS CD2 HD2  sing N N 145 
HIS CE1 NE2  sing Y N 146 
HIS CE1 HE1  sing N N 147 
HIS NE2 HE2  sing N N 148 
HIS OXT HXT  sing N N 149 
ILE N   CA   sing N N 150 
ILE N   H    sing N N 151 
ILE N   H2   sing N N 152 
ILE CA  C    sing N N 153 
ILE CA  CB   sing N N 154 
ILE CA  HA   sing N N 155 
ILE C   O    doub N N 156 
ILE C   OXT  sing N N 157 
ILE CB  CG1  sing N N 158 
ILE CB  CG2  sing N N 159 
ILE CB  HB   sing N N 160 
ILE CG1 CD1  sing N N 161 
ILE CG1 HG12 sing N N 162 
ILE CG1 HG13 sing N N 163 
ILE CG2 HG21 sing N N 164 
ILE CG2 HG22 sing N N 165 
ILE CG2 HG23 sing N N 166 
ILE CD1 HD11 sing N N 167 
ILE CD1 HD12 sing N N 168 
ILE CD1 HD13 sing N N 169 
ILE OXT HXT  sing N N 170 
LEU N   CA   sing N N 171 
LEU N   H    sing N N 172 
LEU N   H2   sing N N 173 
LEU CA  C    sing N N 174 
LEU CA  CB   sing N N 175 
LEU CA  HA   sing N N 176 
LEU C   O    doub N N 177 
LEU C   OXT  sing N N 178 
LEU CB  CG   sing N N 179 
LEU CB  HB2  sing N N 180 
LEU CB  HB3  sing N N 181 
LEU CG  CD1  sing N N 182 
LEU CG  CD2  sing N N 183 
LEU CG  HG   sing N N 184 
LEU CD1 HD11 sing N N 185 
LEU CD1 HD12 sing N N 186 
LEU CD1 HD13 sing N N 187 
LEU CD2 HD21 sing N N 188 
LEU CD2 HD22 sing N N 189 
LEU CD2 HD23 sing N N 190 
LEU OXT HXT  sing N N 191 
LYS N   CA   sing N N 192 
LYS N   H    sing N N 193 
LYS N   H2   sing N N 194 
LYS CA  C    sing N N 195 
LYS CA  CB   sing N N 196 
LYS CA  HA   sing N N 197 
LYS C   O    doub N N 198 
LYS C   OXT  sing N N 199 
LYS CB  CG   sing N N 200 
LYS CB  HB2  sing N N 201 
LYS CB  HB3  sing N N 202 
LYS CG  CD   sing N N 203 
LYS CG  HG2  sing N N 204 
LYS CG  HG3  sing N N 205 
LYS CD  CE   sing N N 206 
LYS CD  HD2  sing N N 207 
LYS CD  HD3  sing N N 208 
LYS CE  NZ   sing N N 209 
LYS CE  HE2  sing N N 210 
LYS CE  HE3  sing N N 211 
LYS NZ  HZ1  sing N N 212 
LYS NZ  HZ2  sing N N 213 
LYS NZ  HZ3  sing N N 214 
LYS OXT HXT  sing N N 215 
MET N   CA   sing N N 216 
MET N   H    sing N N 217 
MET N   H2   sing N N 218 
MET CA  C    sing N N 219 
MET CA  CB   sing N N 220 
MET CA  HA   sing N N 221 
MET C   O    doub N N 222 
MET C   OXT  sing N N 223 
MET CB  CG   sing N N 224 
MET CB  HB2  sing N N 225 
MET CB  HB3  sing N N 226 
MET CG  SD   sing N N 227 
MET CG  HG2  sing N N 228 
MET CG  HG3  sing N N 229 
MET SD  CE   sing N N 230 
MET CE  HE1  sing N N 231 
MET CE  HE2  sing N N 232 
MET CE  HE3  sing N N 233 
MET OXT HXT  sing N N 234 
PHE N   CA   sing N N 235 
PHE N   H    sing N N 236 
PHE N   H2   sing N N 237 
PHE CA  C    sing N N 238 
PHE CA  CB   sing N N 239 
PHE CA  HA   sing N N 240 
PHE C   O    doub N N 241 
PHE C   OXT  sing N N 242 
PHE CB  CG   sing N N 243 
PHE CB  HB2  sing N N 244 
PHE CB  HB3  sing N N 245 
PHE CG  CD1  doub Y N 246 
PHE CG  CD2  sing Y N 247 
PHE CD1 CE1  sing Y N 248 
PHE CD1 HD1  sing N N 249 
PHE CD2 CE2  doub Y N 250 
PHE CD2 HD2  sing N N 251 
PHE CE1 CZ   doub Y N 252 
PHE CE1 HE1  sing N N 253 
PHE CE2 CZ   sing Y N 254 
PHE CE2 HE2  sing N N 255 
PHE CZ  HZ   sing N N 256 
PHE OXT HXT  sing N N 257 
PRO N   CA   sing N N 258 
PRO N   CD   sing N N 259 
PRO N   H    sing N N 260 
PRO CA  C    sing N N 261 
PRO CA  CB   sing N N 262 
PRO CA  HA   sing N N 263 
PRO C   O    doub N N 264 
PRO C   OXT  sing N N 265 
PRO CB  CG   sing N N 266 
PRO CB  HB2  sing N N 267 
PRO CB  HB3  sing N N 268 
PRO CG  CD   sing N N 269 
PRO CG  HG2  sing N N 270 
PRO CG  HG3  sing N N 271 
PRO CD  HD2  sing N N 272 
PRO CD  HD3  sing N N 273 
PRO OXT HXT  sing N N 274 
SER N   CA   sing N N 275 
SER N   H    sing N N 276 
SER N   H2   sing N N 277 
SER CA  C    sing N N 278 
SER CA  CB   sing N N 279 
SER CA  HA   sing N N 280 
SER C   O    doub N N 281 
SER C   OXT  sing N N 282 
SER CB  OG   sing N N 283 
SER CB  HB2  sing N N 284 
SER CB  HB3  sing N N 285 
SER OG  HG   sing N N 286 
SER OXT HXT  sing N N 287 
THR N   CA   sing N N 288 
THR N   H    sing N N 289 
THR N   H2   sing N N 290 
THR CA  C    sing N N 291 
THR CA  CB   sing N N 292 
THR CA  HA   sing N N 293 
THR C   O    doub N N 294 
THR C   OXT  sing N N 295 
THR CB  OG1  sing N N 296 
THR CB  CG2  sing N N 297 
THR CB  HB   sing N N 298 
THR OG1 HG1  sing N N 299 
THR CG2 HG21 sing N N 300 
THR CG2 HG22 sing N N 301 
THR CG2 HG23 sing N N 302 
THR OXT HXT  sing N N 303 
TRP N   CA   sing N N 304 
TRP N   H    sing N N 305 
TRP N   H2   sing N N 306 
TRP CA  C    sing N N 307 
TRP CA  CB   sing N N 308 
TRP CA  HA   sing N N 309 
TRP C   O    doub N N 310 
TRP C   OXT  sing N N 311 
TRP CB  CG   sing N N 312 
TRP CB  HB2  sing N N 313 
TRP CB  HB3  sing N N 314 
TRP CG  CD1  doub Y N 315 
TRP CG  CD2  sing Y N 316 
TRP CD1 NE1  sing Y N 317 
TRP CD1 HD1  sing N N 318 
TRP CD2 CE2  doub Y N 319 
TRP CD2 CE3  sing Y N 320 
TRP NE1 CE2  sing Y N 321 
TRP NE1 HE1  sing N N 322 
TRP CE2 CZ2  sing Y N 323 
TRP CE3 CZ3  doub Y N 324 
TRP CE3 HE3  sing N N 325 
TRP CZ2 CH2  doub Y N 326 
TRP CZ2 HZ2  sing N N 327 
TRP CZ3 CH2  sing Y N 328 
TRP CZ3 HZ3  sing N N 329 
TRP CH2 HH2  sing N N 330 
TRP OXT HXT  sing N N 331 
TYR N   CA   sing N N 332 
TYR N   H    sing N N 333 
TYR N   H2   sing N N 334 
TYR CA  C    sing N N 335 
TYR CA  CB   sing N N 336 
TYR CA  HA   sing N N 337 
TYR C   O    doub N N 338 
TYR C   OXT  sing N N 339 
TYR CB  CG   sing N N 340 
TYR CB  HB2  sing N N 341 
TYR CB  HB3  sing N N 342 
TYR CG  CD1  doub Y N 343 
TYR CG  CD2  sing Y N 344 
TYR CD1 CE1  sing Y N 345 
TYR CD1 HD1  sing N N 346 
TYR CD2 CE2  doub Y N 347 
TYR CD2 HD2  sing N N 348 
TYR CE1 CZ   doub Y N 349 
TYR CE1 HE1  sing N N 350 
TYR CE2 CZ   sing Y N 351 
TYR CE2 HE2  sing N N 352 
TYR CZ  OH   sing N N 353 
TYR OH  HH   sing N N 354 
TYR OXT HXT  sing N N 355 
VAL N   CA   sing N N 356 
VAL N   H    sing N N 357 
VAL N   H2   sing N N 358 
VAL CA  C    sing N N 359 
VAL CA  CB   sing N N 360 
VAL CA  HA   sing N N 361 
VAL C   O    doub N N 362 
VAL C   OXT  sing N N 363 
VAL CB  CG1  sing N N 364 
VAL CB  CG2  sing N N 365 
VAL CB  HB   sing N N 366 
VAL CG1 HG11 sing N N 367 
VAL CG1 HG12 sing N N 368 
VAL CG1 HG13 sing N N 369 
VAL CG2 HG21 sing N N 370 
VAL CG2 HG22 sing N N 371 
VAL CG2 HG23 sing N N 372 
VAL OXT HXT  sing N N 373 
# 
_pdbx_audit_support.funding_organization   'Howard Hughes Medical Institute (HHMI)' 
_pdbx_audit_support.country                'United States' 
_pdbx_audit_support.grant_number           ? 
_pdbx_audit_support.ordinal                1 
# 
_pdbx_initial_refinement_model.id               1 
_pdbx_initial_refinement_model.entity_id_list   ? 
_pdbx_initial_refinement_model.type             'experimental model' 
_pdbx_initial_refinement_model.source_name      PDB 
_pdbx_initial_refinement_model.accession_code   2NS8 
_pdbx_initial_refinement_model.details          ? 
# 
_atom_sites.entry_id                    9DT2 
_atom_sites.Cartn_transf_matrix[1][1]   ? 
_atom_sites.Cartn_transf_matrix[1][2]   ? 
_atom_sites.Cartn_transf_matrix[1][3]   ? 
_atom_sites.Cartn_transf_matrix[2][1]   ? 
_atom_sites.Cartn_transf_matrix[2][2]   ? 
_atom_sites.Cartn_transf_matrix[2][3]   ? 
_atom_sites.Cartn_transf_matrix[3][1]   ? 
_atom_sites.Cartn_transf_matrix[3][2]   ? 
_atom_sites.Cartn_transf_matrix[3][3]   ? 
_atom_sites.Cartn_transf_vector[1]      ? 
_atom_sites.Cartn_transf_vector[2]      ? 
_atom_sites.Cartn_transf_vector[3]      ? 
_atom_sites.Cartn_transform_axes        ? 
_atom_sites.fract_transf_matrix[1][1]   0.00439630 
_atom_sites.fract_transf_matrix[1][2]   -0.00064462 
_atom_sites.fract_transf_matrix[1][3]   -0.01307039 
_atom_sites.fract_transf_matrix[2][1]   0.00966693 
_atom_sites.fract_transf_matrix[2][2]   0.00945361 
_atom_sites.fract_transf_matrix[2][3]   0.00278528 
_atom_sites.fract_transf_matrix[3][1]   0.00671201 
_atom_sites.fract_transf_matrix[3][2]   -0.00763963 
_atom_sites.fract_transf_matrix[3][3]   0.00263440 
_atom_sites.fract_transf_vector[1]      -0.228183 
_atom_sites.fract_transf_vector[2]      0.037641 
_atom_sites.fract_transf_vector[3]      -0.236296 
_atom_sites.solution_primary            ? 
_atom_sites.solution_secondary          ? 
_atom_sites.solution_hydrogens          ? 
_atom_sites.special_details             ? 
# 
loop_
_atom_type.symbol 
_atom_type.pdbx_scat_Z 
_atom_type.pdbx_N_electrons 
_atom_type.scat_Cromer_Mann_a1 
_atom_type.scat_Cromer_Mann_b1 
_atom_type.scat_Cromer_Mann_a2 
_atom_type.scat_Cromer_Mann_b2 
_atom_type.scat_Cromer_Mann_a3 
_atom_type.scat_Cromer_Mann_b3 
_atom_type.scat_Cromer_Mann_a4 
_atom_type.scat_Cromer_Mann_b4 
_atom_type.scat_Cromer_Mann_c 
C 6  6  2.3103  20.8439 1.0201 10.2075 1.5888 0.5687  0.8651 51.6512 0.2156   
H 1  1  0.4930  10.5109 0.3229 26.1257 0.1402 3.1424  0.0408 57.7997 0.0030   
N 7  7  12.2220 0.0057  3.1346 9.8933  2.0141 28.9975 1.1672 0.5826  -11.5379 
O 8  8  3.0487  13.2771 2.2870 5.7011  1.5464 0.3239  0.8671 32.9089 0.2508   
S 16 16 6.9054  1.4679  5.2035 22.2151 1.4379 0.2536  1.5863 56.1720 1.0555   
# 
loop_
_atom_site.group_PDB 
_atom_site.id 
_atom_site.type_symbol 
_atom_site.label_atom_id 
_atom_site.label_alt_id 
_atom_site.label_comp_id 
_atom_site.label_asym_id 
_atom_site.label_entity_id 
_atom_site.label_seq_id 
_atom_site.pdbx_PDB_ins_code 
_atom_site.Cartn_x 
_atom_site.Cartn_y 
_atom_site.Cartn_z 
_atom_site.occupancy 
_atom_site.B_iso_or_equiv 
_atom_site.pdbx_formal_charge 
_atom_site.auth_seq_id 
_atom_site.auth_comp_id 
_atom_site.auth_asym_id 
_atom_site.auth_atom_id 
_atom_site.pdbx_PDB_model_num 
_atom_site.calc_flag 
ATOM 1    N N   . LEU A 1 5   ? -3.347  -2.842  28.723  1.000 81.706  0 5   LEU A N   1 ? 
ATOM 2    C CA  . LEU A 1 5   ? -2.693  -2.440  27.448  1.000 71.949  0 5   LEU A CA  1 ? 
ATOM 3    C C   . LEU A 1 5   ? -2.119  -3.679  26.759  1.000 65.922  0 5   LEU A C   1 ? 
ATOM 4    O O   . LEU A 1 5   ? -1.059  -4.177  27.152  1.000 60.564  0 5   LEU A O   1 ? 
ATOM 5    C CB  . LEU A 1 5   ? -1.607  -1.413  27.773  1.000 71.630  0 5   LEU A CB  1 ? 
ATOM 6    C CG  . LEU A 1 5   ? -1.065  -0.592  26.598  1.000 77.776  0 5   LEU A CG  1 ? 
ATOM 7    C CD1 . LEU A 1 5   ? -1.939  0.617   26.344  1.000 76.969  0 5   LEU A CD1 1 ? 
ATOM 8    C CD2 . LEU A 1 5   ? 0.386   -0.152  26.807  1.000 86.597  0 5   LEU A CD2 1 ? 
ATOM 9    N N   . ASP A 1 6   ? -2.834  -4.189  25.745  1.000 63.692  0 6   ASP A N   1 ? 
ATOM 10   C CA  . ASP A 1 6   ? -2.274  -5.199  24.857  1.000 66.616  0 6   ASP A CA  1 ? 
ATOM 11   C C   . ASP A 1 6   ? -1.610  -4.484  23.689  1.000 74.942  0 6   ASP A C   1 ? 
ATOM 12   O O   . ASP A 1 6   ? -1.688  -3.263  23.596  1.000 78.605  0 6   ASP A O   1 ? 
ATOM 13   C CB  . ASP A 1 6   ? -3.299  -6.211  24.367  1.000 67.612  0 6   ASP A CB  1 ? 
ATOM 14   C CG  . ASP A 1 6   ? -4.298  -5.744  23.314  1.000 68.600  0 6   ASP A CG  1 ? 
ATOM 15   O OD1 . ASP A 1 6   ? -4.586  -4.536  23.260  1.000 69.357  0 6   ASP A OD1 1 ? 
ATOM 16   O OD2 . ASP A 1 6   ? -4.770  -6.599  22.532  1.000 70.523  0 6   ASP A OD2 1 ? 
ATOM 17   N N   . LYS A 1 7   ? -0.982  -5.252  22.792  1.000 84.537  0 7   LYS A N   1 ? 
ATOM 18   C CA  . LYS A 1 7   ? -0.277  -4.679  21.652  1.000 80.565  0 7   LYS A CA  1 ? 
ATOM 19   C C   . LYS A 1 7   ? -1.264  -4.137  20.619  1.000 73.008  0 7   LYS A C   1 ? 
ATOM 20   O O   . LYS A 1 7   ? -1.024  -3.102  19.998  1.000 75.944  0 7   LYS A O   1 ? 
ATOM 21   C CB  . LYS A 1 7   ? 0.666   -5.697  21.001  1.000 77.856  0 7   LYS A CB  1 ? 
ATOM 22   C CG  . LYS A 1 7   ? 1.556   -5.064  19.962  1.000 72.987  0 7   LYS A CG  1 ? 
ATOM 23   C CD  . LYS A 1 7   ? 2.556   -6.023  19.357  1.000 76.600  0 7   LYS A CD  1 ? 
ATOM 24   C CE  . LYS A 1 7   ? 3.230   -5.401  18.183  1.000 81.671  0 7   LYS A CE  1 ? 
ATOM 25   N NZ  . LYS A 1 7   ? 3.338   -6.370  17.090  1.000 88.483  0 7   LYS A NZ  1 ? 
ATOM 26   N N   . SER A 1 8   ? -2.375  -4.846  20.430  1.000 67.406  0 8   SER A N   1 ? 
ATOM 27   C CA  . SER A 1 8   ? -3.442  -4.348  19.585  1.000 69.098  0 8   SER A CA  1 ? 
ATOM 28   C C   . SER A 1 8   ? -3.787  -2.900  19.929  1.000 63.118  0 8   SER A C   1 ? 
ATOM 29   O O   . SER A 1 8   ? -3.923  -2.051  19.052  1.000 51.926  0 8   SER A O   1 ? 
ATOM 30   C CB  . SER A 1 8   ? -4.650  -5.203  19.718  1.000 71.366  0 8   SER A CB  1 ? 
ATOM 31   O OG  . SER A 1 8   ? -5.598  -4.800  18.745  1.000 77.438  0 8   SER A OG  1 ? 
ATOM 32   N N   . LYS A 1 9   ? -3.946  -2.627  21.223  1.000 65.150  0 9   LYS A N   1 ? 
ATOM 33   C CA  . LYS A 1 9   ? -4.405  -1.326  21.677  1.000 72.651  0 9   LYS A CA  1 ? 
ATOM 34   C C   . LYS A 1 9   ? -3.422  -0.244  21.223  1.000 61.143  0 9   LYS A C   1 ? 
ATOM 35   O O   . LYS A 1 9   ? -3.829  0.881   20.954  1.000 55.383  0 9   LYS A O   1 ? 
ATOM 36   C CB  . LYS A 1 9   ? -4.637  -1.387  23.194  1.000 97.055  0 9   LYS A CB  1 ? 
ATOM 37   C CG  . LYS A 1 9   ? -5.162  -0.118  23.897  1.000 118.726 0 9   LYS A CG  1 ? 
ATOM 38   C CD  . LYS A 1 9   ? -5.431  -0.267  25.399  1.000 131.353 0 9   LYS A CD  1 ? 
ATOM 39   C CE  . LYS A 1 9   ? -5.548  1.034   26.167  1.000 132.264 0 9   LYS A CE  1 ? 
ATOM 40   N NZ  . LYS A 1 9   ? -5.541  0.868   27.627  1.000 127.944 0 9   LYS A NZ  1 ? 
ATOM 41   N N   . VAL A 1 10  ? -2.137  -0.601  21.115  1.000 56.859  0 10  VAL A N   1 ? 
ATOM 42   C CA  . VAL A 1 10  ? -1.093  0.349   20.754  1.000 54.168  0 10  VAL A CA  1 ? 
ATOM 43   C C   . VAL A 1 10  ? -1.177  0.683   19.271  1.000 53.507  0 10  VAL A C   1 ? 
ATOM 44   O O   . VAL A 1 10  ? -1.178  1.854   18.892  1.000 47.944  0 10  VAL A O   1 ? 
ATOM 45   C CB  . VAL A 1 10  ? 0.312   -0.194  21.063  1.000 53.522  0 10  VAL A CB  1 ? 
ATOM 46   C CG1 . VAL A 1 10  ? 1.374   0.863   20.812  1.000 51.190  0 10  VAL A CG1 1 ? 
ATOM 47   C CG2 . VAL A 1 10  ? 0.413   -0.725  22.484  1.000 60.104  0 10  VAL A CG2 1 ? 
ATOM 48   N N   . ILE A 1 11  ? -1.212  -0.376  18.454  1.000 53.501  0 11  ILE A N   1 ? 
ATOM 49   C CA  . ILE A 1 11  ? -1.111  -0.268  17.010  1.000 59.205  0 11  ILE A CA  1 ? 
ATOM 50   C C   . ILE A 1 11  ? -2.273  0.575   16.476  1.000 57.343  0 11  ILE A C   1 ? 
ATOM 51   O O   . ILE A 1 11  ? -2.138  1.289   15.483  1.000 53.514  0 11  ILE A O   1 ? 
ATOM 52   C CB  . ILE A 1 11  ? -1.081  -1.685  16.401  1.000 66.311  0 11  ILE A CB  1 ? 
ATOM 53   C CG1 . ILE A 1 11  ? 0.101   -2.494  16.917  1.000 70.409  0 11  ILE A CG1 1 ? 
ATOM 54   C CG2 . ILE A 1 11  ? -1.111  -1.672  14.869  1.000 65.302  0 11  ILE A CG2 1 ? 
ATOM 55   C CD1 . ILE A 1 11  ? -0.150  -3.991  16.851  1.000 81.174  0 11  ILE A CD1 1 ? 
ATOM 56   N N   . ASN A 1 12  ? -3.427  0.472   17.140  1.000 60.445  0 12  ASN A N   1 ? 
ATOM 57   C CA  . ASN A 1 12  ? -4.654  1.058   16.629  1.000 62.126  0 12  ASN A CA  1 ? 
ATOM 58   C C   . ASN A 1 12  ? -4.677  2.549   16.960  1.000 53.639  0 12  ASN A C   1 ? 
ATOM 59   O O   . ASN A 1 12  ? -5.083  3.353   16.128  1.000 56.622  0 12  ASN A O   1 ? 
ATOM 60   C CB  . ASN A 1 12  ? -5.875  0.277   17.114  1.000 70.249  0 12  ASN A CB  1 ? 
ATOM 61   C CG  . ASN A 1 12  ? -6.082  -1.052  16.407  1.000 74.577  0 12  ASN A CG  1 ? 
ATOM 62   O OD1 . ASN A 1 12  ? -5.435  -1.367  15.400  1.000 73.636  0 12  ASN A OD1 1 ? 
ATOM 63   N ND2 . ASN A 1 12  ? -7.013  -1.852  16.908  1.000 77.259  0 12  ASN A ND2 1 ? 
ATOM 64   N N   . SER A 1 13  ? -4.249  2.921   18.169  1.000 46.862  0 13  SER A N   1 ? 
ATOM 65   C CA  . SER A 1 13  ? -4.122  4.327   18.515  1.000 53.002  0 13  SER A CA  1 ? 
ATOM 66   C C   . SER A 1 13  ? -3.088  4.984   17.605  1.000 56.079  0 13  SER A C   1 ? 
ATOM 67   O O   . SER A 1 13  ? -3.254  6.138   17.197  1.000 54.308  0 13  SER A O   1 ? 
ATOM 68   C CB  . SER A 1 13  ? -3.753  4.519   19.964  1.000 55.823  0 13  SER A CB  1 ? 
ATOM 69   O OG  . SER A 1 13  ? -4.870  4.281   20.808  1.000 57.059  0 13  SER A OG  1 ? 
ATOM 70   N N   . ALA A 1 14  ? -2.020  4.216   17.325  1.000 52.039  0 14  ALA A N   1 ? 
ATOM 71   C CA  . ALA A 1 14  ? -0.988  4.600   16.378  1.000 48.813  0 14  ALA A CA  1 ? 
ATOM 72   C C   . ALA A 1 14  ? -1.622  5.002   15.043  1.000 49.289  0 14  ALA A C   1 ? 
ATOM 73   O O   . ALA A 1 14  ? -1.264  6.025   14.465  1.000 53.767  0 14  ALA A O   1 ? 
ATOM 74   C CB  . ALA A 1 14  ? 0.006   3.462   16.219  1.000 45.207  0 14  ALA A CB  1 ? 
ATOM 75   N N   . LEU A 1 15  ? -2.573  4.198   14.563  1.000 40.591  0 15  LEU A N   1 ? 
ATOM 76   C CA  . LEU A 1 15  ? -3.246  4.490   13.318  1.000 40.903  0 15  LEU A CA  1 ? 
ATOM 77   C C   . LEU A 1 15  ? -4.153  5.713   13.438  1.000 43.648  0 15  LEU A C   1 ? 
ATOM 78   O O   . LEU A 1 15  ? -4.164  6.556   12.545  1.000 47.909  0 15  LEU A O   1 ? 
ATOM 79   C CB  . LEU A 1 15  ? -4.006  3.234   12.927  1.000 44.386  0 15  LEU A CB  1 ? 
ATOM 80   C CG  . LEU A 1 15  ? -3.118  2.100   12.420  1.000 48.320  0 15  LEU A CG  1 ? 
ATOM 81   C CD1 . LEU A 1 15  ? -3.782  0.746   12.481  1.000 47.686  0 15  LEU A CD1 1 ? 
ATOM 82   C CD2 . LEU A 1 15  ? -2.713  2.414   10.989  1.000 51.165  0 15  LEU A CD2 1 ? 
ATOM 83   N N   . GLU A 1 16  ? -4.935  5.822   14.514  1.000 43.217  0 16  GLU A N   1 ? 
ATOM 84   C CA  . GLU A 1 16  ? -5.722  7.026   14.685  1.000 43.831  0 16  GLU A CA  1 ? 
ATOM 85   C C   . GLU A 1 16  ? -4.749  8.186   14.635  1.000 41.265  0 16  GLU A C   1 ? 
ATOM 86   O O   . GLU A 1 16  ? -4.917  9.130   13.872  1.000 39.426  0 16  GLU A O   1 ? 
ATOM 87   C CB  . GLU A 1 16  ? -6.434  7.172   16.026  1.000 49.885  0 16  GLU A CB  1 ? 
ATOM 88   C CG  . GLU A 1 16  ? -7.554  6.162   16.254  1.000 57.451  0 16  GLU A CG  1 ? 
ATOM 89   C CD  . GLU A 1 16  ? -8.276  6.366   17.582  1.000 62.861  0 16  GLU A CD  1 ? 
ATOM 90   O OE1 . GLU A 1 16  ? -9.002  5.431   17.986  1.000 62.473  0 16  GLU A OE1 1 ? 
ATOM 91   O OE2 . GLU A 1 16  ? -8.125  7.444   18.216  1.000 63.860  0 16  GLU A OE2 1 ? 
ATOM 92   N N   . LEU A 1 17  ? -3.700  8.049   15.447  1.000 40.441  0 17  LEU A N   1 ? 
ATOM 93   C CA  . LEU A 1 17  ? -2.795  9.146   15.725  1.000 38.680  0 17  LEU A CA  1 ? 
ATOM 94   C C   . LEU A 1 17  ? -2.167  9.596   14.417  1.000 37.589  0 17  LEU A C   1 ? 
ATOM 95   O O   . LEU A 1 17  ? -1.924  10.779  14.204  1.000 33.965  0 17  LEU A O   1 ? 
ATOM 96   C CB  . LEU A 1 17  ? -1.772  8.614   16.720  1.000 39.454  0 17  LEU A CB  1 ? 
ATOM 97   C CG  . LEU A 1 17  ? -0.656  9.581   17.116  1.000 42.636  0 17  LEU A CG  1 ? 
ATOM 98   C CD1 . LEU A 1 17  ? -1.189  10.809  17.820  1.000 44.372  0 17  LEU A CD1 1 ? 
ATOM 99   C CD2 . LEU A 1 17  ? 0.347   8.854   17.983  1.000 42.004  0 17  LEU A CD2 1 ? 
ATOM 100  N N   . LEU A 1 18  ? -1.930  8.610   13.548  1.000 40.903  0 18  LEU A N   1 ? 
ATOM 101  C CA  . LEU A 1 18  ? -1.353  8.846   12.237  1.000 40.089  0 18  LEU A CA  1 ? 
ATOM 102  C C   . LEU A 1 18  ? -2.234  9.852   11.533  1.000 37.689  0 18  LEU A C   1 ? 
ATOM 103  O O   . LEU A 1 18  ? -1.760  10.811  10.923  1.000 36.554  0 18  LEU A O   1 ? 
ATOM 104  C CB  . LEU A 1 18  ? -1.248  7.563   11.411  1.000 36.867  0 18  LEU A CB  1 ? 
ATOM 105  C CG  . LEU A 1 18  ? -0.846  7.748   9.945   1.000 37.657  0 18  LEU A CG  1 ? 
ATOM 106  C CD1 . LEU A 1 18  ? 0.436   8.543   9.853   1.000 41.257  0 18  LEU A CD1 1 ? 
ATOM 107  C CD2 . LEU A 1 18  ? -0.682  6.429   9.211   1.000 36.521  0 18  LEU A CD2 1 ? 
ATOM 108  N N   . ASN A 1 19  ? -3.529  9.586   11.634  1.000 37.476  0 19  ASN A N   1 ? 
ATOM 109  C CA  . ASN A 1 19  ? -4.479  10.345  10.854  1.000 43.604  0 19  ASN A CA  1 ? 
ATOM 110  C C   . ASN A 1 19  ? -4.371  11.796  11.286  1.000 43.395  0 19  ASN A C   1 ? 
ATOM 111  O O   . ASN A 1 19  ? -4.506  12.692  10.450  1.000 41.120  0 19  ASN A O   1 ? 
ATOM 112  C CB  . ASN A 1 19  ? -5.873  9.725   10.912  1.000 45.102  0 19  ASN A CB  1 ? 
ATOM 113  C CG  . ASN A 1 19  ? -5.996  8.587   9.927   1.000 45.624  0 19  ASN A CG  1 ? 
ATOM 114  O OD1 . ASN A 1 19  ? -5.235  8.536   8.953   1.000 55.032  0 19  ASN A OD1 1 ? 
ATOM 115  N ND2 . ASN A 1 19  ? -6.948  7.688   10.128  1.000 43.501  0 19  ASN A ND2 1 ? 
ATOM 116  N N   . GLU A 1 20  ? -4.073  11.985  12.576  1.000 43.461  0 20  GLU A N   1 ? 
ATOM 117  C CA  . GLU A 1 20  ? -4.117  13.301  13.178  1.000 47.497  0 20  GLU A CA  1 ? 
ATOM 118  C C   . GLU A 1 20  ? -2.853  14.085  12.850  1.000 45.414  0 20  GLU A C   1 ? 
ATOM 119  O O   . GLU A 1 20  ? -2.926  15.281  12.601  1.000 48.369  0 20  GLU A O   1 ? 
ATOM 120  C CB  . GLU A 1 20  ? -4.281  13.222  14.693  1.000 50.706  0 20  GLU A CB  1 ? 
ATOM 121  C CG  . GLU A 1 20  ? -5.546  12.492  15.119  1.000 53.086  0 20  GLU A CG  1 ? 
ATOM 122  C CD  . GLU A 1 20  ? -5.452  12.078  16.572  1.000 58.068  0 20  GLU A CD  1 ? 
ATOM 123  O OE1 . GLU A 1 20  ? -6.283  11.222  16.984  1.000 59.880  0 20  GLU A OE1 1 ? 
ATOM 124  O OE2 . GLU A 1 20  ? -4.552  12.630  17.263  1.000 52.568  0 20  GLU A OE2 1 ? 
ATOM 125  N N   . VAL A 1 21  ? -1.700  13.427  12.845  1.000 45.509  0 21  VAL A N   1 ? 
ATOM 126  C CA  . VAL A 1 21  ? -0.452  14.167  12.894  1.000 50.695  0 21  VAL A CA  1 ? 
ATOM 127  C C   . VAL A 1 21  ? 0.370   13.968  11.627  1.000 49.470  0 21  VAL A C   1 ? 
ATOM 128  O O   . VAL A 1 21  ? 1.241   14.794  11.359  1.000 46.594  0 21  VAL A O   1 ? 
ATOM 129  C CB  . VAL A 1 21  ? 0.335   13.747  14.150  1.000 57.271  0 21  VAL A CB  1 ? 
ATOM 130  C CG1 . VAL A 1 21  ? -0.565  13.782  15.378  1.000 58.070  0 21  VAL A CG1 1 ? 
ATOM 131  C CG2 . VAL A 1 21  ? 0.985   12.372  14.012  1.000 57.977  0 21  VAL A CG2 1 ? 
ATOM 132  N N   . GLY A 1 22  ? 0.107   12.867  10.895  1.000 49.843  0 22  GLY A N   1 ? 
ATOM 133  C CA  . GLY A 1 22  ? 0.895   12.469  9.736   1.000 45.657  0 22  GLY A CA  1 ? 
ATOM 134  C C   . GLY A 1 22  ? 2.105   11.643  10.163  1.000 44.309  0 22  GLY A C   1 ? 
ATOM 135  O O   . GLY A 1 22  ? 2.355   11.468  11.346  1.000 48.214  0 22  GLY A O   1 ? 
ATOM 136  N N   . ILE A 1 23  ? 2.861   11.144  9.189   1.000 43.224  0 23  ILE A N   1 ? 
ATOM 137  C CA  . ILE A 1 23  ? 3.925   10.191  9.443   1.000 42.310  0 23  ILE A CA  1 ? 
ATOM 138  C C   . ILE A 1 23  ? 5.112   10.879  10.115  1.000 49.213  0 23  ILE A C   1 ? 
ATOM 139  O O   . ILE A 1 23  ? 5.780   10.264  10.946  1.000 48.857  0 23  ILE A O   1 ? 
ATOM 140  C CB  . ILE A 1 23  ? 4.336   9.499   8.128   1.000 42.599  0 23  ILE A CB  1 ? 
ATOM 141  C CG1 . ILE A 1 23  ? 5.187   8.257   8.408   1.000 44.317  0 23  ILE A CG1 1 ? 
ATOM 142  C CG2 . ILE A 1 23  ? 5.032   10.476  7.174   1.000 39.427  0 23  ILE A CG2 1 ? 
ATOM 143  C CD1 . ILE A 1 23  ? 5.575   7.458   7.178   1.000 40.954  0 23  ILE A CD1 1 ? 
ATOM 144  N N   . GLU A 1 24  ? 5.401   12.133  9.727   1.000 59.002  0 24  GLU A N   1 ? 
ATOM 145  C CA  . GLU A 1 24  ? 6.474   12.901  10.347  1.000 59.903  0 24  GLU A CA  1 ? 
ATOM 146  C C   . GLU A 1 24  ? 6.060   13.271  11.763  1.000 61.313  0 24  GLU A C   1 ? 
ATOM 147  O O   . GLU A 1 24  ? 6.901   13.357  12.648  1.000 67.924  0 24  GLU A O   1 ? 
ATOM 148  C CB  . GLU A 1 24  ? 6.842   14.209  9.645   1.000 59.885  0 24  GLU A CB  1 ? 
ATOM 149  C CG  . GLU A 1 24  ? 7.372   14.022  8.229   1.000 69.656  0 24  GLU A CG  1 ? 
ATOM 150  C CD  . GLU A 1 24  ? 8.424   12.932  8.096   1.000 82.536  0 24  GLU A CD  1 ? 
ATOM 151  O OE1 . GLU A 1 24  ? 9.496   13.033  8.738   1.000 87.163  0 24  GLU A OE1 1 ? 
ATOM 152  O OE2 . GLU A 1 24  ? 8.163   11.969  7.338   1.000 86.253  0 24  GLU A OE2 1 ? 
ATOM 153  N N   . GLY A 1 25  ? 4.760   13.490  11.970  1.000 64.098  0 25  GLY A N   1 ? 
ATOM 154  C CA  . GLY A 1 25  ? 4.259   13.904  13.271  1.000 67.514  0 25  GLY A CA  1 ? 
ATOM 155  C C   . GLY A 1 25  ? 4.247   12.765  14.292  1.000 63.023  0 25  GLY A C   1 ? 
ATOM 156  O O   . GLY A 1 25  ? 4.230   13.005  15.497  1.000 63.732  0 25  GLY A O   1 ? 
ATOM 157  N N   . LEU A 1 26  ? 4.249   11.524  13.802  1.000 53.148  0 26  LEU A N   1 ? 
ATOM 158  C CA  . LEU A 1 26  ? 3.938   10.378  14.631  1.000 48.163  0 26  LEU A CA  1 ? 
ATOM 159  C C   . LEU A 1 26  ? 5.164   9.973   15.443  1.000 53.135  0 26  LEU A C   1 ? 
ATOM 160  O O   . LEU A 1 26  ? 5.973   9.172   14.986  1.000 59.358  0 26  LEU A O   1 ? 
ATOM 161  C CB  . LEU A 1 26  ? 3.495   9.277   13.674  1.000 43.768  0 26  LEU A CB  1 ? 
ATOM 162  C CG  . LEU A 1 26  ? 3.385   7.869   14.255  1.000 41.007  0 26  LEU A CG  1 ? 
ATOM 163  C CD1 . LEU A 1 26  ? 2.176   7.777   15.136  1.000 44.170  0 26  LEU A CD1 1 ? 
ATOM 164  C CD2 . LEU A 1 26  ? 3.307   6.858   13.152  1.000 42.499  0 26  LEU A CD2 1 ? 
ATOM 165  N N   . THR A 1 27  ? 5.299   10.515  16.655  1.000 51.941  0 27  THR A N   1 ? 
ATOM 166  C CA  . THR A 1 27  ? 6.402   10.121  17.508  1.000 48.588  0 27  THR A CA  1 ? 
ATOM 167  C C   . THR A 1 27  ? 5.883   9.196   18.599  1.000 55.853  0 27  THR A C   1 ? 
ATOM 168  O O   . THR A 1 27  ? 4.690   9.162   18.932  1.000 49.003  0 27  THR A O   1 ? 
ATOM 169  C CB  . THR A 1 27  ? 7.099   11.347  18.086  1.000 48.301  0 27  THR A CB  1 ? 
ATOM 170  O OG1 . THR A 1 27  ? 6.207   11.849  19.082  1.000 45.040  0 27  THR A OG1 1 ? 
ATOM 171  C CG2 . THR A 1 27  ? 7.435   12.360  17.001  1.000 49.849  0 27  THR A CG2 1 ? 
ATOM 172  N N   . THR A 1 28  ? 6.836   8.440   19.135  1.000 67.078  0 28  THR A N   1 ? 
ATOM 173  C CA  . THR A 1 28  ? 6.594   7.521   20.229  1.000 73.247  0 28  THR A CA  1 ? 
ATOM 174  C C   . THR A 1 28  ? 6.124   8.316   21.452  1.000 70.836  0 28  THR A C   1 ? 
ATOM 175  O O   . THR A 1 28  ? 5.241   7.850   22.168  1.000 63.796  0 28  THR A O   1 ? 
ATOM 176  C CB  . THR A 1 28  ? 7.869   6.698   20.448  1.000 80.387  0 28  THR A CB  1 ? 
ATOM 177  O OG1 . THR A 1 28  ? 8.921   7.408   19.798  1.000 95.427  0 28  THR A OG1 1 ? 
ATOM 178  C CG2 . THR A 1 28  ? 7.835   5.349   19.751  1.000 76.652  0 28  THR A CG2 1 ? 
ATOM 179  N N   . ARG A 1 29  ? 6.670   9.530   21.656  1.000 72.574  0 29  ARG A N   1 ? 
ATOM 180  C CA  . ARG A 1 29  ? 6.213   10.415  22.726  1.000 71.085  0 29  ARG A CA  1 ? 
ATOM 181  C C   . ARG A 1 29  ? 4.735   10.728  22.515  1.000 65.779  0 29  ARG A C   1 ? 
ATOM 182  O O   . ARG A 1 29  ? 3.913   10.533  23.414  1.000 65.429  0 29  ARG A O   1 ? 
ATOM 183  C CB  . ARG A 1 29  ? 6.932   11.770  22.871  1.000 71.681  0 29  ARG A CB  1 ? 
ATOM 184  C CG  . ARG A 1 29  ? 6.432   12.560  24.079  1.000 74.182  0 29  ARG A CG  1 ? 
ATOM 185  C CD  . ARG A 1 29  ? 7.029   13.945  24.372  1.000 79.224  0 29  ARG A CD  1 ? 
ATOM 186  N NE  . ARG A 1 29  ? 6.517   15.055  23.549  1.000 91.524  0 29  ARG A NE  1 ? 
ATOM 187  C CZ  . ARG A 1 29  ? 6.689   16.376  23.762  1.000 93.435  0 29  ARG A CZ  1 ? 
ATOM 188  N NH1 . ARG A 1 29  ? 7.129   16.830  24.923  1.000 88.061  0 29  ARG A NH1 1 ? 
ATOM 189  N NH2 . ARG A 1 29  ? 6.382   17.260  22.821  1.000 97.984  0 29  ARG A NH2 1 ? 
ATOM 190  N N   . LYS A 1 30  ? 4.408   11.220  21.317  1.000 59.151  0 30  LYS A N   1 ? 
ATOM 191  C CA  . LYS A 1 30  ? 3.044   11.623  21.027  1.000 56.491  0 30  LYS A CA  1 ? 
ATOM 192  C C   . LYS A 1 30  ? 2.084   10.454  21.258  1.000 51.092  0 30  LYS A C   1 ? 
ATOM 193  O O   . LYS A 1 30  ? 0.922   10.651  21.642  1.000 35.001  0 30  LYS A O   1 ? 
ATOM 194  C CB  . LYS A 1 30  ? 2.974   12.254  19.632  1.000 57.397  0 30  LYS A CB  1 ? 
ATOM 195  C CG  . LYS A 1 30  ? 3.072   13.755  19.759  1.000 66.187  0 30  LYS A CG  1 ? 
ATOM 196  C CD  . LYS A 1 30  ? 2.718   14.647  18.576  1.000 75.274  0 30  LYS A CD  1 ? 
ATOM 197  C CE  . LYS A 1 30  ? 2.436   16.032  19.109  1.000 84.634  0 30  LYS A CE  1 ? 
ATOM 198  N NZ  . LYS A 1 30  ? 2.803   17.108  18.189  1.000 92.784  0 30  LYS A NZ  1 ? 
ATOM 199  N N   . LEU A 1 31  ? 2.585   9.237   21.014  1.000 50.200  0 31  LEU A N   1 ? 
ATOM 200  C CA  . LEU A 1 31  ? 1.766   8.055   21.182  1.000 49.730  0 31  LEU A CA  1 ? 
ATOM 201  C C   . LEU A 1 31  ? 1.595   7.788   22.667  1.000 52.921  0 31  LEU A C   1 ? 
ATOM 202  O O   . LEU A 1 31  ? 0.480   7.539   23.131  1.000 53.623  0 31  LEU A O   1 ? 
ATOM 203  C CB  . LEU A 1 31  ? 2.422   6.894   20.443  1.000 52.229  0 31  LEU A CB  1 ? 
ATOM 204  C CG  . LEU A 1 31  ? 1.617   5.591   20.341  1.000 53.659  0 31  LEU A CG  1 ? 
ATOM 205  C CD1 . LEU A 1 31  ? 0.126   5.746   20.090  1.000 57.907  0 31  LEU A CD1 1 ? 
ATOM 206  C CD2 . LEU A 1 31  ? 2.215   4.766   19.218  1.000 53.571  0 31  LEU A CD2 1 ? 
ATOM 207  N N   . ALA A 1 32  ? 2.715   7.868   23.399  1.000 56.660  0 32  ALA A N   1 ? 
ATOM 208  C CA  . ALA A 1 32  ? 2.718   7.637   24.834  1.000 57.758  0 32  ALA A CA  1 ? 
ATOM 209  C C   . ALA A 1 32  ? 1.698   8.562   25.479  1.000 56.385  0 32  ALA A C   1 ? 
ATOM 210  O O   . ALA A 1 32  ? 0.948   8.141   26.364  1.000 55.177  0 32  ALA A O   1 ? 
ATOM 211  C CB  . ALA A 1 32  ? 4.102   7.858   25.401  1.000 57.597  0 32  ALA A CB  1 ? 
ATOM 212  N N   . GLN A 1 33  ? 1.690   9.805   24.976  1.000 55.852  0 33  GLN A N   1 ? 
ATOM 213  C CA  . GLN A 1 33  ? 0.817   10.874  25.444  1.000 64.953  0 33  GLN A CA  1 ? 
ATOM 214  C C   . GLN A 1 33  ? -0.644  10.467  25.241  1.000 58.823  0 33  GLN A C   1 ? 
ATOM 215  O O   . GLN A 1 33  ? -1.414  10.399  26.193  1.000 63.592  0 33  GLN A O   1 ? 
ATOM 216  C CB  . GLN A 1 33  ? 1.235   12.162  24.720  1.000 73.893  0 33  GLN A CB  1 ? 
ATOM 217  C CG  . GLN A 1 33  ? 1.120   13.460  25.523  1.000 76.531  0 33  GLN A CG  1 ? 
ATOM 218  C CD  . GLN A 1 33  ? 2.130   14.531  25.126  1.000 82.025  0 33  GLN A CD  1 ? 
ATOM 219  O OE1 . GLN A 1 33  ? 3.134   14.286  24.444  1.000 70.480  0 33  GLN A OE1 1 ? 
ATOM 220  N NE2 . GLN A 1 33  ? 1.890   15.754  25.576  1.000 91.540  0 33  GLN A NE2 1 ? 
ATOM 221  N N   . LYS A 1 34  ? -1.016  10.150  24.003  1.000 54.212  0 34  LYS A N   1 ? 
ATOM 222  C CA  . LYS A 1 34  ? -2.381  9.772   23.704  1.000 53.868  0 34  LYS A CA  1 ? 
ATOM 223  C C   . LYS A 1 34  ? -2.790  8.626   24.620  1.000 62.033  0 34  LYS A C   1 ? 
ATOM 224  O O   . LYS A 1 34  ? -3.841  8.691   25.250  1.000 84.986  0 34  LYS A O   1 ? 
ATOM 225  C CB  . LYS A 1 34  ? -2.503  9.400   22.224  1.000 54.417  0 34  LYS A CB  1 ? 
ATOM 226  C CG  . LYS A 1 34  ? -3.901  9.089   21.676  1.000 54.363  0 34  LYS A CG  1 ? 
ATOM 227  C CD  . LYS A 1 34  ? -3.829  8.275   20.381  1.000 55.905  0 34  LYS A CD  1 ? 
ATOM 228  C CE  . LYS A 1 34  ? -5.127  7.968   19.704  1.000 54.626  0 34  LYS A CE  1 ? 
ATOM 229  N NZ  . LYS A 1 34  ? -5.718  9.177   19.126  1.000 55.678  0 34  LYS A NZ  1 ? 
ATOM 230  N N   . LEU A 1 35  ? -1.953  7.589   24.723  1.000 62.732  0 35  LEU A N   1 ? 
ATOM 231  C CA  . LEU A 1 35  ? -2.335  6.386   25.452  1.000 58.341  0 35  LEU A CA  1 ? 
ATOM 232  C C   . LEU A 1 35  ? -2.280  6.591   26.964  1.000 59.522  0 35  LEU A C   1 ? 
ATOM 233  O O   . LEU A 1 35  ? -2.823  5.776   27.706  1.000 55.638  0 35  LEU A O   1 ? 
ATOM 234  C CB  . LEU A 1 35  ? -1.422  5.249   25.022  1.000 55.226  0 35  LEU A CB  1 ? 
ATOM 235  C CG  . LEU A 1 35  ? -1.815  4.578   23.709  1.000 54.603  0 35  LEU A CG  1 ? 
ATOM 236  C CD1 . LEU A 1 35  ? -0.596  3.872   23.177  1.000 60.754  0 35  LEU A CD1 1 ? 
ATOM 237  C CD2 . LEU A 1 35  ? -2.973  3.610   23.892  1.000 51.665  0 35  LEU A CD2 1 ? 
ATOM 238  N N   . GLY A 1 36  ? -1.593  7.657   27.400  1.000 60.270  0 36  GLY A N   1 ? 
ATOM 239  C CA  . GLY A 1 36  ? -1.554  8.039   28.799  1.000 61.379  0 36  GLY A CA  1 ? 
ATOM 240  C C   . GLY A 1 36  ? -0.730  7.053   29.624  1.000 69.011  0 36  GLY A C   1 ? 
ATOM 241  O O   . GLY A 1 36  ? -1.044  6.807   30.785  1.000 76.211  0 36  GLY A O   1 ? 
ATOM 242  N N   . VAL A 1 37  ? 0.314   6.492   28.998  1.000 68.620  0 37  VAL A N   1 ? 
ATOM 243  C CA  . VAL A 1 37  ? 1.356   5.742   29.684  1.000 57.531  0 37  VAL A CA  1 ? 
ATOM 244  C C   . VAL A 1 37  ? 2.573   6.653   29.783  1.000 53.986  0 37  VAL A C   1 ? 
ATOM 245  O O   . VAL A 1 37  ? 2.435   7.861   29.643  1.000 59.634  0 37  VAL A O   1 ? 
ATOM 246  C CB  . VAL A 1 37  ? 1.642   4.460   28.886  1.000 57.351  0 37  VAL A CB  1 ? 
ATOM 247  C CG1 . VAL A 1 37  ? 0.382   3.614   28.747  1.000 57.351  0 37  VAL A CG1 1 ? 
ATOM 248  C CG2 . VAL A 1 37  ? 2.227   4.752   27.506  1.000 58.144  0 37  VAL A CG2 1 ? 
ATOM 249  N N   . GLU A 1 38  ? 3.759   6.084   29.999  1.000 54.249  0 38  GLU A N   1 ? 
ATOM 250  C CA  . GLU A 1 38  ? 4.998   6.821   29.798  1.000 54.847  0 38  GLU A CA  1 ? 
ATOM 251  C C   . GLU A 1 38  ? 5.755   6.151   28.668  1.000 58.787  0 38  GLU A C   1 ? 
ATOM 252  O O   . GLU A 1 38  ? 5.547   4.966   28.439  1.000 69.711  0 38  GLU A O   1 ? 
ATOM 253  C CB  . GLU A 1 38  ? 5.886   6.762   31.033  1.000 58.535  0 38  GLU A CB  1 ? 
ATOM 254  C CG  . GLU A 1 38  ? 5.217   7.312   32.292  1.000 65.337  0 38  GLU A CG  1 ? 
ATOM 255  C CD  . GLU A 1 38  ? 5.743   8.656   32.764  1.000 65.718  0 38  GLU A CD  1 ? 
ATOM 256  O OE1 . GLU A 1 38  ? 5.113   9.705   32.470  1.000 59.899  0 38  GLU A OE1 1 ? 
ATOM 257  O OE2 . GLU A 1 38  ? 6.788   8.623   33.460  1.000 65.596  0 38  GLU A OE2 1 ? 
ATOM 258  N N   . GLN A 1 39  ? 6.659   6.892   28.014  1.000 59.983  0 39  GLN A N   1 ? 
ATOM 259  C CA  . GLN A 1 39  ? 7.289   6.425   26.788  1.000 57.749  0 39  GLN A CA  1 ? 
ATOM 260  C C   . GLN A 1 39  ? 7.767   4.992   26.965  1.000 56.228  0 39  GLN A C   1 ? 
ATOM 261  O O   . GLN A 1 39  ? 7.393   4.141   26.163  1.000 70.540  0 39  GLN A O   1 ? 
ATOM 262  C CB  . GLN A 1 39  ? 8.420   7.311   26.265  1.000 64.025  0 39  GLN A CB  1 ? 
ATOM 263  C CG  . GLN A 1 39  ? 7.925   8.532   25.489  1.000 71.860  0 39  GLN A CG  1 ? 
ATOM 264  C CD  . GLN A 1 39  ? 9.026   9.478   25.048  1.000 78.618  0 39  GLN A CD  1 ? 
ATOM 265  O OE1 . GLN A 1 39  ? 9.980   9.082   24.367  1.000 92.388  0 39  GLN A OE1 1 ? 
ATOM 266  N NE2 . GLN A 1 39  ? 8.912   10.745  25.427  1.000 75.205  0 39  GLN A NE2 1 ? 
ATOM 267  N N   . PRO A 1 40  ? 8.553   4.670   28.022  1.000 50.744  0 40  PRO A N   1 ? 
ATOM 268  C CA  . PRO A 1 40  ? 9.146   3.331   28.177  1.000 48.823  0 40  PRO A CA  1 ? 
ATOM 269  C C   . PRO A 1 40  ? 8.226   2.114   28.034  1.000 45.194  0 40  PRO A C   1 ? 
ATOM 270  O O   . PRO A 1 40  ? 8.636   1.088   27.495  1.000 42.653  0 40  PRO A O   1 ? 
ATOM 271  C CB  . PRO A 1 40  ? 9.751   3.406   29.598  1.000 49.181  0 40  PRO A CB  1 ? 
ATOM 272  C CG  . PRO A 1 40  ? 10.069  4.863   29.786  1.000 48.534  0 40  PRO A CG  1 ? 
ATOM 273  C CD  . PRO A 1 40  ? 8.913   5.582   29.117  1.000 48.245  0 40  PRO A CD  1 ? 
ATOM 274  N N   . THR A 1 41  ? 6.999   2.249   28.555  1.000 43.325  0 41  THR A N   1 ? 
ATOM 275  C CA  . THR A 1 41  ? 5.986   1.208   28.565  1.000 45.933  0 41  THR A CA  1 ? 
ATOM 276  C C   . THR A 1 41  ? 5.778   0.655   27.164  1.000 51.193  0 41  THR A C   1 ? 
ATOM 277  O O   . THR A 1 41  ? 5.500   -0.535  26.977  1.000 54.166  0 41  THR A O   1 ? 
ATOM 278  C CB  . THR A 1 41  ? 4.683   1.846   29.037  1.000 48.456  0 41  THR A CB  1 ? 
ATOM 279  O OG1 . THR A 1 41  ? 5.105   2.809   29.994  1.000 44.418  0 41  THR A OG1 1 ? 
ATOM 280  C CG2 . THR A 1 41  ? 3.694   0.820   29.564  1.000 52.728  0 41  THR A CG2 1 ? 
ATOM 281  N N   . LEU A 1 42  ? 5.836   1.583   26.203  1.000 49.358  0 42  LEU A N   1 ? 
ATOM 282  C CA  . LEU A 1 42  ? 5.514   1.286   24.829  1.000 47.096  0 42  LEU A CA  1 ? 
ATOM 283  C C   . LEU A 1 42  ? 6.530   0.279   24.329  1.000 40.514  0 42  LEU A C   1 ? 
ATOM 284  O O   . LEU A 1 42  ? 6.149   -0.682  23.684  1.000 42.662  0 42  LEU A O   1 ? 
ATOM 285  C CB  . LEU A 1 42  ? 5.496   2.564   23.996  1.000 55.750  0 42  LEU A CB  1 ? 
ATOM 286  C CG  . LEU A 1 42  ? 4.194   2.831   23.230  1.000 60.959  0 42  LEU A CG  1 ? 
ATOM 287  C CD1 . LEU A 1 42  ? 3.006   2.976   24.178  1.000 60.612  0 42  LEU A CD1 1 ? 
ATOM 288  C CD2 . LEU A 1 42  ? 4.331   4.073   22.362  1.000 59.960  0 42  LEU A CD2 1 ? 
ATOM 289  N N   . TYR A 1 43  ? 7.793   0.439   24.733  1.000 40.093  0 43  TYR A N   1 ? 
ATOM 290  C CA  . TYR A 1 43  ? 8.861   -0.435  24.259  1.000 41.557  0 43  TYR A CA  1 ? 
ATOM 291  C C   . TYR A 1 43  ? 8.596   -1.892  24.629  1.000 37.572  0 43  TYR A C   1 ? 
ATOM 292  O O   . TYR A 1 43  ? 9.314   -2.756  24.156  1.000 34.568  0 43  TYR A O   1 ? 
ATOM 293  C CB  . TYR A 1 43  ? 10.269  -0.024  24.720  1.000 43.120  0 43  TYR A CB  1 ? 
ATOM 294  C CG  . TYR A 1 43  ? 10.623  1.378   24.243  1.000 50.466  0 43  TYR A CG  1 ? 
ATOM 295  C CD1 . TYR A 1 43  ? 10.350  1.784   22.938  1.000 53.372  0 43  TYR A CD1 1 ? 
ATOM 296  C CD2 . TYR A 1 43  ? 11.130  2.331   25.117  1.000 55.776  0 43  TYR A CD2 1 ? 
ATOM 297  C CE1 . TYR A 1 43  ? 10.605  3.076   22.514  1.000 59.205  0 43  TYR A CE1 1 ? 
ATOM 298  C CE2 . TYR A 1 43  ? 11.392  3.630   24.701  1.000 58.947  0 43  TYR A CE2 1 ? 
ATOM 299  C CZ  . TYR A 1 43  ? 11.130  4.004   23.397  1.000 61.594  0 43  TYR A CZ  1 ? 
ATOM 300  O OH  . TYR A 1 43  ? 11.371  5.284   22.986  1.000 73.900  0 43  TYR A OH  1 ? 
ATOM 301  N N   . TRP A 1 44  ? 7.567   -2.187  25.431  1.000 37.898  0 44  TRP A N   1 ? 
ATOM 302  C CA  . TRP A 1 44  ? 7.285   -3.571  25.757  1.000 41.480  0 44  TRP A CA  1 ? 
ATOM 303  C C   . TRP A 1 44  ? 6.524   -4.194  24.600  1.000 46.221  0 44  TRP A C   1 ? 
ATOM 304  O O   . TRP A 1 44  ? 6.476   -5.414  24.462  1.000 46.501  0 44  TRP A O   1 ? 
ATOM 305  C CB  . TRP A 1 44  ? 6.486   -3.708  27.056  1.000 42.593  0 44  TRP A CB  1 ? 
ATOM 306  C CG  . TRP A 1 44  ? 7.055   -2.974  28.245  1.000 44.417  0 44  TRP A CG  1 ? 
ATOM 307  C CD1 . TRP A 1 44  ? 8.334   -2.558  28.454  1.000 43.902  0 44  TRP A CD1 1 ? 
ATOM 308  C CD2 . TRP A 1 44  ? 6.320   -2.587  29.424  1.000 44.128  0 44  TRP A CD2 1 ? 
ATOM 309  N NE1 . TRP A 1 44  ? 8.440   -1.918  29.658  1.000 43.196  0 44  TRP A NE1 1 ? 
ATOM 310  C CE2 . TRP A 1 44  ? 7.226   -1.938  30.281  1.000 43.038  0 44  TRP A CE2 1 ? 
ATOM 311  C CE3 . TRP A 1 44  ? 4.989   -2.734  29.829  1.000 45.589  0 44  TRP A CE3 1 ? 
ATOM 312  C CZ2 . TRP A 1 44  ? 6.840   -1.437  31.515  1.000 48.572  0 44  TRP A CZ2 1 ? 
ATOM 313  C CZ3 . TRP A 1 44  ? 4.608   -2.251  31.056  1.000 45.080  0 44  TRP A CZ3 1 ? 
ATOM 314  C CH2 . TRP A 1 44  ? 5.523   -1.608  31.884  1.000 48.435  0 44  TRP A CH2 1 ? 
ATOM 315  N N   . HIS A 1 45  ? 5.912   -3.329  23.791  1.000 50.627  0 45  HIS A N   1 ? 
ATOM 316  C CA  . HIS A 1 45  ? 5.108   -3.766  22.672  1.000 49.699  0 45  HIS A CA  1 ? 
ATOM 317  C C   . HIS A 1 45  ? 5.775   -3.399  21.350  1.000 50.264  0 45  HIS A C   1 ? 
ATOM 318  O O   . HIS A 1 45  ? 5.462   -4.027  20.346  1.000 68.133  0 45  HIS A O   1 ? 
ATOM 319  C CB  . HIS A 1 45  ? 3.703   -3.182  22.801  1.000 53.224  0 45  HIS A CB  1 ? 
ATOM 320  C CG  . HIS A 1 45  ? 3.103   -3.345  24.159  1.000 57.937  0 45  HIS A CG  1 ? 
ATOM 321  N ND1 . HIS A 1 45  ? 2.469   -4.500  24.564  1.000 58.285  0 45  HIS A ND1 1 ? 
ATOM 322  C CD2 . HIS A 1 45  ? 3.040   -2.497  25.195  1.000 60.291  0 45  HIS A CD2 1 ? 
ATOM 323  C CE1 . HIS A 1 45  ? 2.034   -4.343  25.804  1.000 63.023  0 45  HIS A CE1 1 ? 
ATOM 324  N NE2 . HIS A 1 45  ? 2.377   -3.134  26.210  1.000 66.020  0 45  HIS A NE2 1 ? 
ATOM 325  N N   . VAL A 1 46  ? 6.696   -2.424  21.334  1.000 47.031  0 46  VAL A N   1 ? 
ATOM 326  C CA  . VAL A 1 46  ? 7.316   -1.987  20.088  1.000 54.353  0 46  VAL A CA  1 ? 
ATOM 327  C C   . VAL A 1 46  ? 8.776   -1.578  20.310  1.000 62.370  0 46  VAL A C   1 ? 
ATOM 328  O O   . VAL A 1 46  ? 9.061   -0.756  21.181  1.000 65.973  0 46  VAL A O   1 ? 
ATOM 329  C CB  . VAL A 1 46  ? 6.550   -0.827  19.417  1.000 59.469  0 46  VAL A CB  1 ? 
ATOM 330  C CG1 . VAL A 1 46  ? 5.378   -1.311  18.579  1.000 58.016  0 46  VAL A CG1 1 ? 
ATOM 331  C CG2 . VAL A 1 46  ? 6.099   0.240   20.409  1.000 67.159  0 46  VAL A CG2 1 ? 
ATOM 332  N N   . LYS A 1 47  ? 9.682   -2.103  19.461  1.000 62.775  0 47  LYS A N   1 ? 
ATOM 333  C CA  . LYS A 1 47  ? 11.102  -1.780  19.518  1.000 63.035  0 47  LYS A CA  1 ? 
ATOM 334  C C   . LYS A 1 47  ? 11.299  -0.267  19.472  1.000 60.432  0 47  LYS A C   1 ? 
ATOM 335  O O   . LYS A 1 47  ? 11.914  0.299   20.362  1.000 59.366  0 47  LYS A O   1 ? 
ATOM 336  C CB  . LYS A 1 47  ? 11.871  -2.428  18.360  1.000 76.611  0 47  LYS A CB  1 ? 
ATOM 337  C CG  . LYS A 1 47  ? 13.393  -2.495  18.526  1.000 85.027  0 47  LYS A CG  1 ? 
ATOM 338  C CD  . LYS A 1 47  ? 14.032  -3.725  17.880  1.000 97.207  0 47  LYS A CD  1 ? 
ATOM 339  C CE  . LYS A 1 47  ? 15.165  -4.293  18.690  1.000 105.744 0 47  LYS A CE  1 ? 
ATOM 340  N NZ  . LYS A 1 47  ? 15.570  -5.639  18.275  1.000 110.243 0 47  LYS A NZ  1 ? 
ATOM 341  N N   . ASN A 1 48  ? 10.752  0.378   18.437  1.000 62.771  0 48  ASN A N   1 ? 
ATOM 342  C CA  . ASN A 1 48  ? 10.922  1.805   18.220  1.000 60.262  0 48  ASN A CA  1 ? 
ATOM 343  C C   . ASN A 1 48  ? 10.055  2.193   17.029  1.000 55.982  0 48  ASN A C   1 ? 
ATOM 344  O O   . ASN A 1 48  ? 9.400   1.326   16.451  1.000 55.368  0 48  ASN A O   1 ? 
ATOM 345  C CB  . ASN A 1 48  ? 12.380  2.162   17.949  1.000 59.979  0 48  ASN A CB  1 ? 
ATOM 346  C CG  . ASN A 1 48  ? 12.775  1.748   16.552  1.000 62.052  0 48  ASN A CG  1 ? 
ATOM 347  O OD1 . ASN A 1 48  ? 12.563  2.520   15.613  1.000 73.018  0 48  ASN A OD1 1 ? 
ATOM 348  N ND2 . ASN A 1 48  ? 13.309  0.548   16.383  1.000 59.522  0 48  ASN A ND2 1 ? 
ATOM 349  N N   . LYS A 1 49  ? 10.145  3.462   16.612  1.000 49.145  0 49  LYS A N   1 ? 
ATOM 350  C CA  . LYS A 1 49  ? 9.295   3.982   15.552  1.000 49.758  0 49  LYS A CA  1 ? 
ATOM 351  C C   . LYS A 1 49  ? 9.316   3.071   14.317  1.000 48.893  0 49  LYS A C   1 ? 
ATOM 352  O O   . LYS A 1 49  ? 8.293   2.889   13.660  1.000 52.696  0 49  LYS A O   1 ? 
ATOM 353  C CB  . LYS A 1 49  ? 9.634   5.435   15.198  1.000 48.253  0 49  LYS A CB  1 ? 
ATOM 354  C CG  . LYS A 1 49  ? 8.592   6.119   14.307  1.000 47.256  0 49  LYS A CG  1 ? 
ATOM 355  C CD  . LYS A 1 49  ? 8.995   7.483   13.758  1.000 50.693  0 49  LYS A CD  1 ? 
ATOM 356  C CE  . LYS A 1 49  ? 8.023   8.053   12.760  1.000 53.384  0 49  LYS A CE  1 ? 
ATOM 357  N NZ  . LYS A 1 49  ? 8.380   9.396   12.285  1.000 56.007  0 49  LYS A NZ  1 ? 
ATOM 358  N N   . ARG A 1 50  ? 10.464  2.494   13.975  1.000 48.344  0 50  ARG A N   1 ? 
ATOM 359  C CA  . ARG A 1 50  ? 10.522  1.626   12.807  1.000 54.082  0 50  ARG A CA  1 ? 
ATOM 360  C C   . ARG A 1 50  ? 9.585   0.441   13.017  1.000 48.542  0 50  ARG A C   1 ? 
ATOM 361  O O   . ARG A 1 50  ? 8.634   0.243   12.267  1.000 37.710  0 50  ARG A O   1 ? 
ATOM 362  C CB  . ARG A 1 50  ? 11.947  1.130   12.520  1.000 61.668  0 50  ARG A CB  1 ? 
ATOM 363  C CG  . ARG A 1 50  ? 12.170  0.378   11.214  1.000 62.356  0 50  ARG A CG  1 ? 
ATOM 364  C CD  . ARG A 1 50  ? 11.793  1.183   9.973   1.000 64.624  0 50  ARG A CD  1 ? 
ATOM 365  N NE  . ARG A 1 50  ? 10.396  1.009   9.546   1.000 68.787  0 50  ARG A NE  1 ? 
ATOM 366  C CZ  . ARG A 1 50  ? 9.762   1.761   8.637   1.000 72.642  0 50  ARG A CZ  1 ? 
ATOM 367  N NH1 . ARG A 1 50  ? 8.537   1.454   8.232   1.000 73.626  0 50  ARG A NH1 1 ? 
ATOM 368  N NH2 . ARG A 1 50  ? 10.365  2.816   8.113   1.000 75.015  0 50  ARG A NH2 1 ? 
ATOM 369  N N   . ALA A 1 51  ? 9.867   -0.331  14.065  1.000 50.869  0 51  ALA A N   1 ? 
ATOM 370  C CA  . ALA A 1 51  ? 9.168   -1.578  14.279  1.000 49.220  0 51  ALA A CA  1 ? 
ATOM 371  C C   . ALA A 1 51  ? 7.675   -1.311  14.377  1.000 42.699  0 51  ALA A C   1 ? 
ATOM 372  O O   . ALA A 1 51  ? 6.877   -2.133  13.958  1.000 43.173  0 51  ALA A O   1 ? 
ATOM 373  C CB  . ALA A 1 51  ? 9.712   -2.235  15.514  1.000 56.762  0 51  ALA A CB  1 ? 
ATOM 374  N N   . LEU A 1 52  ? 7.325   -0.133  14.895  1.000 41.998  0 52  LEU A N   1 ? 
ATOM 375  C CA  . LEU A 1 52  ? 5.942   0.297   15.053  1.000 40.217  0 52  LEU A CA  1 ? 
ATOM 376  C C   . LEU A 1 52  ? 5.286   0.519   13.695  1.000 40.992  0 52  LEU A C   1 ? 
ATOM 377  O O   . LEU A 1 52  ? 4.167   0.079   13.461  1.000 46.645  0 52  LEU A O   1 ? 
ATOM 378  C CB  . LEU A 1 52  ? 5.916   1.588   15.872  1.000 40.327  0 52  LEU A CB  1 ? 
ATOM 379  C CG  . LEU A 1 52  ? 4.594   2.365   15.904  1.000 42.281  0 52  LEU A CG  1 ? 
ATOM 380  C CD1 . LEU A 1 52  ? 3.476   1.587   16.576  1.000 46.174  0 52  LEU A CD1 1 ? 
ATOM 381  C CD2 . LEU A 1 52  ? 4.753   3.702   16.594  1.000 40.422  0 52  LEU A CD2 1 ? 
ATOM 382  N N   . LEU A 1 53  ? 5.942   1.258   12.805  1.000 39.159  0 53  LEU A N   1 ? 
ATOM 383  C CA  . LEU A 1 53  ? 5.333   1.475   11.509  1.000 37.759  0 53  LEU A CA  1 ? 
ATOM 384  C C   . LEU A 1 53  ? 5.094   0.125   10.848  1.000 37.784  0 53  LEU A C   1 ? 
ATOM 385  O O   . LEU A 1 53  ? 4.011   -0.121  10.336  1.000 32.454  0 53  LEU A O   1 ? 
ATOM 386  C CB  . LEU A 1 53  ? 6.219   2.370   10.662  1.000 38.345  0 53  LEU A CB  1 ? 
ATOM 387  C CG  . LEU A 1 53  ? 6.277   3.822   11.124  1.000 40.857  0 53  LEU A CG  1 ? 
ATOM 388  C CD1 . LEU A 1 53  ? 7.455   4.439   10.425  1.000 47.852  0 53  LEU A CD1 1 ? 
ATOM 389  C CD2 . LEU A 1 53  ? 5.013   4.601   10.806  1.000 40.726  0 53  LEU A CD2 1 ? 
ATOM 390  N N   . ASP A 1 54  ? 6.109   -0.745  10.920  1.000 42.451  0 54  ASP A N   1 ? 
ATOM 391  C CA  . ASP A 1 54  ? 6.070   -2.047  10.284  1.000 44.121  0 54  ASP A CA  1 ? 
ATOM 392  C C   . ASP A 1 54  ? 4.830   -2.770  10.795  1.000 43.114  0 54  ASP A C   1 ? 
ATOM 393  O O   . ASP A 1 54  ? 4.141   -3.447  10.032  1.000 47.164  0 54  ASP A O   1 ? 
ATOM 394  C CB  . ASP A 1 54  ? 7.412   -2.758  10.398  1.000 49.459  0 54  ASP A CB  1 ? 
ATOM 395  C CG  . ASP A 1 54  ? 8.558   -2.088  9.638   1.000 58.617  0 54  ASP A CG  1 ? 
ATOM 396  O OD1 . ASP A 1 54  ? 8.419   -0.894  9.314   1.000 62.113  0 54  ASP A OD1 1 ? 
ATOM 397  O OD2 . ASP A 1 54  ? 9.571   -2.761  9.325   1.000 66.007  0 54  ASP A OD2 1 ? 
ATOM 398  N N   . ALA A 1 55  ? 4.504   -2.539  12.068  1.000 40.463  0 55  ALA A N   1 ? 
ATOM 399  C CA  . ALA A 1 55  ? 3.298   -3.103  12.654  1.000 43.329  0 55  ALA A CA  1 ? 
ATOM 400  C C   . ALA A 1 55  ? 2.048   -2.425  12.105  1.000 43.109  0 55  ALA A C   1 ? 
ATOM 401  O O   . ALA A 1 55  ? 1.091   -3.113  11.771  1.000 45.807  0 55  ALA A O   1 ? 
ATOM 402  C CB  . ALA A 1 55  ? 3.336   -3.012  14.162  1.000 45.636  0 55  ALA A CB  1 ? 
ATOM 403  N N   . MET A 1 56  ? 2.046   -1.089  12.031  1.000 44.722  0 56  MET A N   1 ? 
ATOM 404  C CA  . MET A 1 56  ? 0.893   -0.368  11.515  1.000 46.534  0 56  MET A CA  1 ? 
ATOM 405  C C   . MET A 1 56  ? 0.571   -0.851  10.100  1.000 50.842  0 56  MET A C   1 ? 
ATOM 406  O O   . MET A 1 56  ? -0.556  -1.260  9.833   1.000 53.686  0 56  MET A O   1 ? 
ATOM 407  C CB  . MET A 1 56  ? 1.142   1.140   11.519  1.000 47.057  0 56  MET A CB  1 ? 
ATOM 408  C CG  . MET A 1 56  ? 1.377   1.683   12.909  1.000 51.664  0 56  MET A CG  1 ? 
ATOM 409  S SD  . MET A 1 56  ? 1.992   3.379   12.934  1.000 59.688  0 56  MET A SD  1 ? 
ATOM 410  C CE  . MET A 1 56  ? 0.564   4.374   12.477  1.000 62.699  0 56  MET A CE  1 ? 
ATOM 411  N N   . ALA A 1 57  ? 1.594   -0.852  9.231   1.000 52.398  0 57  ALA A N   1 ? 
ATOM 412  C CA  . ALA A 1 57  ? 1.498   -1.317  7.855   1.000 49.360  0 57  ALA A CA  1 ? 
ATOM 413  C C   . ALA A 1 57  ? 0.784   -2.653  7.774   1.000 51.742  0 57  ALA A C   1 ? 
ATOM 414  O O   . ALA A 1 57  ? -0.190  -2.806  7.038   1.000 53.656  0 57  ALA A O   1 ? 
ATOM 415  C CB  . ALA A 1 57  ? 2.877   -1.461  7.265   1.000 51.866  0 57  ALA A CB  1 ? 
ATOM 416  N N   . ILE A 1 58  ? 1.305   -3.629  8.516   1.000 51.785  0 58  ILE A N   1 ? 
ATOM 417  C CA  . ILE A 1 58  ? 0.699   -4.944  8.511   1.000 52.814  0 58  ILE A CA  1 ? 
ATOM 418  C C   . ILE A 1 58  ? -0.811  -4.791  8.709   1.000 51.768  0 58  ILE A C   1 ? 
ATOM 419  O O   . ILE A 1 58  ? -1.576  -5.280  7.879   1.000 51.438  0 58  ILE A O   1 ? 
ATOM 420  C CB  . ILE A 1 58  ? 1.392   -5.847  9.549   1.000 54.991  0 58  ILE A CB  1 ? 
ATOM 421  C CG1 . ILE A 1 58  ? 2.714   -6.401  8.998   1.000 57.107  0 58  ILE A CG1 1 ? 
ATOM 422  C CG2 . ILE A 1 58  ? 0.479   -6.978  10.024  1.000 56.055  0 58  ILE A CG2 1 ? 
ATOM 423  C CD1 . ILE A 1 58  ? 3.714   -6.787  10.080  1.000 63.328  0 58  ILE A CD1 1 ? 
ATOM 424  N N   . GLU A 1 59  ? -1.228  -4.072  9.768   1.000 51.137  0 59  GLU A N   1 ? 
ATOM 425  C CA  . GLU A 1 59  ? -2.614  -4.075  10.209  1.000 51.632  0 59  GLU A CA  1 ? 
ATOM 426  C C   . GLU A 1 59  ? -3.474  -3.515  9.095   1.000 52.926  0 59  GLU A C   1 ? 
ATOM 427  O O   . GLU A 1 59  ? -4.468  -4.123  8.731   1.000 62.626  0 59  GLU A O   1 ? 
ATOM 428  C CB  . GLU A 1 59  ? -2.873  -3.268  11.480  1.000 56.269  0 59  GLU A CB  1 ? 
ATOM 429  C CG  . GLU A 1 59  ? -4.331  -3.236  11.956  1.000 58.139  0 59  GLU A CG  1 ? 
ATOM 430  C CD  . GLU A 1 59  ? -4.984  -4.510  12.487  1.000 58.097  0 59  GLU A CD  1 ? 
ATOM 431  O OE1 . GLU A 1 59  ? -6.205  -4.687  12.287  1.000 56.317  0 59  GLU A OE1 1 ? 
ATOM 432  O OE2 . GLU A 1 59  ? -4.294  -5.342  13.100  1.000 56.835  0 59  GLU A OE2 1 ? 
ATOM 433  N N   . MET A 1 60  ? -3.057  -2.381  8.539   1.000 55.748  0 60  MET A N   1 ? 
ATOM 434  C CA  . MET A 1 60  ? -3.749  -1.809  7.395   1.000 63.246  0 60  MET A CA  1 ? 
ATOM 435  C C   . MET A 1 60  ? -4.038  -2.890  6.354   1.000 63.132  0 60  MET A C   1 ? 
ATOM 436  O O   . MET A 1 60  ? -5.151  -2.963  5.832   1.000 65.371  0 60  MET A O   1 ? 
ATOM 437  C CB  . MET A 1 60  ? -2.930  -0.709  6.712   1.000 63.524  0 60  MET A CB  1 ? 
ATOM 438  C CG  . MET A 1 60  ? -2.643  0.481   7.596   1.000 61.933  0 60  MET A CG  1 ? 
ATOM 439  S SD  . MET A 1 60  ? -1.536  1.659   6.798   1.000 59.533  0 60  MET A SD  1 ? 
ATOM 440  C CE  . MET A 1 60  ? -2.775  2.570   5.868   1.000 69.233  0 60  MET A CE  1 ? 
ATOM 441  N N   . LEU A 1 61  ? -3.024  -3.706  6.048   1.000 60.955  0 61  LEU A N   1 ? 
ATOM 442  C CA  . LEU A 1 61  ? -3.149  -4.721  5.014   1.000 60.317  0 61  LEU A CA  1 ? 
ATOM 443  C C   . LEU A 1 61  ? -4.055  -5.844  5.496   1.000 57.737  0 61  LEU A C   1 ? 
ATOM 444  O O   . LEU A 1 61  ? -4.906  -6.287  4.740   1.000 64.440  0 61  LEU A O   1 ? 
ATOM 445  C CB  . LEU A 1 61  ? -1.773  -5.229  4.599   1.000 58.866  0 61  LEU A CB  1 ? 
ATOM 446  C CG  . LEU A 1 61  ? -0.859  -4.152  4.011   1.000 56.643  0 61  LEU A CG  1 ? 
ATOM 447  C CD1 . LEU A 1 61  ? 0.577   -4.622  3.893   1.000 61.053  0 61  LEU A CD1 1 ? 
ATOM 448  C CD2 . LEU A 1 61  ? -1.397  -3.738  2.663   1.000 54.189  0 61  LEU A CD2 1 ? 
ATOM 449  N N   . ASP A 1 62  ? -3.878  -6.302  6.741   1.000 60.173  0 62  ASP A N   1 ? 
ATOM 450  C CA  . ASP A 1 62  ? -4.773  -7.311  7.283   1.000 64.922  0 62  ASP A CA  1 ? 
ATOM 451  C C   . ASP A 1 62  ? -6.204  -6.929  6.932   1.000 69.475  0 62  ASP A C   1 ? 
ATOM 452  O O   . ASP A 1 62  ? -6.886  -7.676  6.224   1.000 75.224  0 62  ASP A O   1 ? 
ATOM 453  C CB  . ASP A 1 62  ? -4.631  -7.486  8.785   1.000 62.926  0 62  ASP A CB  1 ? 
ATOM 454  C CG  . ASP A 1 62  ? -3.525  -8.443  9.182   1.000 60.950  0 62  ASP A CG  1 ? 
ATOM 455  O OD1 . ASP A 1 62  ? -2.474  -8.366  8.532   1.000 61.973  0 62  ASP A OD1 1 ? 
ATOM 456  O OD2 . ASP A 1 62  ? -3.728  -9.244  10.126  1.000 57.780  0 62  ASP A OD2 1 ? 
ATOM 457  N N   . ARG A 1 63  ? -6.569  -5.715  7.368   1.000 63.753  0 63  ARG A N   1 ? 
ATOM 458  C CA  . ARG A 1 63  ? -7.940  -5.239  7.451   1.000 64.188  0 63  ARG A CA  1 ? 
ATOM 459  C C   . ARG A 1 63  ? -8.581  -4.994  6.083   1.000 75.952  0 63  ARG A C   1 ? 
ATOM 460  O O   . ARG A 1 63  ? -9.756  -5.295  5.888   1.000 83.722  0 63  ARG A O   1 ? 
ATOM 461  C CB  . ARG A 1 63  ? -7.961  -3.875  8.141   1.000 62.372  0 63  ARG A CB  1 ? 
ATOM 462  C CG  . ARG A 1 63  ? -7.446  -3.793  9.569   1.000 64.233  0 63  ARG A CG  1 ? 
ATOM 463  C CD  . ARG A 1 63  ? -7.528  -2.348  10.024  1.000 63.840  0 63  ARG A CD  1 ? 
ATOM 464  N NE  . ARG A 1 63  ? -7.294  -2.119  11.455  1.000 65.861  0 63  ARG A NE  1 ? 
ATOM 465  C CZ  . ARG A 1 63  ? -7.395  -0.925  12.058  1.000 65.146  0 63  ARG A CZ  1 ? 
ATOM 466  N NH1 . ARG A 1 63  ? -7.852  0.127   11.390  1.000 60.017  0 63  ARG A NH1 1 ? 
ATOM 467  N NH2 . ARG A 1 63  ? -7.050  -0.793  13.335  1.000 65.486  0 63  ARG A NH2 1 ? 
ATOM 468  N N   . HIS A 1 64  ? -7.842  -4.362  5.165   1.000 86.220  0 64  HIS A N   1 ? 
ATOM 469  C CA  . HIS A 1 64  ? -8.415  -3.906  3.909   1.000 88.795  0 64  HIS A CA  1 ? 
ATOM 470  C C   . HIS A 1 64  ? -7.653  -4.577  2.770   1.000 97.551  0 64  HIS A C   1 ? 
ATOM 471  O O   . HIS A 1 64  ? -7.560  -4.020  1.680   1.000 114.327 0 64  HIS A O   1 ? 
ATOM 472  C CB  . HIS A 1 64  ? -8.441  -2.372  3.883   1.000 93.655  0 64  HIS A CB  1 ? 
ATOM 473  C CG  . HIS A 1 64  ? -8.935  -1.779  5.172   1.000 119.999 0 64  HIS A CG  1 ? 
ATOM 474  N ND1 . HIS A 1 64  ? -10.062 -2.249  5.821   1.000 141.841 0 64  HIS A ND1 1 ? 
ATOM 475  C CD2 . HIS A 1 64  ? -8.467  -0.780  5.944   1.000 123.212 0 64  HIS A CD2 1 ? 
ATOM 476  C CE1 . HIS A 1 64  ? -10.264 -1.553  6.936   1.000 128.545 0 64  HIS A CE1 1 ? 
ATOM 477  N NE2 . HIS A 1 64  ? -9.306  -0.656  7.031   1.000 126.893 0 64  HIS A NE2 1 ? 
ATOM 478  N N   . ALA A 1 65  ? -7.117  -5.778  3.043   1.000 97.840  0 65  ALA A N   1 ? 
ATOM 479  C CA  . ALA A 1 65  ? -6.473  -6.612  2.039   1.000 99.926  0 65  ALA A CA  1 ? 
ATOM 480  C C   . ALA A 1 65  ? -6.695  -8.084  2.394   1.000 90.375  0 65  ALA A C   1 ? 
ATOM 481  O O   . ALA A 1 65  ? -7.847  -8.522  2.180   1.000 83.261  0 65  ALA A O   1 ? 
ATOM 482  C CB  . ALA A 1 65  ? -4.996  -6.269  1.905   1.000 98.598  0 65  ALA A CB  1 ? 
ATOM 483  N N   . GLU A 1 74  ? -10.400 -19.240 -9.636  1.000 103.141 0 74  GLU A N   1 ? 
ATOM 484  C CA  . GLU A 1 74  ? -9.970  -17.866 -10.024 1.000 96.257  0 74  GLU A CA  1 ? 
ATOM 485  C C   . GLU A 1 74  ? -8.736  -17.923 -10.932 1.000 91.227  0 74  GLU A C   1 ? 
ATOM 486  O O   . GLU A 1 74  ? -7.845  -18.747 -10.738 1.000 89.150  0 74  GLU A O   1 ? 
ATOM 487  C CB  . GLU A 1 74  ? -9.713  -17.019 -8.777  1.000 85.597  0 74  GLU A CB  1 ? 
ATOM 488  C CG  . GLU A 1 74  ? -8.983  -15.716 -9.083  1.000 80.240  0 74  GLU A CG  1 ? 
ATOM 489  C CD  . GLU A 1 74  ? -9.121  -14.685 -7.986  1.000 85.400  0 74  GLU A CD  1 ? 
ATOM 490  O OE1 . GLU A 1 74  ? -10.272 -14.246 -7.748  1.000 75.713  0 74  GLU A OE1 1 ? 
ATOM 491  O OE2 . GLU A 1 74  ? -8.084  -14.324 -7.380  1.000 93.845  0 74  GLU A OE2 1 ? 
ATOM 492  N N   . SER A 1 75  ? -8.697  -17.025 -11.925 1.000 86.934  0 75  SER A N   1 ? 
ATOM 493  C CA  . SER A 1 75  ? -7.617  -16.987 -12.898 1.000 84.492  0 75  SER A CA  1 ? 
ATOM 494  C C   . SER A 1 75  ? -6.439  -16.207 -12.320 1.000 81.897  0 75  SER A C   1 ? 
ATOM 495  O O   . SER A 1 75  ? -6.567  -15.532 -11.301 1.000 79.038  0 75  SER A O   1 ? 
ATOM 496  C CB  . SER A 1 75  ? -8.077  -16.396 -14.214 1.000 77.723  0 75  SER A CB  1 ? 
ATOM 497  O OG  . SER A 1 75  ? -8.327  -15.003 -14.095 1.000 70.208  0 75  SER A OG  1 ? 
ATOM 498  N N   . TRP A 1 76  ? -5.289  -16.292 -12.992 1.000 73.867  0 76  TRP A N   1 ? 
ATOM 499  C CA  . TRP A 1 76  ? -4.112  -15.619 -12.493 1.000 66.585  0 76  TRP A CA  1 ? 
ATOM 500  C C   . TRP A 1 76  ? -4.293  -14.118 -12.657 1.000 63.572  0 76  TRP A C   1 ? 
ATOM 501  O O   . TRP A 1 76  ? -4.254  -13.383 -11.680 1.000 65.163  0 76  TRP A O   1 ? 
ATOM 502  C CB  . TRP A 1 76  ? -2.848  -16.142 -13.176 1.000 64.624  0 76  TRP A CB  1 ? 
ATOM 503  C CG  . TRP A 1 76  ? -2.673  -15.748 -14.616 1.000 64.463  0 76  TRP A CG  1 ? 
ATOM 504  C CD1 . TRP A 1 76  ? -3.011  -16.500 -15.697 1.000 68.416  0 76  TRP A CD1 1 ? 
ATOM 505  C CD2 . TRP A 1 76  ? -2.049  -14.552 -15.132 1.000 57.299  0 76  TRP A CD2 1 ? 
ATOM 506  N NE1 . TRP A 1 76  ? -2.654  -15.853 -16.849 1.000 65.065  0 76  TRP A NE1 1 ? 
ATOM 507  C CE2 . TRP A 1 76  ? -2.063  -14.662 -16.538 1.000 58.904  0 76  TRP A CE2 1 ? 
ATOM 508  C CE3 . TRP A 1 76  ? -1.485  -13.416 -14.555 1.000 53.094  0 76  TRP A CE3 1 ? 
ATOM 509  C CZ2 . TRP A 1 76  ? -1.539  -13.685 -17.375 1.000 64.871  0 76  TRP A CZ2 1 ? 
ATOM 510  C CZ3 . TRP A 1 76  ? -0.960  -12.451 -15.384 1.000 59.679  0 76  TRP A CZ3 1 ? 
ATOM 511  C CH2 . TRP A 1 76  ? -0.990  -12.581 -16.773 1.000 62.549  0 76  TRP A CH2 1 ? 
ATOM 512  N N   . GLN A 1 77  ? -4.592  -13.679 -13.876 1.000 66.520  0 77  GLN A N   1 ? 
ATOM 513  C CA  . GLN A 1 77  ? -4.837  -12.270 -14.118 1.000 69.636  0 77  GLN A CA  1 ? 
ATOM 514  C C   . GLN A 1 77  ? -5.684  -11.682 -12.995 1.000 69.801  0 77  GLN A C   1 ? 
ATOM 515  O O   . GLN A 1 77  ? -5.319  -10.688 -12.366 1.000 66.907  0 77  GLN A O   1 ? 
ATOM 516  C CB  . GLN A 1 77  ? -5.639  -12.038 -15.391 1.000 70.455  0 77  GLN A CB  1 ? 
ATOM 517  C CG  . GLN A 1 77  ? -4.951  -12.548 -16.647 1.000 73.658  0 77  GLN A CG  1 ? 
ATOM 518  C CD  . GLN A 1 77  ? -5.250  -14.000 -16.925 1.000 70.366  0 77  GLN A CD  1 ? 
ATOM 519  O OE1 . GLN A 1 77  ? -5.798  -14.728 -16.083 1.000 64.273  0 77  GLN A OE1 1 ? 
ATOM 520  N NE2 . GLN A 1 77  ? -4.876  -14.416 -18.126 1.000 67.749  0 77  GLN A NE2 1 ? 
ATOM 521  N N   . ASP A 1 78  ? -6.831  -12.317 -12.757 1.000 69.157  0 78  ASP A N   1 ? 
ATOM 522  C CA  . ASP A 1 78  ? -7.779  -11.796 -11.794 1.000 71.641  0 78  ASP A CA  1 ? 
ATOM 523  C C   . ASP A 1 78  ? -7.340  -12.181 -10.387 1.000 65.278  0 78  ASP A C   1 ? 
ATOM 524  O O   . ASP A 1 78  ? -8.157  -12.116 -9.479  1.000 67.871  0 78  ASP A O   1 ? 
ATOM 525  C CB  . ASP A 1 78  ? -9.209  -12.223 -12.113 1.000 80.366  0 78  ASP A CB  1 ? 
ATOM 526  C CG  . ASP A 1 78  ? -10.009 -11.328 -13.057 1.000 85.254  0 78  ASP A CG  1 ? 
ATOM 527  O OD1 . ASP A 1 78  ? -9.477  -10.280 -13.507 1.000 74.349  0 78  ASP A OD1 1 ? 
ATOM 528  O OD2 . ASP A 1 78  ? -11.179 -11.679 -13.327 1.000 91.640  0 78  ASP A OD2 1 ? 
ATOM 529  N N   . PHE A 1 79  ? -6.074  -12.592 -10.208 1.000 67.429  0 79  PHE A N   1 ? 
ATOM 530  C CA  . PHE A 1 79  ? -5.445  -12.571 -8.888  1.000 72.895  0 79  PHE A CA  1 ? 
ATOM 531  C C   . PHE A 1 79  ? -4.704  -11.249 -8.756  1.000 58.351  0 79  PHE A C   1 ? 
ATOM 532  O O   . PHE A 1 79  ? -4.958  -10.453 -7.853  1.000 48.392  0 79  PHE A O   1 ? 
ATOM 533  C CB  . PHE A 1 79  ? -4.403  -13.653 -8.583  1.000 77.999  0 79  PHE A CB  1 ? 
ATOM 534  C CG  . PHE A 1 79  ? -3.928  -13.760 -7.135  1.000 81.415  0 79  PHE A CG  1 ? 
ATOM 535  C CD1 . PHE A 1 79  ? -4.839  -13.787 -6.076  1.000 78.641  0 79  PHE A CD1 1 ? 
ATOM 536  C CD2 . PHE A 1 79  ? -2.563  -13.875 -6.842  1.000 72.218  0 79  PHE A CD2 1 ? 
ATOM 537  C CE1 . PHE A 1 79  ? -4.397  -13.929 -4.764  1.000 84.233  0 79  PHE A CE1 1 ? 
ATOM 538  C CE2 . PHE A 1 79  ? -2.127  -14.010 -5.529  1.000 71.788  0 79  PHE A CE2 1 ? 
ATOM 539  C CZ  . PHE A 1 79  ? -3.044  -14.038 -4.492  1.000 82.102  0 79  PHE A CZ  1 ? 
ATOM 540  N N   . LEU A 1 80  ? -3.804  -11.027 -9.708  1.000 54.269  0 80  LEU A N   1 ? 
ATOM 541  C CA  . LEU A 1 80  ? -3.039  -9.798  -9.745  1.000 60.435  0 80  LEU A CA  1 ? 
ATOM 542  C C   . LEU A 1 80  ? -3.990  -8.615  -9.541  1.000 67.620  0 80  LEU A C   1 ? 
ATOM 543  O O   . LEU A 1 80  ? -3.798  -7.822  -8.614  1.000 69.673  0 80  LEU A O   1 ? 
ATOM 544  C CB  . LEU A 1 80  ? -2.239  -9.736  -11.049 1.000 54.883  0 80  LEU A CB  1 ? 
ATOM 545  C CG  . LEU A 1 80  ? -1.320  -10.938 -11.334 1.000 55.668  0 80  LEU A CG  1 ? 
ATOM 546  C CD1 . LEU A 1 80  ? -0.101  -10.545 -12.162 1.000 52.658  0 80  LEU A CD1 1 ? 
ATOM 547  C CD2 . LEU A 1 80  ? -0.854  -11.681 -10.086 1.000 56.718  0 80  LEU A CD2 1 ? 
ATOM 548  N N   . ARG A 1 81  ? -5.043  -8.541  -10.374 1.000 66.941  0 81  ARG A N   1 ? 
ATOM 549  C CA  . ARG A 1 81  ? -6.032  -7.480  -10.282 1.000 60.676  0 81  ARG A CA  1 ? 
ATOM 550  C C   . ARG A 1 81  ? -6.445  -7.271  -8.830  1.000 59.440  0 81  ARG A C   1 ? 
ATOM 551  O O   . ARG A 1 81  ? -6.282  -6.177  -8.296  1.000 61.416  0 81  ARG A O   1 ? 
ATOM 552  C CB  . ARG A 1 81  ? -7.309  -7.777  -11.075 1.000 65.603  0 81  ARG A CB  1 ? 
ATOM 553  C CG  . ARG A 1 81  ? -7.187  -7.565  -12.576 1.000 67.169  0 81  ARG A CG  1 ? 
ATOM 554  C CD  . ARG A 1 81  ? -8.511  -7.295  -13.304 1.000 62.028  0 81  ARG A CD  1 ? 
ATOM 555  N NE  . ARG A 1 81  ? -8.237  -7.205  -14.746 1.000 60.078  0 81  ARG A NE  1 ? 
ATOM 556  C CZ  . ARG A 1 81  ? -7.925  -8.239  -15.546 1.000 58.750  0 81  ARG A CZ  1 ? 
ATOM 557  N NH1 . ARG A 1 81  ? -8.116  -9.489  -15.151 1.000 56.394  0 81  ARG A NH1 1 ? 
ATOM 558  N NH2 . ARG A 1 81  ? -7.472  -8.026  -16.771 1.000 55.370  0 81  ARG A NH2 1 ? 
ATOM 559  N N   . ASN A 1 82  ? -6.970  -8.335  -8.209  1.000 60.544  0 82  ASN A N   1 ? 
ATOM 560  C CA  . ASN A 1 82  ? -7.704  -8.230  -6.954  1.000 65.949  0 82  ASN A CA  1 ? 
ATOM 561  C C   . ASN A 1 82  ? -6.734  -8.018  -5.792  1.000 64.362  0 82  ASN A C   1 ? 
ATOM 562  O O   . ASN A 1 82  ? -7.095  -7.446  -4.761  1.000 49.540  0 82  ASN A O   1 ? 
ATOM 563  C CB  . ASN A 1 82  ? -8.605  -9.443  -6.729  1.000 72.192  0 82  ASN A CB  1 ? 
ATOM 564  C CG  . ASN A 1 82  ? -9.857  -9.410  -7.579  1.000 76.680  0 82  ASN A CG  1 ? 
ATOM 565  O OD1 . ASN A 1 82  ? -10.963 -9.264  -7.046  1.000 80.814  0 82  ASN A OD1 1 ? 
ATOM 566  N ND2 . ASN A 1 82  ? -9.721  -9.549  -8.891  1.000 78.676  0 82  ASN A ND2 1 ? 
ATOM 567  N N   . ASN A 1 83  ? -5.497  -8.488  -5.987  1.000 71.997  0 83  ASN A N   1 ? 
ATOM 568  C CA  . ASN A 1 83  ? -4.430  -8.284  -5.025  1.000 75.308  0 83  ASN A CA  1 ? 
ATOM 569  C C   . ASN A 1 83  ? -4.164  -6.783  -4.948  1.000 63.841  0 83  ASN A C   1 ? 
ATOM 570  O O   . ASN A 1 83  ? -4.382  -6.168  -3.909  1.000 72.067  0 83  ASN A O   1 ? 
ATOM 571  C CB  . ASN A 1 83  ? -3.196  -9.110  -5.386  1.000 85.526  0 83  ASN A CB  1 ? 
ATOM 572  C CG  . ASN A 1 83  ? -2.499  -9.664  -4.167  1.000 89.737  0 83  ASN A CG  1 ? 
ATOM 573  O OD1 . ASN A 1 83  ? -1.344  -9.313  -3.895  1.000 107.488 0 83  ASN A OD1 1 ? 
ATOM 574  N ND2 . ASN A 1 83  ? -3.181  -10.533 -3.432  1.000 79.920  0 83  ASN A ND2 1 ? 
ATOM 575  N N   . ALA A 1 84  ? -3.744  -6.205  -6.075  1.000 53.040  0 84  ALA A N   1 ? 
ATOM 576  C CA  . ALA A 1 84  ? -3.458  -4.784  -6.145  1.000 52.529  0 84  ALA A CA  1 ? 
ATOM 577  C C   . ALA A 1 84  ? -4.622  -3.982  -5.571  1.000 50.843  0 84  ALA A C   1 ? 
ATOM 578  O O   . ALA A 1 84  ? -4.452  -3.238  -4.615  1.000 51.892  0 84  ALA A O   1 ? 
ATOM 579  C CB  . ALA A 1 84  ? -3.174  -4.379  -7.571  1.000 51.836  0 84  ALA A CB  1 ? 
ATOM 580  N N   . LYS A 1 85  ? -5.812  -4.151  -6.151  1.000 52.534  0 85  LYS A N   1 ? 
ATOM 581  C CA  . LYS A 1 85  ? -6.935  -3.293  -5.816  1.000 53.654  0 85  LYS A CA  1 ? 
ATOM 582  C C   . LYS A 1 85  ? -7.062  -3.176  -4.310  1.000 48.523  0 85  LYS A C   1 ? 
ATOM 583  O O   . LYS A 1 85  ? -7.339  -2.105  -3.782  1.000 41.564  0 85  LYS A O   1 ? 
ATOM 584  C CB  . LYS A 1 85  ? -8.287  -3.854  -6.250  1.000 56.843  0 85  LYS A CB  1 ? 
ATOM 585  C CG  . LYS A 1 85  ? -8.543  -3.765  -7.716  1.000 63.008  0 85  LYS A CG  1 ? 
ATOM 586  C CD  . LYS A 1 85  ? -10.028 -3.902  -8.005  1.000 70.585  0 85  LYS A CD  1 ? 
ATOM 587  C CE  . LYS A 1 85  ? -10.240 -3.733  -9.473  1.000 80.407  0 85  LYS A CE  1 ? 
ATOM 588  N NZ  . LYS A 1 85  ? -11.658 -3.831  -9.818  1.000 88.040  0 85  LYS A NZ  1 ? 
ATOM 589  N N   . SER A 1 86  ? -6.895  -4.326  -3.659  1.000 52.709  0 86  SER A N   1 ? 
ATOM 590  C CA  . SER A 1 86  ? -7.011  -4.416  -2.220  1.000 57.665  0 86  SER A CA  1 ? 
ATOM 591  C C   . SER A 1 86  ? -5.844  -3.687  -1.559  1.000 53.350  0 86  SER A C   1 ? 
ATOM 592  O O   . SER A 1 86  ? -6.062  -2.896  -0.648  1.000 51.661  0 86  SER A O   1 ? 
ATOM 593  C CB  . SER A 1 86  ? -7.094  -5.847  -1.788  1.000 60.819  0 86  SER A CB  1 ? 
ATOM 594  O OG  . SER A 1 86  ? -7.762  -5.927  -0.538  1.000 69.556  0 86  SER A OG  1 ? 
ATOM 595  N N   . MET A 1 87  ? -4.618  -3.936  -2.035  1.000 48.247  0 87  MET A N   1 ? 
ATOM 596  C CA  . MET A 1 87  ? -3.454  -3.195  -1.572  1.000 49.922  0 87  MET A CA  1 ? 
ATOM 597  C C   . MET A 1 87  ? -3.726  -1.695  -1.639  1.000 50.072  0 87  MET A C   1 ? 
ATOM 598  O O   . MET A 1 87  ? -3.542  -0.954  -0.665  1.000 46.644  0 87  MET A O   1 ? 
ATOM 599  C CB  . MET A 1 87  ? -2.232  -3.486  -2.446  1.000 48.810  0 87  MET A CB  1 ? 
ATOM 600  C CG  . MET A 1 87  ? -0.980  -2.756  -2.026  1.000 50.517  0 87  MET A CG  1 ? 
ATOM 601  S SD  . MET A 1 87  ? 0.409   -3.330  -3.018  1.000 60.305  0 87  MET A SD  1 ? 
ATOM 602  C CE  . MET A 1 87  ? 1.955   -2.666  -2.368  1.000 69.508  0 87  MET A CE  1 ? 
ATOM 603  N N   . ARG A 1 88  ? -4.157  -1.276  -2.830  1.000 49.625  0 88  ARG A N   1 ? 
ATOM 604  C CA  . ARG A 1 88  ? -4.443  0.110   -3.127  1.000 45.160  0 88  ARG A CA  1 ? 
ATOM 605  C C   . ARG A 1 88  ? -5.453  0.626   -2.120  1.000 40.138  0 88  ARG A C   1 ? 
ATOM 606  O O   . ARG A 1 88  ? -5.274  1.682   -1.545  1.000 35.318  0 88  ARG A O   1 ? 
ATOM 607  C CB  . ARG A 1 88  ? -5.060  0.183   -4.525  1.000 47.955  0 88  ARG A CB  1 ? 
ATOM 608  C CG  . ARG A 1 88  ? -5.306  1.608   -4.983  1.000 49.966  0 88  ARG A CG  1 ? 
ATOM 609  C CD  . ARG A 1 88  ? -6.675  1.755   -5.641  1.000 51.564  0 88  ARG A CD  1 ? 
ATOM 610  N NE  . ARG A 1 88  ? -6.517  2.956   -6.460  1.000 54.787  0 88  ARG A NE  1 ? 
ATOM 611  C CZ  . ARG A 1 88  ? -7.167  4.087   -6.297  1.000 52.809  0 88  ARG A CZ  1 ? 
ATOM 612  N NH1 . ARG A 1 88  ? -8.343  4.048   -5.692  1.000 55.670  0 88  ARG A NH1 1 ? 
ATOM 613  N NH2 . ARG A 1 88  ? -6.652  5.215   -6.785  1.000 44.204  0 88  ARG A NH2 1 ? 
ATOM 614  N N   . CYS A 1 89  ? -6.531  -0.132  -1.939  1.000 43.500  0 89  CYS A N   1 ? 
ATOM 615  C CA  . CYS A 1 89  ? -7.523  0.242   -0.956  1.000 51.278  0 89  CYS A CA  1 ? 
ATOM 616  C C   . CYS A 1 89  ? -6.789  0.433   0.365   1.000 49.039  0 89  CYS A C   1 ? 
ATOM 617  O O   . CYS A 1 89  ? -6.769  1.535   0.907   1.000 52.767  0 89  CYS A O   1 ? 
ATOM 618  C CB  . CYS A 1 89  ? -8.675  -0.761  -0.891  1.000 58.857  0 89  CYS A CB  1 ? 
ATOM 619  S SG  . CYS A 1 89  ? -9.444  -0.862  0.752   1.000 78.335  0 89  CYS A SG  1 ? 
ATOM 620  N N   . ALA A 1 90  ? -6.116  -0.632  0.808   1.000 48.612  0 90  ALA A N   1 ? 
ATOM 621  C CA  . ALA A 1 90  ? -5.435  -0.680  2.096   1.000 49.289  0 90  ALA A CA  1 ? 
ATOM 622  C C   . ALA A 1 90  ? -4.540  0.536   2.321   1.000 45.397  0 90  ALA A C   1 ? 
ATOM 623  O O   . ALA A 1 90  ? -4.464  1.050   3.431   1.000 41.113  0 90  ALA A O   1 ? 
ATOM 624  C CB  . ALA A 1 90  ? -4.630  -1.955  2.207   1.000 49.803  0 90  ALA A CB  1 ? 
ATOM 625  N N   . LEU A 1 91  ? -3.856  0.993   1.273   1.000 43.066  0 91  LEU A N   1 ? 
ATOM 626  C CA  . LEU A 1 91  ? -2.960  2.122   1.424   1.000 43.442  0 91  LEU A CA  1 ? 
ATOM 627  C C   . LEU A 1 91  ? -3.735  3.403   1.732   1.000 40.186  0 91  LEU A C   1 ? 
ATOM 628  O O   . LEU A 1 91  ? -3.322  4.165   2.597   1.000 39.642  0 91  LEU A O   1 ? 
ATOM 629  C CB  . LEU A 1 91  ? -2.113  2.245   0.161   1.000 46.784  0 91  LEU A CB  1 ? 
ATOM 630  C CG  . LEU A 1 91  ? -1.162  1.076   -0.121  1.000 46.196  0 91  LEU A CG  1 ? 
ATOM 631  C CD1 . LEU A 1 91  ? -0.389  1.264   -1.421  1.000 46.756  0 91  LEU A CD1 1 ? 
ATOM 632  C CD2 . LEU A 1 91  ? -0.208  0.893   1.032   1.000 44.578  0 91  LEU A CD2 1 ? 
ATOM 633  N N   . LEU A 1 92  ? -4.849  3.635   1.029   1.000 39.638  0 92  LEU A N   1 ? 
ATOM 634  C CA  . LEU A 1 92  ? -5.566  4.900   1.109   1.000 41.268  0 92  LEU A CA  1 ? 
ATOM 635  C C   . LEU A 1 92  ? -6.369  4.957   2.404   1.000 40.967  0 92  LEU A C   1 ? 
ATOM 636  O O   . LEU A 1 92  ? -7.001  5.960   2.698   1.000 38.279  0 92  LEU A O   1 ? 
ATOM 637  C CB  . LEU A 1 92  ? -6.493  5.062   -0.096  1.000 45.551  0 92  LEU A CB  1 ? 
ATOM 638  C CG  . LEU A 1 92  ? -5.849  5.076   -1.491  1.000 47.406  0 92  LEU A CG  1 ? 
ATOM 639  C CD1 . LEU A 1 92  ? -6.867  4.603   -2.508  1.000 47.406  0 92  LEU A CD1 1 ? 
ATOM 640  C CD2 . LEU A 1 92  ? -5.314  6.424   -1.932  1.000 46.348  0 92  LEU A CD2 1 ? 
ATOM 641  N N   . SER A 1 93  ? -6.351  3.856   3.157   1.000 44.044  0 93  SER A N   1 ? 
ATOM 642  C CA  . SER A 1 93  ? -7.027  3.734   4.438   1.000 48.472  0 93  SER A CA  1 ? 
ATOM 643  C C   . SER A 1 93  ? -6.617  4.823   5.430   1.000 47.895  0 93  SER A C   1 ? 
ATOM 644  O O   . SER A 1 93  ? -7.377  5.165   6.338   1.000 47.222  0 93  SER A O   1 ? 
ATOM 645  C CB  . SER A 1 93  ? -6.728  2.384   5.029   1.000 56.372  0 93  SER A CB  1 ? 
ATOM 646  O OG  . SER A 1 93  ? -6.950  1.350   4.078   1.000 70.638  0 93  SER A OG  1 ? 
ATOM 647  N N   . HIS A 1 94  ? -5.375  5.299   5.330   1.000 44.771  0 94  HIS A N   1 ? 
ATOM 648  C CA  . HIS A 1 94  ? -4.886  6.236   6.319   1.000 41.075  0 94  HIS A CA  1 ? 
ATOM 649  C C   . HIS A 1 94  ? -4.002  7.284   5.663   1.000 39.864  0 94  HIS A C   1 ? 
ATOM 650  O O   . HIS A 1 94  ? -3.429  7.079   4.594   1.000 41.538  0 94  HIS A O   1 ? 
ATOM 651  C CB  . HIS A 1 94  ? -4.156  5.520   7.459   1.000 40.116  0 94  HIS A CB  1 ? 
ATOM 652  C CG  . HIS A 1 94  ? -4.972  4.506   8.196   1.000 43.869  0 94  HIS A CG  1 ? 
ATOM 653  N ND1 . HIS A 1 94  ? -5.630  3.456   7.585   1.000 43.479  0 94  HIS A ND1 1 ? 
ATOM 654  C CD2 . HIS A 1 94  ? -5.181  4.350   9.525   1.000 46.179  0 94  HIS A CD2 1 ? 
ATOM 655  C CE1 . HIS A 1 94  ? -6.224  2.706   8.511   1.000 44.916  0 94  HIS A CE1 1 ? 
ATOM 656  N NE2 . HIS A 1 94  ? -5.965  3.231   9.699   1.000 46.357  0 94  HIS A NE2 1 ? 
ATOM 657  N N   . ARG A 1 95  ? -3.940  8.427   6.333   1.000 37.132  0 95  ARG A N   1 ? 
ATOM 658  C CA  . ARG A 1 95  ? -2.990  9.461   6.010   1.000 39.583  0 95  ARG A CA  1 ? 
ATOM 659  C C   . ARG A 1 95  ? -1.621  8.844   5.810   1.000 38.094  0 95  ARG A C   1 ? 
ATOM 660  O O   . ARG A 1 95  ? -1.239  7.954   6.551   1.000 40.145  0 95  ARG A O   1 ? 
ATOM 661  C CB  . ARG A 1 95  ? -2.961  10.358  7.245   1.000 45.549  0 95  ARG A CB  1 ? 
ATOM 662  C CG  . ARG A 1 95  ? -1.966  11.502  7.174   1.000 46.849  0 95  ARG A CG  1 ? 
ATOM 663  C CD  . ARG A 1 95  ? -2.371  12.600  8.122   1.000 44.956  0 95  ARG A CD  1 ? 
ATOM 664  N NE  . ARG A 1 95  ? -1.542  13.775  7.857   1.000 46.372  0 95  ARG A NE  1 ? 
ATOM 665  C CZ  . ARG A 1 95  ? -1.525  14.880  8.586   1.000 47.510  0 95  ARG A CZ  1 ? 
ATOM 666  N NH1 . ARG A 1 95  ? -2.291  15.014  9.651   1.000 48.532  0 95  ARG A NH1 1 ? 
ATOM 667  N NH2 . ARG A 1 95  ? -0.715  15.860  8.253   1.000 50.868  0 95  ARG A NH2 1 ? 
ATOM 668  N N   . ASP A 1 96  ? -0.898  9.314   4.802   1.000 39.906  0 96  ASP A N   1 ? 
ATOM 669  C CA  . ASP A 1 96  ? 0.494   8.931   4.610   1.000 42.749  0 96  ASP A CA  1 ? 
ATOM 670  C C   . ASP A 1 96  ? 0.639   7.404   4.607   1.000 44.201  0 96  ASP A C   1 ? 
ATOM 671  O O   . ASP A 1 96  ? 1.739   6.879   4.794   1.000 42.440  0 96  ASP A O   1 ? 
ATOM 672  C CB  . ASP A 1 96  ? 1.376   9.686   5.594   1.000 41.012  0 96  ASP A CB  1 ? 
ATOM 673  C CG  . ASP A 1 96  ? 1.404   11.200  5.410   1.000 45.139  0 96  ASP A CG  1 ? 
ATOM 674  O OD1 . ASP A 1 96  ? 0.925   11.696  4.354   1.000 47.676  0 96  ASP A OD1 1 ? 
ATOM 675  O OD2 . ASP A 1 96  ? 1.904   11.884  6.325   1.000 46.630  0 96  ASP A OD2 1 ? 
ATOM 676  N N   . GLY A 1 97  ? -0.469  6.704   4.302   1.000 45.054  0 97  GLY A N   1 ? 
ATOM 677  C CA  . GLY A 1 97  ? -0.552  5.251   4.379   1.000 44.209  0 97  GLY A CA  1 ? 
ATOM 678  C C   . GLY A 1 97  ? 0.418   4.548   3.429   1.000 39.997  0 97  GLY A C   1 ? 
ATOM 679  O O   . GLY A 1 97  ? 0.928   3.472   3.731   1.000 36.580  0 97  GLY A O   1 ? 
ATOM 680  N N   . ALA A 1 98  ? 0.680   5.170   2.285   1.000 38.155  0 98  ALA A N   1 ? 
ATOM 681  C CA  . ALA A 1 98  ? 1.617   4.614   1.330   1.000 42.143  0 98  ALA A CA  1 ? 
ATOM 682  C C   . ALA A 1 98  ? 3.059   4.810   1.795   1.000 38.099  0 98  ALA A C   1 ? 
ATOM 683  O O   . ALA A 1 98  ? 3.855   3.882   1.699   1.000 38.996  0 98  ALA A O   1 ? 
ATOM 684  C CB  . ALA A 1 98  ? 1.362   5.221   -0.029  1.000 48.499  0 98  ALA A CB  1 ? 
ATOM 685  N N   . LYS A 1 99  ? 3.380   6.013   2.297   1.000 36.276  0 99  LYS A N   1 ? 
ATOM 686  C CA  . LYS A 1 99  ? 4.682   6.316   2.881   1.000 32.572  0 99  LYS A CA  1 ? 
ATOM 687  C C   . LYS A 1 99  ? 5.032   5.331   4.000   1.000 31.261  0 99  LYS A C   1 ? 
ATOM 688  O O   . LYS A 1 99  ? 6.193   4.956   4.186   1.000 26.731  0 99  LYS A O   1 ? 
ATOM 689  C CB  . LYS A 1 99  ? 4.711   7.762   3.396   1.000 33.160  0 99  LYS A CB  1 ? 
ATOM 690  C CG  . LYS A 1 99  ? 5.170   8.766   2.362   1.000 36.709  0 99  LYS A CG  1 ? 
ATOM 691  C CD  . LYS A 1 99  ? 5.276   10.232  2.758   1.000 40.241  0 99  LYS A CD  1 ? 
ATOM 692  C CE  . LYS A 1 99  ? 5.777   11.078  1.607   1.000 45.429  0 99  LYS A CE  1 ? 
ATOM 693  N NZ  . LYS A 1 99  ? 5.928   12.518  1.869   1.000 48.359  0 99  LYS A NZ  1 ? 
ATOM 694  N N   . VAL A 1 100 ? 4.024   4.920   4.771   1.000 31.923  0 100 VAL A N   1 ? 
ATOM 695  C CA  . VAL A 1 100 ? 4.263   3.937   5.802   1.000 34.025  0 100 VAL A CA  1 ? 
ATOM 696  C C   . VAL A 1 100 ? 4.684   2.642   5.134   1.000 39.757  0 100 VAL A C   1 ? 
ATOM 697  O O   . VAL A 1 100 ? 5.715   2.095   5.504   1.000 45.760  0 100 VAL A O   1 ? 
ATOM 698  C CB  . VAL A 1 100 ? 3.020   3.725   6.669   1.000 35.061  0 100 VAL A CB  1 ? 
ATOM 699  C CG1 . VAL A 1 100 ? 3.213   2.604   7.690   1.000 32.521  0 100 VAL A CG1 1 ? 
ATOM 700  C CG2 . VAL A 1 100 ? 2.617   5.039   7.329   1.000 38.156  0 100 VAL A CG2 1 ? 
ATOM 701  N N   . CYS A 1 101 ? 3.873   2.173   4.172   1.000 44.347  0 101 CYS A N   1 ? 
ATOM 702  C CA  . CYS A 1 101 ? 4.134   0.918   3.485   1.000 46.476  0 101 CYS A CA  1 ? 
ATOM 703  C C   . CYS A 1 101 ? 5.545   0.920   2.893   1.000 42.971  0 101 CYS A C   1 ? 
ATOM 704  O O   . CYS A 1 101 ? 6.246   -0.089  2.966   1.000 37.213  0 101 CYS A O   1 ? 
ATOM 705  C CB  . CYS A 1 101 ? 3.093   0.626   2.409   1.000 51.961  0 101 CYS A CB  1 ? 
ATOM 706  S SG  . CYS A 1 101 ? 3.560   -0.712  1.260   1.000 71.057  0 101 CYS A SG  1 ? 
ATOM 707  N N   . LEU A 1 102 ? 5.963   2.057   2.322   1.000 40.796  0 102 LEU A N   1 ? 
ATOM 708  C CA  . LEU A 1 102 ? 7.261   2.153   1.673   1.000 43.135  0 102 LEU A CA  1 ? 
ATOM 709  C C   . LEU A 1 102 ? 8.382   1.534   2.503   1.000 54.128  0 102 LEU A C   1 ? 
ATOM 710  O O   . LEU A 1 102 ? 9.058   0.626   2.023   1.000 61.434  0 102 LEU A O   1 ? 
ATOM 711  C CB  . LEU A 1 102 ? 7.612   3.597   1.372   1.000 39.742  0 102 LEU A CB  1 ? 
ATOM 712  C CG  . LEU A 1 102 ? 7.813   3.915   -0.102  1.000 43.072  0 102 LEU A CG  1 ? 
ATOM 713  C CD1 . LEU A 1 102 ? 8.426   5.287   -0.252  1.000 44.656  0 102 LEU A CD1 1 ? 
ATOM 714  C CD2 . LEU A 1 102 ? 8.707   2.896   -0.747  1.000 46.400  0 102 LEU A CD2 1 ? 
ATOM 715  N N   . GLY A 1 103 ? 8.565   2.029   3.740   1.000 58.996  0 103 GLY A N   1 ? 
ATOM 716  C CA  . GLY A 1 103 ? 9.784   1.824   4.513   1.000 59.852  0 103 GLY A CA  1 ? 
ATOM 717  C C   . GLY A 1 103 ? 9.840   0.494   5.271   1.000 68.350  0 103 GLY A C   1 ? 
ATOM 718  O O   . GLY A 1 103 ? 10.797  0.247   6.013   1.000 68.237  0 103 GLY A O   1 ? 
ATOM 719  N N   . THR A 1 104 ? 8.862   -0.389  5.035   1.000 70.701  0 104 THR A N   1 ? 
ATOM 720  C CA  . THR A 1 104 ? 8.708   -1.592  5.834   1.000 71.784  0 104 THR A CA  1 ? 
ATOM 721  C C   . THR A 1 104 ? 9.631   -2.677  5.317   1.000 70.688  0 104 THR A C   1 ? 
ATOM 722  O O   . THR A 1 104 ? 9.284   -3.219  4.250   1.000 59.880  0 104 THR A O   1 ? 
ATOM 723  C CB  . THR A 1 104 ? 7.249   -2.011  5.736   1.000 69.500  0 104 THR A CB  1 ? 
ATOM 724  O OG1 . THR A 1 104 ? 7.229   -2.294  4.344   1.000 74.234  0 104 THR A OG1 1 ? 
ATOM 725  C CG2 . THR A 1 104 ? 6.288   -0.897  6.108   1.000 67.925  0 104 THR A CG2 1 ? 
ATOM 726  N N   . TYR A 1 111 ? 4.827   -14.046 4.832   1.000 78.676  0 111 TYR A N   1 ? 
ATOM 727  C CA  . TYR A 1 111 ? 5.792   -15.025 4.250   1.000 90.094  0 111 TYR A CA  1 ? 
ATOM 728  C C   . TYR A 1 111 ? 5.092   -16.183 3.544   1.000 92.665  0 111 TYR A C   1 ? 
ATOM 729  O O   . TYR A 1 111 ? 5.515   -16.585 2.457   1.000 83.493  0 111 TYR A O   1 ? 
ATOM 730  C CB  . TYR A 1 111 ? 6.739   -15.675 5.267   1.000 88.994  0 111 TYR A CB  1 ? 
ATOM 731  C CG  . TYR A 1 111 ? 8.178   -15.191 5.197   1.000 83.820  0 111 TYR A CG  1 ? 
ATOM 732  C CD1 . TYR A 1 111 ? 8.664   -14.508 4.086   1.000 81.523  0 111 TYR A CD1 1 ? 
ATOM 733  C CD2 . TYR A 1 111 ? 9.066   -15.475 6.224   1.000 82.965  0 111 TYR A CD2 1 ? 
ATOM 734  C CE1 . TYR A 1 111 ? 9.980   -14.083 4.023   1.000 80.629  0 111 TYR A CE1 1 ? 
ATOM 735  C CE2 . TYR A 1 111 ? 10.387  -15.066 6.166   1.000 80.509  0 111 TYR A CE2 1 ? 
ATOM 736  C CZ  . TYR A 1 111 ? 10.842  -14.368 5.063   1.000 76.654  0 111 TYR A CZ  1 ? 
ATOM 737  O OH  . TYR A 1 111 ? 12.135  -13.958 4.999   1.000 70.247  0 111 TYR A OH  1 ? 
ATOM 738  N N   . GLU A 1 112 ? 4.082   -16.768 4.195   1.000 95.413  0 112 GLU A N   1 ? 
ATOM 739  C CA  . GLU A 1 112 ? 3.332   -17.850 3.578   1.000 104.374 0 112 GLU A CA  1 ? 
ATOM 740  C C   . GLU A 1 112 ? 2.591   -17.286 2.362   1.000 100.489 0 112 GLU A C   1 ? 
ATOM 741  O O   . GLU A 1 112 ? 2.797   -17.747 1.239   1.000 89.783  0 112 GLU A O   1 ? 
ATOM 742  C CB  . GLU A 1 112 ? 2.451   -18.575 4.600   1.000 109.683 0 112 GLU A CB  1 ? 
ATOM 743  C CG  . GLU A 1 112 ? 1.940   -19.925 4.096   1.000 111.057 0 112 GLU A CG  1 ? 
ATOM 744  C CD  . GLU A 1 112 ? 1.593   -20.940 5.169   1.000 114.252 0 112 GLU A CD  1 ? 
ATOM 745  O OE1 . GLU A 1 112 ? 1.155   -22.055 4.806   1.000 108.476 0 112 GLU A OE1 1 ? 
ATOM 746  O OE2 . GLU A 1 112 ? 1.765   -20.617 6.363   1.000 118.197 0 112 GLU A OE2 1 ? 
ATOM 747  N N   . THR A 1 113 ? 1.776   -16.245 2.578   1.000 91.636  0 113 THR A N   1 ? 
ATOM 748  C CA  . THR A 1 113 ? 1.099   -15.554 1.494   1.000 84.882  0 113 THR A CA  1 ? 
ATOM 749  C C   . THR A 1 113 ? 2.057   -15.336 0.322   1.000 88.168  0 113 THR A C   1 ? 
ATOM 750  O O   . THR A 1 113 ? 1.665   -15.474 -0.831  1.000 93.723  0 113 THR A O   1 ? 
ATOM 751  C CB  . THR A 1 113 ? 0.530   -14.241 2.026   1.000 89.776  0 113 THR A CB  1 ? 
ATOM 752  O OG1 . THR A 1 113 ? -0.556  -14.686 2.828   1.000 96.337  0 113 THR A OG1 1 ? 
ATOM 753  C CG2 . THR A 1 113 ? 0.007   -13.314 0.942   1.000 93.959  0 113 THR A CG2 1 ? 
ATOM 754  N N   . ALA A 1 114 ? 3.316   -14.987 0.607   1.000 86.485  0 114 ALA A N   1 ? 
ATOM 755  C CA  . ALA A 1 114 ? 4.298   -14.851 -0.453  1.000 85.172  0 114 ALA A CA  1 ? 
ATOM 756  C C   . ALA A 1 114 ? 4.380   -16.157 -1.239  1.000 81.674  0 114 ALA A C   1 ? 
ATOM 757  O O   . ALA A 1 114 ? 4.156   -16.182 -2.446  1.000 61.160  0 114 ALA A O   1 ? 
ATOM 758  C CB  . ALA A 1 114 ? 5.643   -14.466 0.123   1.000 85.021  0 114 ALA A CB  1 ? 
ATOM 759  N N   . GLU A 1 115 ? 4.669   -17.243 -0.515  1.000 100.780 0 115 GLU A N   1 ? 
ATOM 760  C CA  . GLU A 1 115 ? 5.056   -18.499 -1.136  1.000 109.963 0 115 GLU A CA  1 ? 
ATOM 761  C C   . GLU A 1 115 ? 3.924   -19.009 -2.020  1.000 97.493  0 115 GLU A C   1 ? 
ATOM 762  O O   . GLU A 1 115 ? 4.139   -19.235 -3.208  1.000 88.586  0 115 GLU A O   1 ? 
ATOM 763  C CB  . GLU A 1 115 ? 5.597   -19.501 -0.108  1.000 120.778 0 115 GLU A CB  1 ? 
ATOM 764  C CG  . GLU A 1 115 ? 4.606   -20.107 0.884   1.000 136.827 0 115 GLU A CG  1 ? 
ATOM 765  C CD  . GLU A 1 115 ? 5.263   -21.005 1.927   1.000 147.421 0 115 GLU A CD  1 ? 
ATOM 766  O OE1 . GLU A 1 115 ? 6.474   -21.277 1.769   1.000 156.323 0 115 GLU A OE1 1 ? 
ATOM 767  O OE2 . GLU A 1 115 ? 4.589   -21.428 2.895   1.000 144.194 0 115 GLU A OE2 1 ? 
ATOM 768  N N   . ASN A 1 116 ? 2.726   -19.154 -1.442  1.000 85.241  0 116 ASN A N   1 ? 
ATOM 769  C CA  . ASN A 1 116 ? 1.552   -19.533 -2.207  1.000 80.580  0 116 ASN A CA  1 ? 
ATOM 770  C C   . ASN A 1 116 ? 1.650   -18.820 -3.554  1.000 79.553  0 116 ASN A C   1 ? 
ATOM 771  O O   . ASN A 1 116 ? 2.053   -19.420 -4.551  1.000 74.510  0 116 ASN A O   1 ? 
ATOM 772  C CB  . ASN A 1 116 ? 0.273   -19.263 -1.417  1.000 79.481  0 116 ASN A CB  1 ? 
ATOM 773  C CG  . ASN A 1 116 ? 0.275   -19.951 -0.068  1.000 88.180  0 116 ASN A CG  1 ? 
ATOM 774  O OD1 . ASN A 1 116 ? 1.189   -20.724 0.245   1.000 89.697  0 116 ASN A OD1 1 ? 
ATOM 775  N ND2 . ASN A 1 116 ? -0.725  -19.681 0.756   1.000 95.390  0 116 ASN A ND2 1 ? 
ATOM 776  N N   . SER A 1 117 ? 1.387   -17.510 -3.527  1.000 76.227  0 117 SER A N   1 ? 
ATOM 777  C CA  . SER A 1 117 ? 1.419   -16.642 -4.692  1.000 74.045  0 117 SER A CA  1 ? 
ATOM 778  C C   . SER A 1 117 ? 2.390   -17.116 -5.772  1.000 67.940  0 117 SER A C   1 ? 
ATOM 779  O O   . SER A 1 117 ? 1.996   -17.264 -6.920  1.000 82.171  0 117 SER A O   1 ? 
ATOM 780  C CB  . SER A 1 117 ? 1.732   -15.243 -4.275  1.000 77.379  0 117 SER A CB  1 ? 
ATOM 781  O OG  . SER A 1 117 ? 0.793   -14.838 -3.292  1.000 87.890  0 117 SER A OG  1 ? 
ATOM 782  N N   . LEU A 1 118 ? 3.654   -17.353 -5.430  1.000 63.256  0 118 LEU A N   1 ? 
ATOM 783  C CA  . LEU A 1 118 ? 4.660   -17.636 -6.449  1.000 63.665  0 118 LEU A CA  1 ? 
ATOM 784  C C   . LEU A 1 118 ? 4.461   -19.005 -7.092  1.000 66.299  0 118 LEU A C   1 ? 
ATOM 785  O O   . LEU A 1 118 ? 5.051   -19.292 -8.132  1.000 59.625  0 118 LEU A O   1 ? 
ATOM 786  C CB  . LEU A 1 118 ? 6.034   -17.551 -5.799  1.000 64.985  0 118 LEU A CB  1 ? 
ATOM 787  C CG  . LEU A 1 118 ? 6.486   -16.136 -5.448  1.000 63.018  0 118 LEU A CG  1 ? 
ATOM 788  C CD1 . LEU A 1 118 ? 7.143   -16.128 -4.090  1.000 60.005  0 118 LEU A CD1 1 ? 
ATOM 789  C CD2 . LEU A 1 118 ? 7.419   -15.618 -6.536  1.000 64.075  0 118 LEU A CD2 1 ? 
ATOM 790  N N   . ALA A 1 119 ? 3.695   -19.878 -6.431  1.000 73.504  0 119 ALA A N   1 ? 
ATOM 791  C CA  . ALA A 1 119 ? 3.350   -21.161 -7.013  1.000 74.098  0 119 ALA A CA  1 ? 
ATOM 792  C C   . ALA A 1 119 ? 2.118   -20.958 -7.890  1.000 69.888  0 119 ALA A C   1 ? 
ATOM 793  O O   . ALA A 1 119 ? 2.214   -21.047 -9.114  1.000 63.948  0 119 ALA A O   1 ? 
ATOM 794  C CB  . ALA A 1 119 ? 3.143   -22.184 -5.921  1.000 74.399  0 119 ALA A CB  1 ? 
ATOM 795  N N   . PHE A 1 120 ? 0.998   -20.612 -7.241  1.000 64.441  0 120 PHE A N   1 ? 
ATOM 796  C CA  . PHE A 1 120 ? -0.228  -20.170 -7.897  1.000 68.456  0 120 PHE A CA  1 ? 
ATOM 797  C C   . PHE A 1 120 ? 0.077   -19.367 -9.160  1.000 67.192  0 120 PHE A C   1 ? 
ATOM 798  O O   . PHE A 1 120 ? -0.798  -19.245 -10.011 1.000 71.470  0 120 PHE A O   1 ? 
ATOM 799  C CB  . PHE A 1 120 ? -1.007  -19.369 -6.845  1.000 73.123  0 120 PHE A CB  1 ? 
ATOM 800  C CG  . PHE A 1 120 ? -2.357  -18.764 -7.207  1.000 84.646  0 120 PHE A CG  1 ? 
ATOM 801  C CD1 . PHE A 1 120 ? -2.949  -18.967 -8.451  1.000 94.081  0 120 PHE A CD1 1 ? 
ATOM 802  C CD2 . PHE A 1 120 ? -3.067  -18.030 -6.250  1.000 95.798  0 120 PHE A CD2 1 ? 
ATOM 803  C CE1 . PHE A 1 120 ? -4.188  -18.413 -8.741  1.000 102.784 0 120 PHE A CE1 1 ? 
ATOM 804  C CE2 . PHE A 1 120 ? -4.315  -17.494 -6.538  1.000 95.596  0 120 PHE A CE2 1 ? 
ATOM 805  C CZ  . PHE A 1 120 ? -4.872  -17.687 -7.784  1.000 101.220 0 120 PHE A CZ  1 ? 
ATOM 806  N N   . LEU A 1 121 ? 1.297   -18.815 -9.264  1.000 62.889  0 121 LEU A N   1 ? 
ATOM 807  C CA  . LEU A 1 121 ? 1.744   -18.153 -10.480 1.000 68.275  0 121 LEU A CA  1 ? 
ATOM 808  C C   . LEU A 1 121 ? 2.422   -19.148 -11.409 1.000 67.198  0 121 LEU A C   1 ? 
ATOM 809  O O   . LEU A 1 121 ? 2.180   -19.109 -12.611 1.000 60.967  0 121 LEU A O   1 ? 
ATOM 810  C CB  . LEU A 1 121 ? 2.680   -16.979 -10.200 1.000 75.095  0 121 LEU A CB  1 ? 
ATOM 811  C CG  . LEU A 1 121 ? 2.017   -15.663 -9.776  1.000 79.411  0 121 LEU A CG  1 ? 
ATOM 812  C CD1 . LEU A 1 121 ? 3.096   -14.620 -9.526  1.000 89.676  0 121 LEU A CD1 1 ? 
ATOM 813  C CD2 . LEU A 1 121 ? 1.004   -15.128 -10.774 1.000 72.737  0 121 LEU A CD2 1 ? 
ATOM 814  N N   . CYS A 1 122 ? 3.294   -19.994 -10.849 1.000 74.110  0 122 CYS A N   1 ? 
ATOM 815  C CA  . CYS A 1 122 ? 4.075   -20.929 -11.646 1.000 86.436  0 122 CYS A CA  1 ? 
ATOM 816  C C   . CYS A 1 122 ? 3.209   -22.106 -12.110 1.000 88.746  0 122 CYS A C   1 ? 
ATOM 817  O O   . CYS A 1 122 ? 3.465   -22.688 -13.158 1.000 81.372  0 122 CYS A O   1 ? 
ATOM 818  C CB  . CYS A 1 122 ? 5.353   -21.310 -10.908 1.000 96.148  0 122 CYS A CB  1 ? 
ATOM 819  S SG  . CYS A 1 122 ? 6.595   -19.985 -10.907 1.000 103.530 0 122 CYS A SG  1 ? 
ATOM 820  N N   . GLN A 1 123 ? 2.138   -22.417 -11.373 1.000 89.883  0 123 GLN A N   1 ? 
ATOM 821  C CA  . GLN A 1 123 ? 1.146   -23.379 -11.831 1.000 93.539  0 123 GLN A CA  1 ? 
ATOM 822  C C   . GLN A 1 123 ? 0.458   -22.908 -13.119 1.000 94.323  0 123 GLN A C   1 ? 
ATOM 823  O O   . GLN A 1 123 ? -0.225  -23.703 -13.760 1.000 105.352 0 123 GLN A O   1 ? 
ATOM 824  C CB  . GLN A 1 123 ? 0.125   -23.649 -10.723 1.000 98.494  0 123 GLN A CB  1 ? 
ATOM 825  C CG  . GLN A 1 123 ? 0.648   -24.563 -9.618  1.000 105.164 0 123 GLN A CG  1 ? 
ATOM 826  C CD  . GLN A 1 123 ? -0.046  -24.369 -8.287  1.000 111.237 0 123 GLN A CD  1 ? 
ATOM 827  O OE1 . GLN A 1 123 ? -1.080  -23.700 -8.191  1.000 112.138 0 123 GLN A OE1 1 ? 
ATOM 828  N NE2 . GLN A 1 123 ? 0.529   -24.947 -7.239  1.000 111.658 0 123 GLN A NE2 1 ? 
ATOM 829  N N   . GLN A 1 124 ? 0.617   -21.629 -13.494 1.000 84.130  0 124 GLN A N   1 ? 
ATOM 830  C CA  . GLN A 1 124 ? 0.095   -21.112 -14.754 1.000 71.067  0 124 GLN A CA  1 ? 
ATOM 831  C C   . GLN A 1 124 ? 1.274   -20.801 -15.679 1.000 65.215  0 124 GLN A C   1 ? 
ATOM 832  O O   . GLN A 1 124 ? 1.258   -19.841 -16.448 1.000 64.517  0 124 GLN A O   1 ? 
ATOM 833  C CB  . GLN A 1 124 ? -0.773  -19.864 -14.575 1.000 70.535  0 124 GLN A CB  1 ? 
ATOM 834  C CG  . GLN A 1 124 ? -1.321  -19.662 -13.167 1.000 78.543  0 124 GLN A CG  1 ? 
ATOM 835  C CD  . GLN A 1 124 ? -2.579  -20.444 -12.872 1.000 78.572  0 124 GLN A CD  1 ? 
ATOM 836  O OE1 . GLN A 1 124 ? -3.691  -19.987 -13.158 1.000 85.286  0 124 GLN A OE1 1 ? 
ATOM 837  N NE2 . GLN A 1 124 ? -2.419  -21.597 -12.237 1.000 74.158  0 124 GLN A NE2 1 ? 
ATOM 838  N N   . GLY A 1 125 ? 2.330   -21.607 -15.592 1.000 59.303  0 125 GLY A N   1 ? 
ATOM 839  C CA  . GLY A 1 125 ? 3.365   -21.580 -16.610 1.000 67.417  0 125 GLY A CA  1 ? 
ATOM 840  C C   . GLY A 1 125 ? 4.222   -20.316 -16.563 1.000 73.615  0 125 GLY A C   1 ? 
ATOM 841  O O   . GLY A 1 125 ? 4.607   -19.798 -17.606 1.000 65.354  0 125 GLY A O   1 ? 
ATOM 842  N N   . PHE A 1 126 ? 4.591   -19.876 -15.351 1.000 89.648  0 126 PHE A N   1 ? 
ATOM 843  C CA  . PHE A 1 126 ? 5.333   -18.635 -15.162 1.000 89.313  0 126 PHE A CA  1 ? 
ATOM 844  C C   . PHE A 1 126 ? 6.739   -18.896 -14.621 1.000 80.198  0 126 PHE A C   1 ? 
ATOM 845  O O   . PHE A 1 126 ? 6.908   -19.441 -13.529 1.000 77.689  0 126 PHE A O   1 ? 
ATOM 846  C CB  . PHE A 1 126 ? 4.578   -17.706 -14.206 1.000 88.580  0 126 PHE A CB  1 ? 
ATOM 847  C CG  . PHE A 1 126 ? 3.793   -16.609 -14.908 1.000 97.977  0 126 PHE A CG  1 ? 
ATOM 848  C CD1 . PHE A 1 126 ? 4.385   -15.842 -15.913 1.000 97.924  0 126 PHE A CD1 1 ? 
ATOM 849  C CD2 . PHE A 1 126 ? 2.466   -16.350 -14.572 1.000 104.786 0 126 PHE A CD2 1 ? 
ATOM 850  C CE1 . PHE A 1 126 ? 3.669   -14.839 -16.555 1.000 94.028  0 126 PHE A CE1 1 ? 
ATOM 851  C CE2 . PHE A 1 126 ? 1.754   -15.344 -15.218 1.000 100.631 0 126 PHE A CE2 1 ? 
ATOM 852  C CZ  . PHE A 1 126 ? 2.356   -14.595 -16.209 1.000 98.685  0 126 PHE A CZ  1 ? 
ATOM 853  N N   . SER A 1 127 ? 7.748   -18.433 -15.367 1.000 71.126  0 127 SER A N   1 ? 
ATOM 854  C CA  . SER A 1 127 ? 9.129   -18.618 -14.949 1.000 66.855  0 127 SER A CA  1 ? 
ATOM 855  C C   . SER A 1 127 ? 9.373   -17.887 -13.634 1.000 67.933  0 127 SER A C   1 ? 
ATOM 856  O O   . SER A 1 127 ? 9.799   -16.740 -13.679 1.000 74.945  0 127 SER A O   1 ? 
ATOM 857  C CB  . SER A 1 127 ? 10.116  -18.136 -16.008 1.000 61.378  0 127 SER A CB  1 ? 
ATOM 858  O OG  . SER A 1 127 ? 10.802  -16.948 -15.629 1.000 46.786  0 127 SER A OG  1 ? 
ATOM 859  N N   . LEU A 1 128 ? 9.110   -18.544 -12.490 1.000 66.651  0 128 LEU A N   1 ? 
ATOM 860  C CA  . LEU A 1 128 ? 9.413   -17.990 -11.171 1.000 64.596  0 128 LEU A CA  1 ? 
ATOM 861  C C   . LEU A 1 128 ? 9.948   -16.549 -11.247 1.000 61.790  0 128 LEU A C   1 ? 
ATOM 862  O O   . LEU A 1 128 ? 9.258   -15.629 -10.801 1.000 52.977  0 128 LEU A O   1 ? 
ATOM 863  C CB  . LEU A 1 128 ? 10.407  -18.891 -10.444 1.000 60.140  0 128 LEU A CB  1 ? 
ATOM 864  C CG  . LEU A 1 128 ? 10.896  -18.382 -9.084  1.000 59.121  0 128 LEU A CG  1 ? 
ATOM 865  C CD1 . LEU A 1 128 ? 9.818   -18.564 -8.006  1.000 62.332  0 128 LEU A CD1 1 ? 
ATOM 866  C CD2 . LEU A 1 128 ? 12.211  -19.046 -8.694  1.000 53.389  0 128 LEU A CD2 1 ? 
ATOM 867  N N   . GLU A 1 129 ? 11.179  -16.352 -11.767 1.000 48.613  0 129 GLU A N   1 ? 
ATOM 868  C CA  . GLU A 1 129 ? 11.721  -15.019 -11.996 1.000 42.848  0 129 GLU A CA  1 ? 
ATOM 869  C C   . GLU A 1 129 ? 10.623  -14.048 -12.426 1.000 51.868  0 129 GLU A C   1 ? 
ATOM 870  O O   . GLU A 1 129 ? 10.327  -13.074 -11.734 1.000 63.841  0 129 GLU A O   1 ? 
ATOM 871  C CB  . GLU A 1 129 ? 12.756  -15.038 -13.114 1.000 41.195  0 129 GLU A CB  1 ? 
ATOM 872  C CG  . GLU A 1 129 ? 13.122  -13.654 -13.644 1.000 41.506  0 129 GLU A CG  1 ? 
ATOM 873  C CD  . GLU A 1 129 ? 14.304  -13.679 -14.594 1.000 47.193  0 129 GLU A CD  1 ? 
ATOM 874  O OE1 . GLU A 1 129 ? 14.877  -12.621 -14.963 1.000 43.204  0 129 GLU A OE1 1 ? 
ATOM 875  O OE2 . GLU A 1 129 ? 14.645  -14.821 -14.977 1.000 62.532  0 129 GLU A OE2 1 ? 
ATOM 876  N N   . HIS A 1 130 ? 10.035  -14.320 -13.596 1.000 55.102  0 130 HIS A N   1 ? 
ATOM 877  C CA  . HIS A 1 130 ? 8.948   -13.523 -14.139 1.000 49.884  0 130 HIS A CA  1 ? 
ATOM 878  C C   . HIS A 1 130 ? 7.868   -13.397 -13.068 1.000 50.884  0 130 HIS A C   1 ? 
ATOM 879  O O   . HIS A 1 130 ? 7.543   -12.282 -12.676 1.000 60.958  0 130 HIS A O   1 ? 
ATOM 880  C CB  . HIS A 1 130 ? 8.510   -14.073 -15.506 1.000 46.146  0 130 HIS A CB  1 ? 
ATOM 881  C CG  . HIS A 1 130 ? 9.513   -13.829 -16.600 1.000 49.626  0 130 HIS A CG  1 ? 
ATOM 882  N ND1 . HIS A 1 130 ? 9.433   -14.428 -17.842 1.000 53.757  0 130 HIS A ND1 1 ? 
ATOM 883  C CD2 . HIS A 1 130 ? 10.605  -13.013 -16.656 1.000 50.396  0 130 HIS A CD2 1 ? 
ATOM 884  C CE1 . HIS A 1 130 ? 10.440  -13.992 -18.610 1.000 59.172  0 130 HIS A CE1 1 ? 
ATOM 885  N NE2 . HIS A 1 130 ? 11.165  -13.131 -17.911 1.000 53.363  0 130 HIS A NE2 1 ? 
ATOM 886  N N   . ALA A 1 131 ? 7.378   -14.525 -12.540 1.000 46.249  0 131 ALA A N   1 ? 
ATOM 887  C CA  . ALA A 1 131 ? 6.349   -14.492 -11.508 1.000 52.253  0 131 ALA A CA  1 ? 
ATOM 888  C C   . ALA A 1 131 ? 6.684   -13.442 -10.449 1.000 62.225  0 131 ALA A C   1 ? 
ATOM 889  O O   . ALA A 1 131 ? 5.810   -12.725 -9.983  1.000 66.792  0 131 ALA A O   1 ? 
ATOM 890  C CB  . ALA A 1 131 ? 6.173   -15.856 -10.868 1.000 51.493  0 131 ALA A CB  1 ? 
ATOM 891  N N   . MET A 1 132 ? 7.954   -13.385 -10.043 1.000 72.259  0 132 MET A N   1 ? 
ATOM 892  C CA  . MET A 1 132 ? 8.411   -12.373 -9.114  1.000 72.233  0 132 MET A CA  1 ? 
ATOM 893  C C   . MET A 1 132 ? 8.111   -11.021 -9.745  1.000 71.932  0 132 MET A C   1 ? 
ATOM 894  O O   . MET A 1 132 ? 7.230   -10.309 -9.273  1.000 82.915  0 132 MET A O   1 ? 
ATOM 895  C CB  . MET A 1 132 ? 9.908   -12.542 -8.823  1.000 79.729  0 132 MET A CB  1 ? 
ATOM 896  C CG  . MET A 1 132 ? 10.529  -11.445 -7.983  1.000 83.200  0 132 MET A CG  1 ? 
ATOM 897  S SD  . MET A 1 132 ? 12.267  -11.778 -7.638  1.000 76.498  0 132 MET A SD  1 ? 
ATOM 898  C CE  . MET A 1 132 ? 12.999  -11.809 -9.281  1.000 69.499  0 132 MET A CE  1 ? 
ATOM 899  N N   . TYR A 1 133 ? 8.783   -10.732 -10.866 1.000 62.706  0 133 TYR A N   1 ? 
ATOM 900  C CA  . TYR A 1 133 ? 8.643   -9.454  -11.548 1.000 62.202  0 133 TYR A CA  1 ? 
ATOM 901  C C   . TYR A 1 133 ? 7.181   -9.051  -11.768 1.000 52.519  0 133 TYR A C   1 ? 
ATOM 902  O O   . TYR A 1 133 ? 6.888   -7.871  -11.877 1.000 48.773  0 133 TYR A O   1 ? 
ATOM 903  C CB  . TYR A 1 133 ? 9.320   -9.481  -12.916 1.000 74.377  0 133 TYR A CB  1 ? 
ATOM 904  C CG  . TYR A 1 133 ? 10.839  -9.599  -12.947 1.000 90.130  0 133 TYR A CG  1 ? 
ATOM 905  C CD1 . TYR A 1 133 ? 11.649  -8.942  -12.020 1.000 100.755 0 133 TYR A CD1 1 ? 
ATOM 906  C CD2 . TYR A 1 133 ? 11.463  -10.337 -13.946 1.000 88.020  0 133 TYR A CD2 1 ? 
ATOM 907  C CE1 . TYR A 1 133 ? 13.030  -9.035  -12.075 1.000 100.577 0 133 TYR A CE1 1 ? 
ATOM 908  C CE2 . TYR A 1 133 ? 12.841  -10.433 -14.012 1.000 97.939  0 133 TYR A CE2 1 ? 
ATOM 909  C CZ  . TYR A 1 133 ? 13.625  -9.787  -13.072 1.000 103.606 0 133 TYR A CZ  1 ? 
ATOM 910  O OH  . TYR A 1 133 ? 14.979  -9.903  -13.131 1.000 118.462 0 133 TYR A OH  1 ? 
ATOM 911  N N   . ALA A 1 134 ? 6.263   -10.013 -11.866 1.000 52.332  0 134 ALA A N   1 ? 
ATOM 912  C CA  . ALA A 1 134 ? 4.841   -9.716  -11.973 1.000 52.322  0 134 ALA A CA  1 ? 
ATOM 913  C C   . ALA A 1 134 ? 4.289   -9.223  -10.637 1.000 47.713  0 134 ALA A C   1 ? 
ATOM 914  O O   . ALA A 1 134 ? 3.639   -8.185  -10.536 1.000 42.259  0 134 ALA A O   1 ? 
ATOM 915  C CB  . ALA A 1 134 ? 4.099   -10.954 -12.425 1.000 54.383  0 134 ALA A CB  1 ? 
ATOM 916  N N   . MET A 1 135 ? 4.526   -10.013 -9.602  1.000 49.303  0 135 MET A N   1 ? 
ATOM 917  C CA  . MET A 1 135 ? 4.249   -9.541  -8.266  1.000 54.865  0 135 MET A CA  1 ? 
ATOM 918  C C   . MET A 1 135 ? 4.789   -8.116  -8.185  1.000 51.066  0 135 MET A C   1 ? 
ATOM 919  O O   . MET A 1 135 ? 4.059   -7.165  -7.944  1.000 51.766  0 135 MET A O   1 ? 
ATOM 920  C CB  . MET A 1 135 ? 4.943   -10.409 -7.211  1.000 64.323  0 135 MET A CB  1 ? 
ATOM 921  C CG  . MET A 1 135 ? 4.782   -11.917 -7.374  1.000 66.427  0 135 MET A CG  1 ? 
ATOM 922  S SD  . MET A 1 135 ? 3.459   -12.628 -6.384  1.000 70.230  0 135 MET A SD  1 ? 
ATOM 923  C CE  . MET A 1 135 ? 3.733   -11.968 -4.732  1.000 77.485  0 135 MET A CE  1 ? 
ATOM 924  N N   . GLN A 1 136 ? 6.073   -7.959  -8.464  1.000 51.243  0 136 GLN A N   1 ? 
ATOM 925  C CA  . GLN A 1 136 ? 6.721   -6.686  -8.206  1.000 63.691  0 136 GLN A CA  1 ? 
ATOM 926  C C   . GLN A 1 136 ? 6.035   -5.564  -8.982  1.000 65.047  0 136 GLN A C   1 ? 
ATOM 927  O O   . GLN A 1 136 ? 5.662   -4.549  -8.395  1.000 76.110  0 136 GLN A O   1 ? 
ATOM 928  C CB  . GLN A 1 136 ? 8.231   -6.760  -8.445  1.000 70.446  0 136 GLN A CB  1 ? 
ATOM 929  C CG  . GLN A 1 136 ? 8.979   -7.451  -7.305  1.000 74.569  0 136 GLN A CG  1 ? 
ATOM 930  C CD  . GLN A 1 136 ? 10.479  -7.410  -7.469  1.000 78.605  0 136 GLN A CD  1 ? 
ATOM 931  O OE1 . GLN A 1 136 ? 11.027  -6.486  -8.082  1.000 79.405  0 136 GLN A OE1 1 ? 
ATOM 932  N NE2 . GLN A 1 136 ? 11.152  -8.425  -6.945  1.000 87.468  0 136 GLN A NE2 1 ? 
ATOM 933  N N   . ALA A 1 137 ? 5.845   -5.746  -10.290 1.000 62.688  0 137 ALA A N   1 ? 
ATOM 934  C CA  . ALA A 1 137 ? 5.404   -4.644  -11.134 1.000 60.575  0 137 ALA A CA  1 ? 
ATOM 935  C C   . ALA A 1 137 ? 4.081   -4.056  -10.635 1.000 47.734  0 137 ALA A C   1 ? 
ATOM 936  O O   . ALA A 1 137 ? 3.968   -2.850  -10.429 1.000 44.448  0 137 ALA A O   1 ? 
ATOM 937  C CB  . ALA A 1 137 ? 5.301   -5.112  -12.562 1.000 64.369  0 137 ALA A CB  1 ? 
ATOM 938  N N   . ALA A 1 138 ? 3.098   -4.926  -10.420 1.000 37.571  0 138 ALA A N   1 ? 
ATOM 939  C CA  . ALA A 1 138 ? 1.803   -4.518  -9.919  1.000 38.959  0 138 ALA A CA  1 ? 
ATOM 940  C C   . ALA A 1 138 ? 1.918   -3.779  -8.579  1.000 39.861  0 138 ALA A C   1 ? 
ATOM 941  O O   . ALA A 1 138 ? 1.397   -2.675  -8.424  1.000 40.384  0 138 ALA A O   1 ? 
ATOM 942  C CB  . ALA A 1 138 ? 0.940   -5.754  -9.793  1.000 39.651  0 138 ALA A CB  1 ? 
ATOM 943  N N   . GLY A 1 139 ? 2.572   -4.420  -7.600  1.000 40.150  0 139 GLY A N   1 ? 
ATOM 944  C CA  . GLY A 1 139 ? 2.759   -3.870  -6.266  1.000 37.579  0 139 GLY A CA  1 ? 
ATOM 945  C C   . GLY A 1 139 ? 3.372   -2.476  -6.305  1.000 37.082  0 139 GLY A C   1 ? 
ATOM 946  O O   . GLY A 1 139 ? 2.804   -1.565  -5.708  1.000 34.734  0 139 GLY A O   1 ? 
ATOM 947  N N   . ILE A 1 140 ? 4.479   -2.330  -7.061  1.000 37.875  0 140 ILE A N   1 ? 
ATOM 948  C CA  . ILE A 1 140 ? 5.226   -1.083  -7.161  1.000 42.844  0 140 ILE A CA  1 ? 
ATOM 949  C C   . ILE A 1 140 ? 4.353   0.008   -7.767  1.000 43.802  0 140 ILE A C   1 ? 
ATOM 950  O O   . ILE A 1 140 ? 4.446   1.164   -7.356  1.000 42.985  0 140 ILE A O   1 ? 
ATOM 951  C CB  . ILE A 1 140 ? 6.508   -1.219  -8.005  1.000 48.545  0 140 ILE A CB  1 ? 
ATOM 952  C CG1 . ILE A 1 140 ? 7.463   -2.259  -7.436  1.000 51.412  0 140 ILE A CG1 1 ? 
ATOM 953  C CG2 . ILE A 1 140 ? 7.207   0.141   -8.173  1.000 46.387  0 140 ILE A CG2 1 ? 
ATOM 954  C CD1 . ILE A 1 140 ? 8.672   -2.529  -8.318  1.000 53.633  0 140 ILE A CD1 1 ? 
ATOM 955  N N   . TYR A 1 141 ? 3.584   -0.357  -8.800  1.000 46.783  0 141 TYR A N   1 ? 
ATOM 956  C CA  . TYR A 1 141 ? 2.703   0.585   -9.476  1.000 46.344  0 141 TYR A CA  1 ? 
ATOM 957  C C   . TYR A 1 141 ? 1.599   0.971   -8.501  1.000 41.142  0 141 TYR A C   1 ? 
ATOM 958  O O   . TYR A 1 141 ? 1.467   2.143   -8.148  1.000 36.532  0 141 TYR A O   1 ? 
ATOM 959  C CB  . TYR A 1 141 ? 2.116   0.032   -10.779 1.000 47.691  0 141 TYR A CB  1 ? 
ATOM 960  C CG  . TYR A 1 141 ? 1.043   0.876   -11.469 1.000 47.875  0 141 TYR A CG  1 ? 
ATOM 961  C CD1 . TYR A 1 141 ? 1.402   1.923   -12.325 1.000 47.134  0 141 TYR A CD1 1 ? 
ATOM 962  C CD2 . TYR A 1 141 ? -0.321  0.608   -11.309 1.000 41.317  0 141 TYR A CD2 1 ? 
ATOM 963  C CE1 . TYR A 1 141 ? 0.447   2.680   -12.990 1.000 41.277  0 141 TYR A CE1 1 ? 
ATOM 964  C CE2 . TYR A 1 141 ? -1.280  1.365   -11.965 1.000 37.664  0 141 TYR A CE2 1 ? 
ATOM 965  C CZ  . TYR A 1 141 ? -0.898  2.409   -12.796 1.000 38.750  0 141 TYR A CZ  1 ? 
ATOM 966  O OH  . TYR A 1 141 ? -1.801  3.192   -13.459 1.000 40.019  0 141 TYR A OH  1 ? 
ATOM 967  N N   . THR A 1 142 ? 0.836   -0.024  -8.038  1.000 39.803  0 142 THR A N   1 ? 
ATOM 968  C CA  . THR A 1 142 ? -0.199  0.286   -7.071  1.000 43.275  0 142 THR A CA  1 ? 
ATOM 969  C C   . THR A 1 142 ? 0.400   1.291   -6.093  1.000 44.847  0 142 THR A C   1 ? 
ATOM 970  O O   . THR A 1 142 ? -0.211  2.328   -5.808  1.000 44.109  0 142 THR A O   1 ? 
ATOM 971  C CB  . THR A 1 142 ? -0.734  -0.951  -6.350  1.000 40.826  0 142 THR A CB  1 ? 
ATOM 972  O OG1 . THR A 1 142 ? -1.233  -1.852  -7.335  1.000 40.504  0 142 THR A OG1 1 ? 
ATOM 973  C CG2 . THR A 1 142 ? -1.859  -0.607  -5.390  1.000 37.859  0 142 THR A CG2 1 ? 
ATOM 974  N N   . LEU A 1 143 ? 1.627   0.982   -5.647  1.000 41.764  0 143 LEU A N   1 ? 
ATOM 975  C CA  . LEU A 1 143 ? 2.267   1.749   -4.597  1.000 44.291  0 143 LEU A CA  1 ? 
ATOM 976  C C   . LEU A 1 143 ? 2.540   3.172   -5.064  1.000 44.075  0 143 LEU A C   1 ? 
ATOM 977  O O   . LEU A 1 143 ? 2.269   4.109   -4.324  1.000 52.547  0 143 LEU A O   1 ? 
ATOM 978  C CB  . LEU A 1 143 ? 3.551   1.078   -4.126  1.000 47.653  0 143 LEU A CB  1 ? 
ATOM 979  C CG  . LEU A 1 143 ? 4.273   1.784   -2.977  1.000 50.318  0 143 LEU A CG  1 ? 
ATOM 980  C CD1 . LEU A 1 143 ? 3.450   1.736   -1.701  1.000 50.589  0 143 LEU A CD1 1 ? 
ATOM 981  C CD2 . LEU A 1 143 ? 5.652   1.193   -2.749  1.000 53.879  0 143 LEU A CD2 1 ? 
ATOM 982  N N   . GLY A 1 144 ? 3.101   3.332   -6.263  1.000 40.992  0 144 GLY A N   1 ? 
ATOM 983  C CA  . GLY A 1 144 ? 3.413   4.656   -6.770  1.000 41.815  0 144 GLY A CA  1 ? 
ATOM 984  C C   . GLY A 1 144 ? 2.160   5.524   -6.904  1.000 42.528  0 144 GLY A C   1 ? 
ATOM 985  O O   . GLY A 1 144 ? 2.122   6.657   -6.440  1.000 40.237  0 144 GLY A O   1 ? 
ATOM 986  N N   . CYS A 1 145 ? 1.134   4.975   -7.555  1.000 47.684  0 145 CYS A N   1 ? 
ATOM 987  C CA  . CYS A 1 145 ? -0.153  5.639   -7.699  1.000 47.797  0 145 CYS A CA  1 ? 
ATOM 988  C C   . CYS A 1 145 ? -0.599  6.301   -6.397  1.000 42.806  0 145 CYS A C   1 ? 
ATOM 989  O O   . CYS A 1 145 ? -0.890  7.491   -6.396  1.000 41.218  0 145 CYS A O   1 ? 
ATOM 990  C CB  . CYS A 1 145 ? -1.213  4.655   -8.175  1.000 48.618  0 145 CYS A CB  1 ? 
ATOM 991  S SG  . CYS A 1 145 ? -1.107  4.361   -9.958  1.000 53.870  0 145 CYS A SG  1 ? 
ATOM 992  N N   . VAL A 1 146 ? -0.664  5.514   -5.315  1.000 38.400  0 146 VAL A N   1 ? 
ATOM 993  C CA  . VAL A 1 146 ? -1.228  5.966   -4.055  1.000 37.132  0 146 VAL A CA  1 ? 
ATOM 994  C C   . VAL A 1 146 ? -0.252  6.942   -3.420  1.000 33.714  0 146 VAL A C   1 ? 
ATOM 995  O O   . VAL A 1 146 ? -0.630  7.964   -2.883  1.000 30.449  0 146 VAL A O   1 ? 
ATOM 996  C CB  . VAL A 1 146 ? -1.543  4.805   -3.092  1.000 40.810  0 146 VAL A CB  1 ? 
ATOM 997  C CG1 . VAL A 1 146 ? -2.017  5.298   -1.732  1.000 40.961  0 146 VAL A CG1 1 ? 
ATOM 998  C CG2 . VAL A 1 146 ? -2.585  3.862   -3.672  1.000 44.391  0 146 VAL A CG2 1 ? 
ATOM 999  N N   . LEU A 1 147 ? 1.025   6.619   -3.493  1.000 35.831  0 147 LEU A N   1 ? 
ATOM 1000 C CA  . LEU A 1 147 ? 2.029   7.519   -2.971  1.000 40.304  0 147 LEU A CA  1 ? 
ATOM 1001 C C   . LEU A 1 147 ? 1.761   8.908   -3.537  1.000 40.088  0 147 LEU A C   1 ? 
ATOM 1002 O O   . LEU A 1 147 ? 2.107   9.927   -2.948  1.000 45.496  0 147 LEU A O   1 ? 
ATOM 1003 C CB  . LEU A 1 147 ? 3.397   6.973   -3.367  1.000 43.736  0 147 LEU A CB  1 ? 
ATOM 1004 C CG  . LEU A 1 147 ? 4.481   6.888   -2.281  1.000 51.127  0 147 LEU A CG  1 ? 
ATOM 1005 C CD1 . LEU A 1 147 ? 4.087   6.799   -0.803  1.000 52.197  0 147 LEU A CD1 1 ? 
ATOM 1006 C CD2 . LEU A 1 147 ? 5.295   5.644   -2.614  1.000 54.674  0 147 LEU A CD2 1 ? 
ATOM 1007 N N   . LEU A 1 148 ? 1.080   8.931   -4.671  1.000 39.335  0 148 LEU A N   1 ? 
ATOM 1008 C CA  . LEU A 1 148 ? 0.988   10.143  -5.452  1.000 44.991  0 148 LEU A CA  1 ? 
ATOM 1009 C C   . LEU A 1 148 ? -0.361  10.809  -5.234  1.000 46.869  0 148 LEU A C   1 ? 
ATOM 1010 O O   . LEU A 1 148 ? -0.437  12.029  -5.201  1.000 50.265  0 148 LEU A O   1 ? 
ATOM 1011 C CB  . LEU A 1 148 ? 1.190   9.718   -6.901  1.000 47.420  0 148 LEU A CB  1 ? 
ATOM 1012 C CG  . LEU A 1 148 ? 1.939   10.693  -7.806  1.000 46.416  0 148 LEU A CG  1 ? 
ATOM 1013 C CD1 . LEU A 1 148 ? 3.013   11.466  -7.101  1.000 46.277  0 148 LEU A CD1 1 ? 
ATOM 1014 C CD2 . LEU A 1 148 ? 2.568   9.850   -8.903  1.000 49.618  0 148 LEU A CD2 1 ? 
ATOM 1015 N N   . ASP A 1 149 ? -1.419  10.005  -5.120  1.000 47.072  0 149 ASP A N   1 ? 
ATOM 1016 C CA  . ASP A 1 149 ? -2.687  10.489  -4.605  1.000 49.259  0 149 ASP A CA  1 ? 
ATOM 1017 C C   . ASP A 1 149 ? -2.463  11.162  -3.247  1.000 50.998  0 149 ASP A C   1 ? 
ATOM 1018 O O   . ASP A 1 149 ? -3.190  12.089  -2.905  1.000 50.877  0 149 ASP A O   1 ? 
ATOM 1019 C CB  . ASP A 1 149 ? -3.718  9.376   -4.446  1.000 52.839  0 149 ASP A CB  1 ? 
ATOM 1020 C CG  . ASP A 1 149 ? -4.121  8.608   -5.696  1.000 56.508  0 149 ASP A CG  1 ? 
ATOM 1021 O OD1 . ASP A 1 149 ? -3.730  9.027   -6.812  1.000 67.068  0 149 ASP A OD1 1 ? 
ATOM 1022 O OD2 . ASP A 1 149 ? -4.815  7.581   -5.538  1.000 56.698  0 149 ASP A OD2 1 ? 
ATOM 1023 N N   . GLN A 1 150 ? -1.476  10.688  -2.464  1.000 54.104  0 150 GLN A N   1 ? 
ATOM 1024 C CA  . GLN A 1 150 ? -1.297  11.153  -1.094  1.000 51.441  0 150 GLN A CA  1 ? 
ATOM 1025 C C   . GLN A 1 150 ? -0.453  12.438  -1.075  1.000 57.850  0 150 GLN A C   1 ? 
ATOM 1026 O O   . GLN A 1 150 ? -0.695  13.298  -0.242  1.000 60.207  0 150 GLN A O   1 ? 
ATOM 1027 C CB  . GLN A 1 150 ? -0.938  9.971   -0.175  1.000 48.612  0 150 GLN A CB  1 ? 
ATOM 1028 C CG  . GLN A 1 150 ? -2.137  9.071   0.169   1.000 45.211  0 150 GLN A CG  1 ? 
ATOM 1029 C CD  . GLN A 1 150 ? -1.904  7.896   1.117   1.000 41.057  0 150 GLN A CD  1 ? 
ATOM 1030 O OE1 . GLN A 1 150 ? -0.782  7.511   1.459   1.000 40.240  0 150 GLN A OE1 1 ? 
ATOM 1031 N NE2 . GLN A 1 150 ? -2.986  7.256   1.538   1.000 39.572  0 150 GLN A NE2 1 ? 
ATOM 1032 N N   . GLU A 1 151 ? 0.490   12.640  -2.009  1.000 69.872  0 151 GLU A N   1 ? 
ATOM 1033 C CA  . GLU A 1 151 ? 1.292   13.863  -1.995  1.000 74.348  0 151 GLU A CA  1 ? 
ATOM 1034 C C   . GLU A 1 151 ? 0.550   15.047  -2.606  1.000 93.182  0 151 GLU A C   1 ? 
ATOM 1035 O O   . GLU A 1 151 ? 0.714   16.162  -2.129  1.000 104.135 0 151 GLU A O   1 ? 
ATOM 1036 C CB  . GLU A 1 151 ? 2.613   13.812  -2.760  1.000 67.503  0 151 GLU A CB  1 ? 
ATOM 1037 C CG  . GLU A 1 151 ? 3.703   13.044  -2.029  1.000 69.748  0 151 GLU A CG  1 ? 
ATOM 1038 C CD  . GLU A 1 151 ? 3.901   13.492  -0.598  1.000 66.006  0 151 GLU A CD  1 ? 
ATOM 1039 O OE1 . GLU A 1 151 ? 3.178   12.970  0.278   1.000 64.371  0 151 GLU A OE1 1 ? 
ATOM 1040 O OE2 . GLU A 1 151 ? 4.764   14.370  -0.378  1.000 64.488  0 151 GLU A OE2 1 ? 
ATOM 1041 N N   . LEU A 1 152 ? -0.198  14.822  -3.697  1.000 116.148 0 152 LEU A N   1 ? 
ATOM 1042 C CA  . LEU A 1 152 ? -0.949  15.883  -4.359  1.000 123.021 0 152 LEU A CA  1 ? 
ATOM 1043 C C   . LEU A 1 152 ? -1.902  16.520  -3.346  1.000 121.472 0 152 LEU A C   1 ? 
ATOM 1044 O O   . LEU A 1 152 ? -2.210  17.711  -3.431  1.000 119.797 0 152 LEU A O   1 ? 
ATOM 1045 C CB  . LEU A 1 152 ? -1.707  15.354  -5.582  1.000 133.581 0 152 LEU A CB  1 ? 
ATOM 1046 C CG  . LEU A 1 152 ? -0.873  14.804  -6.751  1.000 138.973 0 152 LEU A CG  1 ? 
ATOM 1047 C CD1 . LEU A 1 152 ? -1.810  14.310  -7.854  1.000 133.457 0 152 LEU A CD1 1 ? 
ATOM 1048 C CD2 . LEU A 1 152 ? 0.139   15.802  -7.316  1.000 133.625 0 152 LEU A CD2 1 ? 
ATOM 1049 N N   . GLN A 1 153 ? -2.378  15.684  -2.413  1.000 119.106 0 153 GLN A N   1 ? 
ATOM 1050 C CA  . GLN A 1 153 ? -3.004  16.110  -1.173  1.000 111.713 0 153 GLN A CA  1 ? 
ATOM 1051 C C   . GLN A 1 153 ? -2.093  17.103  -0.458  1.000 104.929 0 153 GLN A C   1 ? 
ATOM 1052 O O   . GLN A 1 153 ? -2.438  18.273  -0.318  1.000 97.815  0 153 GLN A O   1 ? 
ATOM 1053 C CB  . GLN A 1 153 ? -3.227  14.850  -0.337  1.000 115.557 0 153 GLN A CB  1 ? 
ATOM 1054 C CG  . GLN A 1 153 ? -3.744  15.088  1.074   1.000 121.820 0 153 GLN A CG  1 ? 
ATOM 1055 C CD  . GLN A 1 153 ? -5.245  14.949  1.156   1.000 151.230 0 153 GLN A CD  1 ? 
ATOM 1056 O OE1 . GLN A 1 153 ? -5.786  13.843  1.033   1.000 159.547 0 153 GLN A OE1 1 ? 
ATOM 1057 N NE2 . GLN A 1 153 ? -5.933  16.064  1.363   1.000 174.503 0 153 GLN A NE2 1 ? 
ATOM 1058 N N   . VAL A 1 154 ? -0.914  16.621  -0.044  1.000 110.096 0 154 VAL A N   1 ? 
ATOM 1059 C CA  . VAL A 1 154 ? 0.051   17.420  0.704   1.000 116.239 0 154 VAL A CA  1 ? 
ATOM 1060 C C   . VAL A 1 154 ? 0.499   18.615  -0.155  1.000 115.758 0 154 VAL A C   1 ? 
ATOM 1061 O O   . VAL A 1 154 ? 0.820   19.673  0.384   1.000 126.000 0 154 VAL A O   1 ? 
ATOM 1062 C CB  . VAL A 1 154 ? 1.236   16.553  1.208   1.000 106.404 0 154 VAL A CB  1 ? 
ATOM 1063 C CG1 . VAL A 1 154 ? 2.277   17.354  1.978   1.000 98.987  0 154 VAL A CG1 1 ? 
ATOM 1064 C CG2 . VAL A 1 154 ? 0.785   15.390  2.087   1.000 100.317 0 154 VAL A CG2 1 ? 
ATOM 1065 N N   . ALA A 1 155 ? 0.489   18.460  -1.488  1.000 106.444 0 155 ALA A N   1 ? 
ATOM 1066 C CA  . ALA A 1 155 ? 0.864   19.517  -2.416  1.000 96.067  0 155 ALA A CA  1 ? 
ATOM 1067 C C   . ALA A 1 155 ? -0.390  20.203  -2.975  1.000 84.874  0 155 ALA A C   1 ? 
ATOM 1068 O O   . ALA A 1 155 ? -1.154  20.792  -2.174  1.000 67.884  0 155 ALA A O   1 ? 
ATOM 1069 C CB  . ALA A 1 155 ? 1.724   18.941  -3.526  1.000 93.001  0 155 ALA A CB  1 ? 
ATOM 1070 N N   . MET A 1 167 ? -2.125  27.894  -18.571 1.000 98.276  0 167 MET A N   1 ? 
ATOM 1071 C CA  . MET A 1 167 ? -1.795  26.568  -19.169 1.000 98.910  0 167 MET A CA  1 ? 
ATOM 1072 C C   . MET A 1 167 ? -2.155  26.576  -20.653 1.000 108.125 0 167 MET A C   1 ? 
ATOM 1073 O O   . MET A 1 167 ? -3.246  27.018  -21.007 1.000 121.819 0 167 MET A O   1 ? 
ATOM 1074 C CB  . MET A 1 167 ? -2.632  25.408  -18.603 1.000 92.763  0 167 MET A CB  1 ? 
ATOM 1075 C CG  . MET A 1 167 ? -2.861  25.378  -17.101 1.000 100.446 0 167 MET A CG  1 ? 
ATOM 1076 S SD  . MET A 1 167 ? -4.346  24.438  -16.673 1.000 119.493 0 167 MET A SD  1 ? 
ATOM 1077 C CE  . MET A 1 167 ? -4.596  24.751  -14.918 1.000 116.003 0 167 MET A CE  1 ? 
ATOM 1078 N N   . PRO A 1 168 ? -1.277  26.106  -21.573 1.000 107.327 0 168 PRO A N   1 ? 
ATOM 1079 C CA  . PRO A 1 168 ? -1.742  25.512  -22.837 1.000 97.212  0 168 PRO A CA  1 ? 
ATOM 1080 C C   . PRO A 1 168 ? -2.961  24.575  -22.792 1.000 90.514  0 168 PRO A C   1 ? 
ATOM 1081 O O   . PRO A 1 168 ? -3.441  24.189  -21.720 1.000 74.254  0 168 PRO A O   1 ? 
ATOM 1082 C CB  . PRO A 1 168 ? -0.455  24.811  -23.300 1.000 90.416  0 168 PRO A CB  1 ? 
ATOM 1083 C CG  . PRO A 1 168 ? 0.631   25.795  -22.902 1.000 91.244  0 168 PRO A CG  1 ? 
ATOM 1084 C CD  . PRO A 1 168 ? 0.185   26.293  -21.530 1.000 97.175  0 168 PRO A CD  1 ? 
ATOM 1085 N N   . PRO A 1 169 ? -3.547  24.218  -23.967 1.000 88.713  0 169 PRO A N   1 ? 
ATOM 1086 C CA  . PRO A 1 169 ? -4.928  23.707  -24.015 1.000 78.171  0 169 PRO A CA  1 ? 
ATOM 1087 C C   . PRO A 1 169 ? -5.141  22.191  -23.919 1.000 69.166  0 169 PRO A C   1 ? 
ATOM 1088 O O   . PRO A 1 169 ? -6.127  21.718  -23.344 1.000 68.496  0 169 PRO A O   1 ? 
ATOM 1089 C CB  . PRO A 1 169 ? -5.385  24.297  -25.367 1.000 68.571  0 169 PRO A CB  1 ? 
ATOM 1090 C CG  . PRO A 1 169 ? -4.127  24.271  -26.237 1.000 72.568  0 169 PRO A CG  1 ? 
ATOM 1091 C CD  . PRO A 1 169 ? -2.933  24.359  -25.302 1.000 75.659  0 169 PRO A CD  1 ? 
ATOM 1092 N N   . LEU A 1 170 ? -4.244  21.445  -24.565 1.000 64.487  0 170 LEU A N   1 ? 
ATOM 1093 C CA  . LEU A 1 170 ? -4.038  20.018  -24.355 1.000 69.521  0 170 LEU A CA  1 ? 
ATOM 1094 C C   . LEU A 1 170 ? -4.158  19.621  -22.879 1.000 75.209  0 170 LEU A C   1 ? 
ATOM 1095 O O   . LEU A 1 170 ? -5.022  18.810  -22.475 1.000 56.693  0 170 LEU A O   1 ? 
ATOM 1096 C CB  . LEU A 1 170 ? -2.629  19.863  -24.926 1.000 66.072  0 170 LEU A CB  1 ? 
ATOM 1097 C CG  . LEU A 1 170 ? -1.683  21.041  -24.652 1.000 66.886  0 170 LEU A CG  1 ? 
ATOM 1098 C CD1 . LEU A 1 170 ? -0.643  20.595  -23.664 1.000 68.332  0 170 LEU A CD1 1 ? 
ATOM 1099 C CD2 . LEU A 1 170 ? -1.079  21.632  -25.915 1.000 63.872  0 170 LEU A CD2 1 ? 
ATOM 1100 N N   . VAL A 1 171 ? -3.320  20.296  -22.080 1.000 73.969  0 171 VAL A N   1 ? 
ATOM 1101 C CA  . VAL A 1 171 ? -3.119  19.987  -20.678 1.000 74.100  0 171 VAL A CA  1 ? 
ATOM 1102 C C   . VAL A 1 171 ? -4.433  20.149  -19.927 1.000 80.344  0 171 VAL A C   1 ? 
ATOM 1103 O O   . VAL A 1 171 ? -4.806  19.279  -19.142 1.000 86.312  0 171 VAL A O   1 ? 
ATOM 1104 C CB  . VAL A 1 171 ? -2.037  20.868  -20.028 1.000 69.483  0 171 VAL A CB  1 ? 
ATOM 1105 C CG1 . VAL A 1 171 ? -0.671  20.204  -20.021 1.000 74.986  0 171 VAL A CG1 1 ? 
ATOM 1106 C CG2 . VAL A 1 171 ? -1.954  22.251  -20.653 1.000 72.566  0 171 VAL A CG2 1 ? 
ATOM 1107 N N   . ARG A 1 172 ? -5.111  21.276  -20.159 1.000 73.379  0 172 ARG A N   1 ? 
ATOM 1108 C CA  . ARG A 1 172 ? -6.197  21.673  -19.281 1.000 80.812  0 172 ARG A CA  1 ? 
ATOM 1109 C C   . ARG A 1 172 ? -7.275  20.581  -19.246 1.000 85.209  0 172 ARG A C   1 ? 
ATOM 1110 O O   . ARG A 1 172 ? -7.825  20.286  -18.179 1.000 76.814  0 172 ARG A O   1 ? 
ATOM 1111 C CB  . ARG A 1 172 ? -6.667  23.084  -19.664 1.000 81.690  0 172 ARG A CB  1 ? 
ATOM 1112 C CG  . ARG A 1 172 ? -7.834  23.611  -18.835 1.000 82.459  0 172 ARG A CG  1 ? 
ATOM 1113 C CD  . ARG A 1 172 ? -8.262  25.044  -19.194 1.000 80.777  0 172 ARG A CD  1 ? 
ATOM 1114 N NE  . ARG A 1 172 ? -9.625  25.364  -18.749 1.000 76.427  0 172 ARG A NE  1 ? 
ATOM 1115 C CZ  . ARG A 1 172 ? -10.235 26.544  -18.846 1.000 74.470  0 172 ARG A CZ  1 ? 
ATOM 1116 N NH1 . ARG A 1 172 ? -9.575  27.616  -19.256 1.000 68.231  0 172 ARG A NH1 1 ? 
ATOM 1117 N NH2 . ARG A 1 172 ? -11.515 26.644  -18.525 1.000 76.509  0 172 ARG A NH2 1 ? 
ATOM 1118 N N   . GLN A 1 173 ? -7.573  19.954  -20.396 1.000 85.415  0 173 GLN A N   1 ? 
ATOM 1119 C CA  . GLN A 1 173 ? -8.604  18.924  -20.403 1.000 87.140  0 173 GLN A CA  1 ? 
ATOM 1120 C C   . GLN A 1 173 ? -8.051  17.677  -19.722 1.000 83.090  0 173 GLN A C   1 ? 
ATOM 1121 O O   . GLN A 1 173 ? -8.767  17.038  -18.955 1.000 71.343  0 173 GLN A O   1 ? 
ATOM 1122 C CB  . GLN A 1 173 ? -9.212  18.600  -21.773 1.000 87.830  0 173 GLN A CB  1 ? 
ATOM 1123 C CG  . GLN A 1 173 ? -10.598 19.195  -21.991 1.000 85.639  0 173 GLN A CG  1 ? 
ATOM 1124 C CD  . GLN A 1 173 ? -10.639 20.708  -21.897 1.000 92.374  0 173 GLN A CD  1 ? 
ATOM 1125 O OE1 . GLN A 1 173 ? -11.693 21.291  -21.600 1.000 96.743  0 173 GLN A OE1 1 ? 
ATOM 1126 N NE2 . GLN A 1 173 ? -9.505  21.364  -22.139 1.000 77.565  0 173 GLN A NE2 1 ? 
ATOM 1127 N N   . ALA A 1 174 ? -6.779  17.347  -19.998 1.000 81.359  0 174 ALA A N   1 ? 
ATOM 1128 C CA  . ALA A 1 174 ? -6.086  16.350  -19.199 1.000 71.561  0 174 ALA A CA  1 ? 
ATOM 1129 C C   . ALA A 1 174 ? -6.508  16.558  -17.751 1.000 70.552  0 174 ALA A C   1 ? 
ATOM 1130 O O   . ALA A 1 174 ? -7.301  15.775  -17.219 1.000 56.296  0 174 ALA A O   1 ? 
ATOM 1131 C CB  . ALA A 1 174 ? -4.585  16.471  -19.366 1.000 66.278  0 174 ALA A CB  1 ? 
ATOM 1132 N N   . LEU A 1 175 ? -6.036  17.699  -17.215 1.000 71.097  0 175 LEU A N   1 ? 
ATOM 1133 C CA  . LEU A 1 175 ? -6.268  18.174  -15.861 1.000 68.158  0 175 LEU A CA  1 ? 
ATOM 1134 C C   . LEU A 1 175 ? -7.721  18.084  -15.424 1.000 70.863  0 175 LEU A C   1 ? 
ATOM 1135 O O   . LEU A 1 175 ? -7.994  17.654  -14.301 1.000 70.825  0 175 LEU A O   1 ? 
ATOM 1136 C CB  . LEU A 1 175 ? -5.833  19.630  -15.830 1.000 70.668  0 175 LEU A CB  1 ? 
ATOM 1137 C CG  . LEU A 1 175 ? -4.427  19.887  -15.293 1.000 84.966  0 175 LEU A CG  1 ? 
ATOM 1138 C CD1 . LEU A 1 175 ? -4.085  21.363  -15.454 1.000 86.912  0 175 LEU A CD1 1 ? 
ATOM 1139 C CD2 . LEU A 1 175 ? -4.335  19.443  -13.833 1.000 90.310  0 175 LEU A CD2 1 ? 
ATOM 1140 N N   . GLU A 1 176 ? -8.624  18.566  -16.287 1.000 67.717  0 176 GLU A N   1 ? 
ATOM 1141 C CA  . GLU A 1 176 ? -10.026 18.711  -15.929 1.000 75.056  0 176 GLU A CA  1 ? 
ATOM 1142 C C   . GLU A 1 176 ? -10.751 17.364  -15.988 1.000 74.117  0 176 GLU A C   1 ? 
ATOM 1143 O O   . GLU A 1 176 ? -11.700 17.113  -15.240 1.000 58.171  0 176 GLU A O   1 ? 
ATOM 1144 C CB  . GLU A 1 176 ? -10.634 19.777  -16.841 1.000 84.278  0 176 GLU A CB  1 ? 
ATOM 1145 C CG  . GLU A 1 176 ? -10.195 21.198  -16.488 1.000 81.744  0 176 GLU A CG  1 ? 
ATOM 1146 C CD  . GLU A 1 176 ? -10.847 22.271  -17.337 1.000 83.426  0 176 GLU A CD  1 ? 
ATOM 1147 O OE1 . GLU A 1 176 ? -10.629 23.453  -17.026 1.000 83.332  0 176 GLU A OE1 1 ? 
ATOM 1148 O OE2 . GLU A 1 176 ? -11.565 21.941  -18.306 1.000 88.324  0 176 GLU A OE2 1 ? 
ATOM 1149 N N   . LEU A 1 177 ? -10.313 16.511  -16.918 1.000 85.783  0 177 LEU A N   1 ? 
ATOM 1150 C CA  . LEU A 1 177 ? -10.767 15.133  -16.974 1.000 87.236  0 177 LEU A CA  1 ? 
ATOM 1151 C C   . LEU A 1 177 ? -10.122 14.395  -15.814 1.000 75.759  0 177 LEU A C   1 ? 
ATOM 1152 O O   . LEU A 1 177 ? -10.797 13.629  -15.126 1.000 65.460  0 177 LEU A O   1 ? 
ATOM 1153 C CB  . LEU A 1 177 ? -10.399 14.477  -18.303 1.000 98.076  0 177 LEU A CB  1 ? 
ATOM 1154 C CG  . LEU A 1 177 ? -11.045 13.112  -18.565 1.000 94.213  0 177 LEU A CG  1 ? 
ATOM 1155 C CD1 . LEU A 1 177 ? -12.529 13.272  -18.859 1.000 93.693  0 177 LEU A CD1 1 ? 
ATOM 1156 C CD2 . LEU A 1 177 ? -10.353 12.364  -19.686 1.000 90.895  0 177 LEU A CD2 1 ? 
ATOM 1157 N N   . LYS A 1 178 ? -8.812  14.650  -15.640 1.000 77.106  0 178 LYS A N   1 ? 
ATOM 1158 C CA  . LYS A 1 178 ? -8.047  14.156  -14.501 1.000 83.110  0 178 LYS A CA  1 ? 
ATOM 1159 C C   . LYS A 1 178 ? -8.754  14.542  -13.204 1.000 76.798  0 178 LYS A C   1 ? 
ATOM 1160 O O   . LYS A 1 178 ? -8.930  13.705  -12.326 1.000 69.143  0 178 LYS A O   1 ? 
ATOM 1161 C CB  . LYS A 1 178 ? -6.582  14.614  -14.412 1.000 85.081  0 178 LYS A CB  1 ? 
ATOM 1162 C CG  . LYS A 1 178 ? -5.828  13.913  -13.274 1.000 95.036  0 178 LYS A CG  1 ? 
ATOM 1163 C CD  . LYS A 1 178 ? -4.353  14.221  -13.047 1.000 100.254 0 178 LYS A CD  1 ? 
ATOM 1164 C CE  . LYS A 1 178 ? -3.862  13.514  -11.809 1.000 105.568 0 178 LYS A CE  1 ? 
ATOM 1165 N NZ  . LYS A 1 178 ? -2.481  13.858  -11.448 1.000 110.684 0 178 LYS A NZ  1 ? 
ATOM 1166 N N   . ASP A 1 179 ? -9.189  15.798  -13.092 1.000 74.936  0 179 ASP A N   1 ? 
ATOM 1167 C CA  . ASP A 1 179 ? -9.877  16.208  -11.885 1.000 81.583  0 179 ASP A CA  1 ? 
ATOM 1168 C C   . ASP A 1 179 ? -11.262 15.566  -11.812 1.000 78.827  0 179 ASP A C   1 ? 
ATOM 1169 O O   . ASP A 1 179 ? -11.641 15.033  -10.766 1.000 74.324  0 179 ASP A O   1 ? 
ATOM 1170 C CB  . ASP A 1 179 ? -9.938  17.717  -11.745 1.000 92.442  0 179 ASP A CB  1 ? 
ATOM 1171 C CG  . ASP A 1 179 ? -10.274 18.189  -10.336 1.000 103.259 0 179 ASP A CG  1 ? 
ATOM 1172 O OD1 . ASP A 1 179 ? -10.464 17.329  -9.442  1.000 101.443 0 179 ASP A OD1 1 ? 
ATOM 1173 O OD2 . ASP A 1 179 ? -10.333 19.416  -10.134 1.000 114.548 0 179 ASP A OD2 1 ? 
ATOM 1174 N N   . HIS A 1 180 ? -12.013 15.611  -12.919 1.000 76.512  0 180 HIS A N   1 ? 
ATOM 1175 C CA  . HIS A 1 180 ? -13.364 15.074  -12.907 1.000 81.497  0 180 HIS A CA  1 ? 
ATOM 1176 C C   . HIS A 1 180 ? -13.329 13.684  -12.280 1.000 72.310  0 180 HIS A C   1 ? 
ATOM 1177 O O   . HIS A 1 180 ? -14.181 13.371  -11.460 1.000 59.302  0 180 HIS A O   1 ? 
ATOM 1178 C CB  . HIS A 1 180 ? -14.018 15.108  -14.299 1.000 97.240  0 180 HIS A CB  1 ? 
ATOM 1179 C CG  . HIS A 1 180 ? -15.497 14.811  -14.293 1.000 110.134 0 180 HIS A CG  1 ? 
ATOM 1180 N ND1 . HIS A 1 180 ? -16.413 15.459  -13.485 1.000 105.830 0 180 HIS A ND1 1 ? 
ATOM 1181 C CD2 . HIS A 1 180 ? -16.215 13.943  -15.034 1.000 111.993 0 180 HIS A CD2 1 ? 
ATOM 1182 C CE1 . HIS A 1 180 ? -17.629 14.981  -13.723 1.000 108.076 0 180 HIS A CE1 1 ? 
ATOM 1183 N NE2 . HIS A 1 180 ? -17.531 14.056  -14.657 1.000 114.704 0 180 HIS A NE2 1 ? 
ATOM 1184 N N   . GLN A 1 181 ? -12.297 12.896  -12.619 1.000 76.521  0 181 GLN A N   1 ? 
ATOM 1185 C CA  . GLN A 1 181 ? -12.283 11.463  -12.364 1.000 83.592  0 181 GLN A CA  1 ? 
ATOM 1186 C C   . GLN A 1 181 ? -11.464 11.078  -11.129 1.000 89.077  0 181 GLN A C   1 ? 
ATOM 1187 O O   . GLN A 1 181 ? -11.951 10.344  -10.272 1.000 82.446  0 181 GLN A O   1 ? 
ATOM 1188 C CB  . GLN A 1 181 ? -11.699 10.795  -13.602 1.000 85.107  0 181 GLN A CB  1 ? 
ATOM 1189 C CG  . GLN A 1 181 ? -12.551 10.999  -14.844 1.000 87.781  0 181 GLN A CG  1 ? 
ATOM 1190 C CD  . GLN A 1 181 ? -11.825 10.622  -16.111 1.000 92.453  0 181 GLN A CD  1 ? 
ATOM 1191 O OE1 . GLN A 1 181 ? -10.668 10.190  -16.091 1.000 93.163  0 181 GLN A OE1 1 ? 
ATOM 1192 N NE2 . GLN A 1 181 ? -12.507 10.787  -17.232 1.000 99.570  0 181 GLN A NE2 1 ? 
ATOM 1193 N N   . GLY A 1 182 ? -10.201 11.517  -11.075 1.000 95.520  0 182 GLY A N   1 ? 
ATOM 1194 C CA  . GLY A 1 182 ? -9.345  11.276  -9.920  1.000 92.657  0 182 GLY A CA  1 ? 
ATOM 1195 C C   . GLY A 1 182 ? -8.056  10.563  -10.321 1.000 94.078  0 182 GLY A C   1 ? 
ATOM 1196 O O   . GLY A 1 182 ? -7.224  11.108  -11.046 1.000 104.007 0 182 GLY A O   1 ? 
ATOM 1197 N N   . ALA A 1 183 ? -7.870  9.351   -9.799  1.000 85.622  0 183 ALA A N   1 ? 
ATOM 1198 C CA  . ALA A 1 183 ? -6.777  8.510   -10.254 1.000 84.980  0 183 ALA A CA  1 ? 
ATOM 1199 C C   . ALA A 1 183 ? -7.266  7.082   -10.461 1.000 77.210  0 183 ALA A C   1 ? 
ATOM 1200 O O   . ALA A 1 183 ? -6.588  6.306   -11.130 1.000 82.759  0 183 ALA A O   1 ? 
ATOM 1201 C CB  . ALA A 1 183 ? -5.605  8.576   -9.293  1.000 84.526  0 183 ALA A CB  1 ? 
ATOM 1202 N N   . GLU A 1 184 ? -8.449  6.750   -9.930  1.000 64.223  0 184 GLU A N   1 ? 
ATOM 1203 C CA  . GLU A 1 184 ? -8.946  5.390   -10.040 1.000 65.128  0 184 GLU A CA  1 ? 
ATOM 1204 C C   . GLU A 1 184 ? -8.910  4.914   -11.492 1.000 73.469  0 184 GLU A C   1 ? 
ATOM 1205 O O   . GLU A 1 184 ? -8.517  3.784   -11.766 1.000 78.491  0 184 GLU A O   1 ? 
ATOM 1206 C CB  . GLU A 1 184 ? -10.355 5.198   -9.497  1.000 56.287  0 184 GLU A CB  1 ? 
ATOM 1207 C CG  . GLU A 1 184 ? -10.865 3.792   -9.786  1.000 56.632  0 184 GLU A CG  1 ? 
ATOM 1208 C CD  . GLU A 1 184 ? -11.617 3.193   -8.617  1.000 63.834  0 184 GLU A CD  1 ? 
ATOM 1209 O OE1 . GLU A 1 184 ? -11.087 2.229   -8.027  1.000 64.693  0 184 GLU A OE1 1 ? 
ATOM 1210 O OE2 . GLU A 1 184 ? -12.725 3.671   -8.296  1.000 64.856  0 184 GLU A OE2 1 ? 
ATOM 1211 N N   . PRO A 1 185 ? -9.349  5.718   -12.480 1.000 72.506  0 185 PRO A N   1 ? 
ATOM 1212 C CA  . PRO A 1 185 ? -9.230  5.308   -13.873 1.000 69.396  0 185 PRO A CA  1 ? 
ATOM 1213 C C   . PRO A 1 185 ? -7.765  5.059   -14.175 1.000 61.940  0 185 PRO A C   1 ? 
ATOM 1214 O O   . PRO A 1 185 ? -7.402  3.944   -14.525 1.000 67.217  0 185 PRO A O   1 ? 
ATOM 1215 C CB  . PRO A 1 185 ? -9.808  6.480   -14.639 1.000 74.604  0 185 PRO A CB  1 ? 
ATOM 1216 C CG  . PRO A 1 185 ? -10.766 7.089   -13.650 1.000 77.166  0 185 PRO A CG  1 ? 
ATOM 1217 C CD  . PRO A 1 185 ? -10.015 7.017   -12.330 1.000 76.337  0 185 PRO A CD  1 ? 
ATOM 1218 N N   . ALA A 1 186 ? -6.943  6.093   -13.981 1.000 61.033  0 186 ALA A N   1 ? 
ATOM 1219 C CA  . ALA A 1 186 ? -5.515  6.013   -14.254 1.000 64.694  0 186 ALA A CA  1 ? 
ATOM 1220 C C   . ALA A 1 186 ? -4.910  4.777   -13.588 1.000 62.319  0 186 ALA A C   1 ? 
ATOM 1221 O O   . ALA A 1 186 ? -4.132  4.058   -14.216 1.000 69.032  0 186 ALA A O   1 ? 
ATOM 1222 C CB  . ALA A 1 186 ? -4.815  7.280   -13.800 1.000 65.454  0 186 ALA A CB  1 ? 
ATOM 1223 N N   . PHE A 1 187 ? -5.274  4.537   -12.320 1.000 51.260  0 187 PHE A N   1 ? 
ATOM 1224 C CA  . PHE A 1 187 ? -4.852  3.348   -11.593 1.000 44.224  0 187 PHE A CA  1 ? 
ATOM 1225 C C   . PHE A 1 187 ? -5.188  2.093   -12.392 1.000 43.888  0 187 PHE A C   1 ? 
ATOM 1226 O O   . PHE A 1 187 ? -4.303  1.321   -12.708 1.000 45.142  0 187 PHE A O   1 ? 
ATOM 1227 C CB  . PHE A 1 187 ? -5.527  3.235   -10.226 1.000 40.809  0 187 PHE A CB  1 ? 
ATOM 1228 C CG  . PHE A 1 187 ? -5.354  1.894   -9.539  1.000 39.626  0 187 PHE A CG  1 ? 
ATOM 1229 C CD1 . PHE A 1 187 ? -4.100  1.297   -9.447  1.000 38.151  0 187 PHE A CD1 1 ? 
ATOM 1230 C CD2 . PHE A 1 187 ? -6.454  1.220   -9.013  1.000 44.375  0 187 PHE A CD2 1 ? 
ATOM 1231 C CE1 . PHE A 1 187 ? -3.944  0.054   -8.842  1.000 41.183  0 187 PHE A CE1 1 ? 
ATOM 1232 C CE2 . PHE A 1 187 ? -6.294  -0.022  -8.389  1.000 49.757  0 187 PHE A CE2 1 ? 
ATOM 1233 C CZ  . PHE A 1 187 ? -5.035  -0.602  -8.296  1.000 45.564  0 187 PHE A CZ  1 ? 
ATOM 1234 N N   . LEU A 1 188 ? -6.470  1.899   -12.706 1.000 47.885  0 188 LEU A N   1 ? 
ATOM 1235 C CA  . LEU A 1 188 ? -6.955  0.708   -13.386 1.000 43.110  0 188 LEU A CA  1 ? 
ATOM 1236 C C   . LEU A 1 188 ? -6.367  0.594   -14.781 1.000 37.531  0 188 LEU A C   1 ? 
ATOM 1237 O O   . LEU A 1 188 ? -6.059  -0.492  -15.256 1.000 35.013  0 188 LEU A O   1 ? 
ATOM 1238 C CB  . LEU A 1 188 ? -8.473  0.782   -13.465 1.000 46.955  0 188 LEU A CB  1 ? 
ATOM 1239 C CG  . LEU A 1 188 ? -9.186  0.655   -12.121 1.000 55.381  0 188 LEU A CG  1 ? 
ATOM 1240 C CD1 . LEU A 1 188 ? -10.682 0.821   -12.276 1.000 57.152  0 188 LEU A CD1 1 ? 
ATOM 1241 C CD2 . LEU A 1 188 ? -8.854  -0.685  -11.475 1.000 59.049  0 188 LEU A CD2 1 ? 
ATOM 1242 N N   . PHE A 1 189 ? -6.236  1.721   -15.453 1.000 37.382  0 189 PHE A N   1 ? 
ATOM 1243 C CA  . PHE A 1 189 ? -5.793  1.665   -16.831 1.000 45.141  0 189 PHE A CA  1 ? 
ATOM 1244 C C   . PHE A 1 189 ? -4.325  1.254   -16.875 1.000 45.011  0 189 PHE A C   1 ? 
ATOM 1245 O O   . PHE A 1 189 ? -3.878  0.610   -17.820 1.000 44.780  0 189 PHE A O   1 ? 
ATOM 1246 C CB  . PHE A 1 189 ? -6.077  3.014   -17.488 1.000 49.873  0 189 PHE A CB  1 ? 
ATOM 1247 C CG  . PHE A 1 189 ? -5.440  3.161   -18.854 1.000 48.461  0 189 PHE A CG  1 ? 
ATOM 1248 C CD1 . PHE A 1 189 ? -4.127  3.595   -18.975 1.000 51.236  0 189 PHE A CD1 1 ? 
ATOM 1249 C CD2 . PHE A 1 189 ? -6.147  2.846   -20.005 1.000 50.794  0 189 PHE A CD2 1 ? 
ATOM 1250 C CE1 . PHE A 1 189 ? -3.540  3.748   -20.224 1.000 54.775  0 189 PHE A CE1 1 ? 
ATOM 1251 C CE2 . PHE A 1 189 ? -5.553  2.981   -21.250 1.000 54.822  0 189 PHE A CE2 1 ? 
ATOM 1252 C CZ  . PHE A 1 189 ? -4.251  3.440   -21.359 1.000 53.166  0 189 PHE A CZ  1 ? 
ATOM 1253 N N   . GLY A 1 190 ? -3.577  1.652   -15.848 1.000 46.121  0 190 GLY A N   1 ? 
ATOM 1254 C CA  . GLY A 1 190 ? -2.197  1.222   -15.728 1.000 46.260  0 190 GLY A CA  1 ? 
ATOM 1255 C C   . GLY A 1 190 ? -2.099  -0.231  -15.272 1.000 42.599  0 190 GLY A C   1 ? 
ATOM 1256 O O   . GLY A 1 190 ? -1.200  -0.929  -15.711 1.000 39.354  0 190 GLY A O   1 ? 
ATOM 1257 N N   . LEU A 1 191 ? -3.027  -0.652  -14.398 1.000 42.877  0 191 LEU A N   1 ? 
ATOM 1258 C CA  . LEU A 1 191 ? -3.144  -2.017  -13.912 1.000 42.981  0 191 LEU A CA  1 ? 
ATOM 1259 C C   . LEU A 1 191 ? -3.441  -2.941  -15.079 1.000 54.714  0 191 LEU A C   1 ? 
ATOM 1260 O O   . LEU A 1 191 ? -3.034  -4.105  -15.085 1.000 63.081  0 191 LEU A O   1 ? 
ATOM 1261 C CB  . LEU A 1 191 ? -4.274  -2.075  -12.891 1.000 42.369  0 191 LEU A CB  1 ? 
ATOM 1262 C CG  . LEU A 1 191 ? -4.515  -3.414  -12.193 1.000 46.744  0 191 LEU A CG  1 ? 
ATOM 1263 C CD1 . LEU A 1 191 ? -3.243  -3.973  -11.569 1.000 49.359  0 191 LEU A CD1 1 ? 
ATOM 1264 C CD2 . LEU A 1 191 ? -5.589  -3.265  -11.116 1.000 48.376  0 191 LEU A CD2 1 ? 
ATOM 1265 N N   . GLU A 1 192 ? -4.131  -2.379  -16.079 1.000 64.505  0 192 GLU A N   1 ? 
ATOM 1266 C CA  . GLU A 1 192 ? -4.647  -3.164  -17.184 1.000 60.503  0 192 GLU A CA  1 ? 
ATOM 1267 C C   . GLU A 1 192 ? -3.549  -3.448  -18.206 1.000 54.552  0 192 GLU A C   1 ? 
ATOM 1268 O O   . GLU A 1 192 ? -3.401  -4.590  -18.621 1.000 62.441  0 192 GLU A O   1 ? 
ATOM 1269 C CB  . GLU A 1 192 ? -5.897  -2.473  -17.726 1.000 58.810  0 192 GLU A CB  1 ? 
ATOM 1270 C CG  . GLU A 1 192 ? -7.026  -3.472  -17.914 1.000 62.675  0 192 GLU A CG  1 ? 
ATOM 1271 C CD  . GLU A 1 192 ? -6.871  -4.630  -16.941 1.000 66.465  0 192 GLU A CD  1 ? 
ATOM 1272 O OE1 . GLU A 1 192 ? -6.544  -5.743  -17.434 1.000 73.434  0 192 GLU A OE1 1 ? 
ATOM 1273 O OE2 . GLU A 1 192 ? -7.038  -4.419  -15.715 1.000 58.652  0 192 GLU A OE2 1 ? 
ATOM 1274 N N   . LEU A 1 193 ? -2.769  -2.432  -18.583 1.000 48.687  0 193 LEU A N   1 ? 
ATOM 1275 C CA  . LEU A 1 193 ? -1.674  -2.640  -19.519 1.000 55.141  0 193 LEU A CA  1 ? 
ATOM 1276 C C   . LEU A 1 193 ? -0.736  -3.704  -18.955 1.000 60.306  0 193 LEU A C   1 ? 
ATOM 1277 O O   . LEU A 1 193 ? -0.195  -4.547  -19.679 1.000 57.357  0 193 LEU A O   1 ? 
ATOM 1278 C CB  . LEU A 1 193 ? -0.889  -1.353  -19.753 1.000 55.603  0 193 LEU A CB  1 ? 
ATOM 1279 C CG  . LEU A 1 193 ? -1.711  -0.090  -19.999 1.000 57.344  0 193 LEU A CG  1 ? 
ATOM 1280 C CD1 . LEU A 1 193 ? -0.752  1.054   -20.094 1.000 57.557  0 193 LEU A CD1 1 ? 
ATOM 1281 C CD2 . LEU A 1 193 ? -2.570  -0.180  -21.239 1.000 59.214  0 193 LEU A CD2 1 ? 
ATOM 1282 N N   . ILE A 1 194 ? -0.518  -3.603  -17.643 1.000 62.748  0 194 ILE A N   1 ? 
ATOM 1283 C CA  . ILE A 1 194 ? 0.460   -4.434  -16.976 1.000 65.330  0 194 ILE A CA  1 ? 
ATOM 1284 C C   . ILE A 1 194 ? 0.049   -5.876  -17.233 1.000 58.972  0 194 ILE A C   1 ? 
ATOM 1285 O O   . ILE A 1 194 ? 0.825   -6.636  -17.806 1.000 62.617  0 194 ILE A O   1 ? 
ATOM 1286 C CB  . ILE A 1 194 ? 0.603   -4.049  -15.484 1.000 69.746  0 194 ILE A CB  1 ? 
ATOM 1287 C CG1 . ILE A 1 194 ? 1.598   -2.873  -15.307 1.000 70.538  0 194 ILE A CG1 1 ? 
ATOM 1288 C CG2 . ILE A 1 194 ? 1.012   -5.238  -14.618 1.000 73.473  0 194 ILE A CG2 1 ? 
ATOM 1289 C CD1 . ILE A 1 194 ? 1.678   -2.281  -13.905 1.000 67.173  0 194 ILE A CD1 1 ? 
ATOM 1290 N N   . ILE A 1 195 ? -1.205  -6.191  -16.897 1.000 48.969  0 195 ILE A N   1 ? 
ATOM 1291 C CA  . ILE A 1 195 ? -1.748  -7.520  -17.114 1.000 50.473  0 195 ILE A CA  1 ? 
ATOM 1292 C C   . ILE A 1 195 ? -1.703  -7.921  -18.593 1.000 54.029  0 195 ILE A C   1 ? 
ATOM 1293 O O   . ILE A 1 195 ? -1.397  -9.061  -18.940 1.000 56.281  0 195 ILE A O   1 ? 
ATOM 1294 C CB  . ILE A 1 195 ? -3.177  -7.585  -16.573 1.000 47.660  0 195 ILE A CB  1 ? 
ATOM 1295 C CG1 . ILE A 1 195 ? -3.159  -7.491  -15.072 1.000 49.452  0 195 ILE A CG1 1 ? 
ATOM 1296 C CG2 . ILE A 1 195 ? -3.858  -8.858  -17.064 1.000 48.284  0 195 ILE A CG2 1 ? 
ATOM 1297 C CD1 . ILE A 1 195 ? -4.531  -7.396  -14.438 1.000 52.423  0 195 ILE A CD1 1 ? 
ATOM 1298 N N   . CYS A 1 196 ? -2.045  -6.990  -19.473 1.000 54.164  0 196 CYS A N   1 ? 
ATOM 1299 C CA  . CYS A 1 196 ? -1.990  -7.290  -20.881 1.000 55.622  0 196 CYS A CA  1 ? 
ATOM 1300 C C   . CYS A 1 196 ? -0.608  -7.846  -21.207 1.000 53.182  0 196 CYS A C   1 ? 
ATOM 1301 O O   . CYS A 1 196 ? -0.495  -8.956  -21.719 1.000 60.180  0 196 CYS A O   1 ? 
ATOM 1302 C CB  . CYS A 1 196 ? -2.331  -6.065  -21.710 1.000 58.495  0 196 CYS A CB  1 ? 
ATOM 1303 S SG  . CYS A 1 196 ? -2.580  -6.495  -23.445 1.000 67.215  0 196 CYS A SG  1 ? 
ATOM 1304 N N   . GLY A 1 197 ? 0.431   -7.083  -20.859 1.000 50.690  0 197 GLY A N   1 ? 
ATOM 1305 C CA  . GLY A 1 197 ? 1.805   -7.425  -21.211 1.000 52.782  0 197 GLY A CA  1 ? 
ATOM 1306 C C   . GLY A 1 197 ? 2.279   -8.725  -20.555 1.000 50.744  0 197 GLY A C   1 ? 
ATOM 1307 O O   . GLY A 1 197 ? 3.308   -9.288  -20.956 1.000 42.727  0 197 GLY A O   1 ? 
ATOM 1308 N N   . LEU A 1 198 ? 1.517   -9.177  -19.544 1.000 48.849  0 198 LEU A N   1 ? 
ATOM 1309 C CA  . LEU A 1 198 ? 1.817   -10.402 -18.823 1.000 53.953  0 198 LEU A CA  1 ? 
ATOM 1310 C C   . LEU A 1 198 ? 1.313   -11.595 -19.628 1.000 61.106  0 198 LEU A C   1 ? 
ATOM 1311 O O   . LEU A 1 198 ? 1.984   -12.624 -19.692 1.000 59.967  0 198 LEU A O   1 ? 
ATOM 1312 C CB  . LEU A 1 198 ? 1.236   -10.392 -17.406 1.000 53.720  0 198 LEU A CB  1 ? 
ATOM 1313 C CG  . LEU A 1 198 ? 1.992   -9.579  -16.341 1.000 51.127  0 198 LEU A CG  1 ? 
ATOM 1314 C CD1 . LEU A 1 198 ? 1.402   -9.736  -14.937 1.000 46.091  0 198 LEU A CD1 1 ? 
ATOM 1315 C CD2 . LEU A 1 198 ? 3.463   -9.950  -16.295 1.000 50.165  0 198 LEU A CD2 1 ? 
ATOM 1316 N N   . GLU A 1 199 ? 0.143   -11.426 -20.257 1.000 68.926  0 199 GLU A N   1 ? 
ATOM 1317 C CA  . GLU A 1 199 ? -0.350  -12.379 -21.238 1.000 60.016  0 199 GLU A CA  1 ? 
ATOM 1318 C C   . GLU A 1 199 ? 0.660   -12.524 -22.366 1.000 53.996  0 199 GLU A C   1 ? 
ATOM 1319 O O   . GLU A 1 199 ? 1.046   -13.643 -22.676 1.000 56.267  0 199 GLU A O   1 ? 
ATOM 1320 C CB  . GLU A 1 199 ? -1.728  -11.959 -21.726 1.000 57.711  0 199 GLU A CB  1 ? 
ATOM 1321 C CG  . GLU A 1 199 ? -2.763  -12.165 -20.627 1.000 61.782  0 199 GLU A CG  1 ? 
ATOM 1322 C CD  . GLU A 1 199 ? -4.110  -11.511 -20.854 1.000 66.453  0 199 GLU A CD  1 ? 
ATOM 1323 O OE1 . GLU A 1 199 ? -4.932  -11.710 -19.930 1.000 62.778  0 199 GLU A OE1 1 ? 
ATOM 1324 O OE2 . GLU A 1 199 ? -4.339  -10.831 -21.893 1.000 63.056  0 199 GLU A OE2 1 ? 
ATOM 1325 N N   . LYS A 1 200 ? 1.122   -11.408 -22.939 1.000 53.584  0 200 LYS A N   1 ? 
ATOM 1326 C CA  . LYS A 1 200 ? 2.085   -11.493 -24.030 1.000 66.090  0 200 LYS A CA  1 ? 
ATOM 1327 C C   . LYS A 1 200 ? 3.379   -12.167 -23.549 1.000 78.513  0 200 LYS A C   1 ? 
ATOM 1328 O O   . LYS A 1 200 ? 3.875   -13.082 -24.213 1.000 85.214  0 200 LYS A O   1 ? 
ATOM 1329 C CB  . LYS A 1 200 ? 2.370   -10.173 -24.769 1.000 63.424  0 200 LYS A CB  1 ? 
ATOM 1330 C CG  . LYS A 1 200 ? 3.075   -10.387 -26.123 1.000 62.080  0 200 LYS A CG  1 ? 
ATOM 1331 C CD  . LYS A 1 200 ? 3.264   -9.190  -27.055 1.000 66.270  0 200 LYS A CD  1 ? 
ATOM 1332 C CE  . LYS A 1 200 ? 3.739   -9.576  -28.441 1.000 72.049  0 200 LYS A CE  1 ? 
ATOM 1333 N NZ  . LYS A 1 200 ? 4.226   -8.487  -29.304 1.000 69.831  0 200 LYS A NZ  1 ? 
ATOM 1334 N N   . GLN A 1 201 ? 3.933   -11.735 -22.404 1.000 77.995  0 201 GLN A N   1 ? 
ATOM 1335 C CA  . GLN A 1 201 ? 5.152   -12.346 -21.882 1.000 76.462  0 201 GLN A CA  1 ? 
ATOM 1336 C C   . GLN A 1 201 ? 4.768   -13.574 -21.049 1.000 72.142  0 201 GLN A C   1 ? 
ATOM 1337 O O   . GLN A 1 201 ? 4.852   -13.577 -19.825 1.000 77.658  0 201 GLN A O   1 ? 
ATOM 1338 C CB  . GLN A 1 201 ? 6.005   -11.300 -21.156 1.000 75.703  0 201 GLN A CB  1 ? 
ATOM 1339 C CG  . GLN A 1 201 ? 7.442   -11.727 -20.850 1.000 72.122  0 201 GLN A CG  1 ? 
ATOM 1340 C CD  . GLN A 1 201 ? 8.380   -11.708 -22.044 1.000 75.475  0 201 GLN A CD  1 ? 
ATOM 1341 O OE1 . GLN A 1 201 ? 8.708   -10.654 -22.605 1.000 70.314  0 201 GLN A OE1 1 ? 
ATOM 1342 N NE2 . GLN A 1 201 ? 8.867   -12.882 -22.425 1.000 76.352  0 201 GLN A NE2 1 ? 
ATOM 1343 N N   . LEU A 1 202 ? 4.349   -14.625 -21.749 1.000 61.527  0 202 LEU A N   1 ? 
ATOM 1344 C CA  . LEU A 1 202 ? 3.844   -15.856 -21.166 1.000 62.303  0 202 LEU A CA  1 ? 
ATOM 1345 C C   . LEU A 1 202 ? 3.705   -16.828 -22.336 1.000 84.880  0 202 LEU A C   1 ? 
ATOM 1346 O O   . LEU A 1 202 ? 4.307   -17.907 -22.351 1.000 93.584  0 202 LEU A O   1 ? 
ATOM 1347 C CB  . LEU A 1 202 ? 2.520   -15.615 -20.432 1.000 53.286  0 202 LEU A CB  1 ? 
ATOM 1348 C CG  . LEU A 1 202 ? 1.685   -16.833 -19.995 1.000 49.226  0 202 LEU A CG  1 ? 
ATOM 1349 C CD1 . LEU A 1 202 ? 2.420   -17.751 -19.064 1.000 52.936  0 202 LEU A CD1 1 ? 
ATOM 1350 C CD2 . LEU A 1 202 ? 0.387   -16.465 -19.287 1.000 47.864  0 202 LEU A CD2 1 ? 
ATOM 1351 N N   . LYS A 1 203 ? 2.948   -16.372 -23.347 1.000 88.160  0 203 LYS A N   1 ? 
ATOM 1352 C CA  . LYS A 1 203 ? 2.890   -17.006 -24.649 1.000 87.219  0 203 LYS A CA  1 ? 
ATOM 1353 C C   . LYS A 1 203 ? 4.289   -17.311 -25.178 1.000 83.753  0 203 LYS A C   1 ? 
ATOM 1354 O O   . LYS A 1 203 ? 4.454   -18.290 -25.897 1.000 96.275  0 203 LYS A O   1 ? 
ATOM 1355 C CB  . LYS A 1 203 ? 2.132   -16.109 -25.626 1.000 99.241  0 203 LYS A CB  1 ? 
ATOM 1356 C CG  . LYS A 1 203 ? 0.647   -15.977 -25.308 1.000 110.313 0 203 LYS A CG  1 ? 
ATOM 1357 C CD  . LYS A 1 203 ? -0.157  -15.354 -26.446 1.000 126.115 0 203 LYS A CD  1 ? 
ATOM 1358 C CE  . LYS A 1 203 ? -1.634  -15.293 -26.191 1.000 136.382 0 203 LYS A CE  1 ? 
ATOM 1359 N NZ  . LYS A 1 203 ? -2.377  -14.754 -27.337 1.000 138.879 0 203 LYS A NZ  1 ? 
ATOM 1360 N N   . CYS A 1 204 ? 5.284   -16.484 -24.831 1.000 74.909  0 204 CYS A N   1 ? 
ATOM 1361 C CA  . CYS A 1 204 ? 6.674   -16.866 -25.040 1.000 71.415  0 204 CYS A CA  1 ? 
ATOM 1362 C C   . CYS A 1 204 ? 7.097   -17.833 -23.924 1.000 64.497  0 204 CYS A C   1 ? 
ATOM 1363 O O   . CYS A 1 204 ? 8.317   -17.983 -23.743 1.000 62.430  0 204 CYS A O   1 ? 
ATOM 1364 C CB  . CYS A 1 204 ? 7.595   -15.656 -25.081 1.000 72.676  0 204 CYS A CB  1 ? 
ATOM 1365 S SG  . CYS A 1 204 ? 6.808   -14.198 -25.808 1.000 82.925  0 204 CYS A SG  1 ? 
# 
